data_7CAE
#
_entry.id   7CAE
#
_cell.length_a   1.00
_cell.length_b   1.00
_cell.length_c   1.00
_cell.angle_alpha   90.00
_cell.angle_beta   90.00
_cell.angle_gamma   90.00
#
_symmetry.space_group_name_H-M   'P 1'
#
loop_
_entity.id
_entity.type
_entity.pdbx_description
1 polymer 'ABC transporter, ATP-binding protein SugC'
2 polymer 'ABC sugar transporter, permease component'
3 polymer 'ABC transporter, permease protein SugB'
4 polymer 'Bacterial extracellular solute-binding protein'
#
loop_
_entity_poly.entity_id
_entity_poly.type
_entity_poly.pdbx_seq_one_letter_code
_entity_poly.pdbx_strand_id
1 'polypeptide(L)'
;MAEIVLDRVTKSYPDGAGGVRAAVKEFSMTIADGEFIILVGPSGCGKSTTLNMIAGLEEITSGELRIGGERVNEKAPKDR
DIAMVFQSYALYPHMTVRQNIAFPLTLAKVPKAEIAAKVEETAKILDLSELLDRKPGQLSGGQRQRVAMGRAIVRSPKAF
LMDQPLSNLDAKLRVQMRAEISRLQDRLGTTTVYVTHDQTEAMTLGDRVVVMLAGEVQQIGTPDELYSSPANLFVAGFIG
SPAMNFFPATRTDVGVRLPFGEVTLTPHMLDLLDKQARPENIIVGIRPEHIEDSALLDGYARIRALTFSVRADIVESLGA
DKYVHFTTEGAGAESAQLAELAADSGAGTNQFIARVSADSRVRTGEQIELAIDTTKLSIFDAATGLNLTRDITPTDPTEA
AGPDAG
;
C,D
2 'polypeptide(L)'
;MTAAVTPSASAVASDDKKSERRLAFWLIAPAVLLMLAVTAYPIGYAVWLSLQRYNLAEPHDTEFIGLANYVTVLTDGYWW
TAFAVTLGITVVSVAIEFALGLALALVMHRTIFGKGAVRTAILIPYGIVTVAASYSWYYAWTPGTGYLANLLPEGSAPLT
DQLPSLAIVVLAEVWKTTPFMALLLLAGLALVPQDLLNAAQVDGAGPWKRLTKVILPMIKPAILVALLFRTLDAFRIFDN
IYILTGGSNDTGSVSILGYDNLFKAFNVGLGSAISVLIFLSVAIIAFIYIKIFGAAAPGSDEEVR
;
A
3 'polypeptide(L)'
;MADRVDARRATWWSVVNILVIVYALIPVLWILSLSLKPTSSVKDGKLIPTEITFANYKAIFSGDAFTSALFNSIGIGLIT
TIIAVVIGGMAAYAVARLQFPGKQLLIGVALLIAMFPHISLVTPIFNMWRGIGLFDTWPGLIIPYITFALPLAIYTLSAF
FREIPWDLEKAAKMDGATPAQAFRKVIAPLAAPGIVTAAILVFIFAWNDLLLALSLTATQRAITAPVAIANFTGSSQFEE
PTGSIAAGAMVITIPIIIFVLIFQRRIVAGLTSGAVKG
;
B
4 'polypeptide(L)'
;MRARRLCAAAVAAMAAASMVSACGSQTGGIVINYYTPANEEATFKAVANRCNEQLGGRFQIAQRNLPKGADDQRLQLARR
LTGNDKSLDVMALDVVWTAEFAEAGWAVPLSEDPAGLAEADATENTLPGPLETARWQDELYAAPITTNTQLLWYRADLMP
APPTTWDGMLDEANRLYREGGPSWIAVQGKQYEGMVVWFNTLLQSAGGQVLSDDGQRVTLTDTPEHRAATVKALRIIKSV
ATAPGADPSITQTDENTARLALEQGKAALEVNWPYVLPSLLENAVKGGVSFLPLDGDPALQGSINDVGTFSPTDEQFDIA
FDASKKVFGFAPYPGVNPDEPARVTLGGLNLAVASTSQHKAEAFEAIRCLRNVENQRYTSIEGGLPAVRTSLYDDPAFQK
KYPQYEIIRQQLTNAAVRPATPVYQAVSTRMSATLAPISDIDPERTADELTEAVQKAIDGKGLIP
;
E
#
# COMPACT_ATOMS: atom_id res chain seq x y z
N ALA A 2 3.35 -42.21 -27.76
CA ALA A 2 3.91 -43.49 -28.17
C ALA A 2 5.40 -43.55 -27.86
N GLU A 3 6.13 -44.32 -28.66
CA GLU A 3 7.57 -44.48 -28.46
C GLU A 3 8.27 -43.13 -28.54
N ILE A 4 9.04 -42.80 -27.51
CA ILE A 4 9.84 -41.58 -27.54
C ILE A 4 11.31 -41.98 -27.59
N VAL A 5 11.85 -42.10 -28.79
CA VAL A 5 13.26 -42.40 -28.95
C VAL A 5 14.02 -41.10 -29.16
N LEU A 6 14.97 -40.82 -28.27
CA LEU A 6 15.76 -39.61 -28.38
C LEU A 6 17.22 -39.98 -28.27
N ASP A 7 18.02 -39.54 -29.23
CA ASP A 7 19.43 -39.90 -29.32
C ASP A 7 20.28 -38.66 -29.40
N ARG A 8 21.42 -38.68 -28.70
CA ARG A 8 22.45 -37.66 -28.77
C ARG A 8 21.94 -36.29 -28.33
N VAL A 9 20.77 -36.23 -27.68
CA VAL A 9 20.21 -34.96 -27.27
C VAL A 9 21.17 -34.25 -26.34
N THR A 10 21.25 -32.93 -26.47
CA THR A 10 22.27 -32.15 -25.78
C THR A 10 21.72 -30.76 -25.51
N LYS A 11 22.26 -30.11 -24.48
CA LYS A 11 21.93 -28.73 -24.17
C LYS A 11 23.22 -27.93 -24.00
N SER A 12 23.16 -26.65 -24.33
CA SER A 12 24.32 -25.77 -24.28
C SER A 12 23.88 -24.43 -23.70
N TYR A 13 24.10 -24.25 -22.41
CA TYR A 13 23.72 -23.01 -21.75
C TYR A 13 24.79 -21.96 -21.98
N PRO A 14 24.46 -20.82 -22.60
CA PRO A 14 25.41 -19.72 -22.83
C PRO A 14 25.73 -18.95 -21.55
N ARG A 21 26.75 -25.40 -18.39
CA ARG A 21 26.87 -25.07 -19.81
C ARG A 21 26.61 -26.30 -20.67
N ALA A 22 26.97 -27.48 -20.16
CA ALA A 22 26.68 -28.76 -20.79
C ALA A 22 25.87 -29.57 -19.79
N ALA A 23 24.55 -29.43 -19.84
CA ALA A 23 23.70 -29.97 -18.79
C ALA A 23 23.08 -31.31 -19.13
N VAL A 24 22.94 -31.64 -20.40
CA VAL A 24 22.27 -32.88 -20.79
C VAL A 24 23.16 -33.68 -21.74
N LYS A 25 24.48 -33.57 -21.57
CA LYS A 25 25.44 -34.15 -22.50
C LYS A 25 25.12 -35.60 -22.83
N GLU A 26 24.92 -35.86 -24.13
CA GLU A 26 24.83 -37.21 -24.69
C GLU A 26 23.80 -38.06 -23.95
N PHE A 27 22.55 -37.65 -24.08
CA PHE A 27 21.42 -38.42 -23.60
C PHE A 27 20.90 -39.23 -24.78
N SER A 28 20.81 -40.55 -24.62
CA SER A 28 20.52 -41.40 -25.76
C SER A 28 19.86 -42.70 -25.32
N MET A 29 18.58 -42.86 -25.66
CA MET A 29 17.86 -44.11 -25.48
C MET A 29 16.50 -44.06 -26.16
N THR A 30 15.67 -45.06 -25.93
CA THR A 30 14.32 -45.13 -26.46
C THR A 30 13.37 -45.46 -25.31
N ILE A 31 12.48 -44.53 -24.98
CA ILE A 31 11.41 -44.76 -24.01
C ILE A 31 10.28 -45.45 -24.77
N ALA A 32 10.23 -46.77 -24.72
CA ALA A 32 9.30 -47.52 -25.55
C ALA A 32 7.86 -47.21 -25.14
N ASP A 33 6.92 -47.78 -25.88
CA ASP A 33 5.50 -47.54 -25.63
C ASP A 33 5.02 -48.41 -24.48
N GLY A 34 4.36 -47.78 -23.51
CA GLY A 34 3.86 -48.46 -22.33
C GLY A 34 4.72 -48.29 -21.11
N GLU A 35 5.98 -47.89 -21.26
CA GLU A 35 6.87 -47.75 -20.14
C GLU A 35 6.35 -46.71 -19.16
N PHE A 36 6.91 -46.72 -17.96
CA PHE A 36 6.73 -45.68 -16.96
C PHE A 36 8.14 -45.30 -16.53
N ILE A 37 8.79 -44.46 -17.32
CA ILE A 37 10.20 -44.20 -17.08
C ILE A 37 10.35 -43.31 -15.85
N ILE A 38 11.56 -43.24 -15.31
CA ILE A 38 11.83 -42.41 -14.13
C ILE A 38 13.21 -41.79 -14.30
N LEU A 39 13.26 -40.46 -14.31
CA LEU A 39 14.52 -39.74 -14.24
C LEU A 39 14.78 -39.36 -12.79
N VAL A 40 15.85 -39.89 -12.20
CA VAL A 40 16.18 -39.66 -10.82
C VAL A 40 17.60 -39.13 -10.72
N GLY A 41 17.82 -38.19 -9.82
CA GLY A 41 19.14 -37.61 -9.65
C GLY A 41 19.15 -36.50 -8.61
N PRO A 42 20.34 -36.14 -8.14
CA PRO A 42 20.46 -35.05 -7.17
C PRO A 42 19.98 -33.74 -7.76
N SER A 43 19.32 -32.94 -6.94
CA SER A 43 18.74 -31.67 -7.39
C SER A 43 19.81 -30.75 -7.95
N GLY A 44 19.73 -30.48 -9.26
CA GLY A 44 20.70 -29.61 -9.90
C GLY A 44 21.42 -30.28 -11.05
N CYS A 45 20.94 -31.45 -11.46
CA CYS A 45 21.49 -32.15 -12.61
C CYS A 45 20.55 -31.97 -13.80
N GLY A 46 20.84 -32.67 -14.89
CA GLY A 46 20.04 -32.56 -16.08
C GLY A 46 18.79 -33.43 -16.09
N LYS A 47 18.26 -33.74 -14.91
CA LYS A 47 17.10 -34.62 -14.84
C LYS A 47 15.81 -33.91 -15.23
N SER A 48 15.73 -32.59 -15.03
CA SER A 48 14.52 -31.84 -15.33
C SER A 48 14.61 -31.05 -16.62
N THR A 49 15.80 -30.57 -16.99
CA THR A 49 15.97 -29.96 -18.30
C THR A 49 15.73 -30.98 -19.40
N THR A 50 16.05 -32.24 -19.16
CA THR A 50 15.73 -33.27 -20.13
C THR A 50 14.23 -33.37 -20.36
N LEU A 51 13.45 -33.30 -19.27
CA LEU A 51 12.00 -33.38 -19.41
C LEU A 51 11.46 -32.13 -20.08
N ASN A 52 11.98 -30.96 -19.72
CA ASN A 52 11.58 -29.73 -20.40
C ASN A 52 11.82 -29.83 -21.90
N MET A 53 12.98 -30.37 -22.29
CA MET A 53 13.29 -30.50 -23.72
C MET A 53 12.41 -31.55 -24.39
N ILE A 54 12.03 -32.61 -23.66
CA ILE A 54 11.09 -33.57 -24.24
C ILE A 54 9.71 -32.93 -24.40
N ALA A 55 9.39 -31.95 -23.57
CA ALA A 55 8.12 -31.26 -23.70
C ALA A 55 8.16 -30.22 -24.81
N GLY A 56 9.06 -29.24 -24.69
CA GLY A 56 9.18 -28.21 -25.69
C GLY A 56 9.38 -26.83 -25.12
N LEU A 57 9.34 -26.73 -23.79
CA LEU A 57 9.48 -25.43 -23.13
C LEU A 57 10.91 -24.90 -23.17
N GLU A 58 11.83 -25.60 -23.84
CA GLU A 58 13.19 -25.12 -24.02
C GLU A 58 13.69 -25.59 -25.38
N GLU A 59 14.76 -24.96 -25.84
CA GLU A 59 15.34 -25.28 -27.14
C GLU A 59 16.36 -26.40 -27.00
N ILE A 60 16.29 -27.37 -27.89
CA ILE A 60 17.25 -28.46 -27.93
C ILE A 60 18.45 -28.03 -28.78
N THR A 61 19.56 -28.75 -28.68
CA THR A 61 20.75 -28.44 -29.46
C THR A 61 20.92 -29.39 -30.64
N SER A 62 20.93 -30.69 -30.38
CA SER A 62 21.19 -31.68 -31.43
C SER A 62 20.23 -32.83 -31.25
N GLY A 63 20.47 -33.91 -32.01
CA GLY A 63 19.73 -35.15 -31.91
C GLY A 63 18.26 -35.03 -32.25
N GLU A 64 17.55 -36.14 -32.20
CA GLU A 64 16.13 -36.17 -32.51
C GLU A 64 15.34 -36.25 -31.21
N LEU A 65 14.02 -36.17 -31.33
CA LEU A 65 13.12 -36.45 -30.22
C LEU A 65 11.90 -37.19 -30.74
N ARG A 66 12.07 -38.01 -31.76
CA ARG A 66 10.95 -38.38 -32.62
C ARG A 66 9.92 -39.22 -31.88
N ILE A 67 8.86 -38.56 -31.44
CA ILE A 67 7.74 -39.20 -30.75
C ILE A 67 6.92 -39.91 -31.82
N GLY A 68 7.13 -41.21 -31.95
CA GLY A 68 6.45 -41.97 -32.97
C GLY A 68 7.32 -42.18 -34.19
N GLY A 69 7.09 -41.39 -35.24
CA GLY A 69 7.87 -41.51 -36.46
C GLY A 69 8.22 -40.18 -37.09
N GLU A 70 8.17 -39.10 -36.33
CA GLU A 70 8.40 -37.75 -36.83
C GLU A 70 9.42 -37.05 -35.94
N ARG A 71 10.54 -36.62 -36.54
CA ARG A 71 11.45 -35.73 -35.84
C ARG A 71 10.70 -34.48 -35.40
N VAL A 72 10.74 -34.19 -34.11
CA VAL A 72 9.82 -33.21 -33.54
C VAL A 72 10.58 -32.21 -32.69
N ASN A 73 11.91 -32.16 -32.85
CA ASN A 73 12.71 -31.20 -32.09
C ASN A 73 12.74 -29.82 -32.73
N GLU A 74 11.90 -29.58 -33.73
CA GLU A 74 11.87 -28.30 -34.45
C GLU A 74 10.54 -27.59 -34.33
N LYS A 75 9.72 -27.97 -33.34
CA LYS A 75 8.38 -27.46 -33.19
C LYS A 75 8.19 -26.90 -31.78
N ALA A 76 7.07 -26.20 -31.59
CA ALA A 76 6.60 -25.75 -30.29
C ALA A 76 5.37 -26.58 -29.92
N PRO A 77 5.14 -26.86 -28.63
CA PRO A 77 4.15 -27.87 -28.30
C PRO A 77 2.71 -27.37 -28.44
N LYS A 78 2.11 -27.68 -29.58
CA LYS A 78 0.67 -27.75 -29.74
C LYS A 78 0.40 -28.95 -30.65
N ASP A 79 1.47 -29.42 -31.30
CA ASP A 79 1.42 -30.46 -32.30
C ASP A 79 2.10 -31.75 -31.83
N ARG A 80 2.30 -31.89 -30.53
CA ARG A 80 2.86 -33.10 -29.95
C ARG A 80 1.86 -33.95 -29.19
N ASP A 81 0.85 -33.33 -28.59
CA ASP A 81 -0.12 -34.03 -27.75
C ASP A 81 0.59 -34.77 -26.62
N ILE A 82 1.19 -33.97 -25.75
CA ILE A 82 1.90 -34.46 -24.57
C ILE A 82 1.49 -33.62 -23.38
N ALA A 83 0.77 -34.24 -22.44
CA ALA A 83 0.34 -33.56 -21.24
C ALA A 83 1.46 -33.54 -20.22
N MET A 84 1.70 -32.38 -19.62
CA MET A 84 2.74 -32.23 -18.63
C MET A 84 2.15 -31.62 -17.37
N VAL A 85 2.04 -32.42 -16.31
CA VAL A 85 1.56 -31.96 -15.02
C VAL A 85 2.74 -31.37 -14.24
N PHE A 86 2.59 -30.14 -13.79
CA PHE A 86 3.69 -29.40 -13.20
C PHE A 86 3.83 -29.76 -11.72
N GLN A 87 4.81 -29.13 -11.08
CA GLN A 87 5.03 -29.32 -9.65
C GLN A 87 4.20 -28.36 -8.81
N SER A 88 4.22 -27.08 -9.17
CA SER A 88 3.49 -26.05 -8.43
C SER A 88 2.00 -26.05 -8.73
N TYR A 89 1.49 -27.10 -9.38
CA TYR A 89 0.09 -27.19 -9.77
C TYR A 89 -0.35 -25.93 -10.50
N ALA A 90 0.25 -25.74 -11.68
CA ALA A 90 -0.05 -24.54 -12.48
C ALA A 90 -1.46 -24.66 -13.03
N LEU A 91 -2.43 -24.38 -12.16
CA LEU A 91 -3.84 -24.40 -12.53
C LEU A 91 -4.43 -23.02 -12.28
N TYR A 92 -5.29 -22.59 -13.19
CA TYR A 92 -5.75 -21.21 -13.23
C TYR A 92 -6.69 -20.92 -12.07
N PRO A 93 -6.39 -19.92 -11.23
CA PRO A 93 -7.18 -19.72 -10.01
C PRO A 93 -8.51 -19.03 -10.21
N HIS A 94 -8.86 -18.63 -11.44
CA HIS A 94 -10.12 -17.94 -11.66
C HIS A 94 -11.19 -18.82 -12.28
N MET A 95 -10.80 -19.86 -13.01
CA MET A 95 -11.78 -20.84 -13.47
C MET A 95 -12.18 -21.76 -12.31
N THR A 96 -13.25 -22.51 -12.52
CA THR A 96 -13.67 -23.52 -11.56
C THR A 96 -13.15 -24.89 -11.98
N VAL A 97 -13.17 -25.82 -11.03
CA VAL A 97 -12.59 -27.14 -11.24
C VAL A 97 -13.09 -27.78 -12.53
N ARG A 98 -14.39 -27.61 -12.83
CA ARG A 98 -14.93 -28.14 -14.08
C ARG A 98 -14.26 -27.48 -15.28
N GLN A 99 -14.17 -26.15 -15.25
CA GLN A 99 -13.53 -25.43 -16.34
C GLN A 99 -12.05 -25.79 -16.43
N ASN A 100 -11.39 -25.99 -15.28
CA ASN A 100 -9.98 -26.39 -15.30
C ASN A 100 -9.80 -27.73 -15.99
N ILE A 101 -10.54 -28.74 -15.55
CA ILE A 101 -10.43 -30.05 -16.16
C ILE A 101 -10.89 -30.06 -17.61
N ALA A 102 -11.71 -29.09 -18.02
CA ALA A 102 -12.24 -29.09 -19.38
C ALA A 102 -11.38 -28.31 -20.37
N PHE A 103 -10.63 -27.31 -19.89
CA PHE A 103 -9.86 -26.40 -20.76
C PHE A 103 -9.15 -27.06 -21.94
N PRO A 104 -8.40 -28.15 -21.79
CA PRO A 104 -7.75 -28.73 -22.98
C PRO A 104 -8.75 -29.16 -24.04
N LEU A 105 -9.88 -29.71 -23.64
CA LEU A 105 -10.91 -30.10 -24.60
C LEU A 105 -11.49 -28.88 -25.31
N THR A 106 -11.94 -27.89 -24.53
CA THR A 106 -12.53 -26.68 -25.11
C THR A 106 -11.55 -25.96 -26.02
N LEU A 107 -10.24 -26.17 -25.84
CA LEU A 107 -9.29 -25.65 -26.80
C LEU A 107 -9.14 -26.58 -28.00
N ALA A 108 -9.35 -27.87 -27.81
CA ALA A 108 -9.27 -28.84 -28.90
C ALA A 108 -10.47 -28.80 -29.83
N LYS A 109 -11.42 -27.88 -29.62
CA LYS A 109 -12.59 -27.70 -30.47
C LYS A 109 -13.44 -28.99 -30.52
N VAL A 110 -13.99 -29.33 -29.37
CA VAL A 110 -14.90 -30.47 -29.23
C VAL A 110 -16.23 -29.96 -28.69
N PRO A 111 -17.37 -30.46 -29.19
CA PRO A 111 -18.66 -29.93 -28.72
C PRO A 111 -18.90 -30.19 -27.24
N LYS A 112 -19.67 -29.29 -26.63
CA LYS A 112 -19.75 -29.18 -25.17
C LYS A 112 -20.41 -30.39 -24.51
N ALA A 113 -21.25 -31.14 -25.23
CA ALA A 113 -21.88 -32.31 -24.63
C ALA A 113 -20.83 -33.35 -24.25
N GLU A 114 -19.99 -33.74 -25.22
CA GLU A 114 -18.90 -34.64 -24.91
C GLU A 114 -17.93 -34.04 -23.91
N ILE A 115 -17.82 -32.70 -23.87
CA ILE A 115 -16.99 -32.05 -22.87
C ILE A 115 -17.49 -32.39 -21.47
N ALA A 116 -18.78 -32.14 -21.22
CA ALA A 116 -19.34 -32.42 -19.91
C ALA A 116 -19.27 -33.92 -19.58
N ALA A 117 -19.52 -34.77 -20.59
CA ALA A 117 -19.44 -36.20 -20.36
C ALA A 117 -18.04 -36.63 -19.93
N LYS A 118 -17.02 -36.20 -20.69
CA LYS A 118 -15.65 -36.58 -20.38
C LYS A 118 -15.19 -35.99 -19.04
N VAL A 119 -15.60 -34.76 -18.74
CA VAL A 119 -15.21 -34.16 -17.48
C VAL A 119 -15.83 -34.91 -16.31
N GLU A 120 -17.09 -35.31 -16.42
CA GLU A 120 -17.69 -36.11 -15.36
C GLU A 120 -17.01 -37.47 -15.25
N GLU A 121 -16.65 -38.06 -16.40
CA GLU A 121 -15.92 -39.33 -16.39
C GLU A 121 -14.61 -39.21 -15.61
N THR A 122 -13.85 -38.15 -15.89
CA THR A 122 -12.56 -37.98 -15.22
C THR A 122 -12.73 -37.67 -13.74
N ALA A 123 -13.67 -36.78 -13.39
CA ALA A 123 -13.94 -36.51 -11.99
C ALA A 123 -14.47 -37.74 -11.27
N LYS A 124 -14.97 -38.73 -12.01
CA LYS A 124 -15.32 -40.01 -11.41
C LYS A 124 -14.10 -40.91 -11.25
N ILE A 125 -13.16 -40.84 -12.20
CA ILE A 125 -11.91 -41.57 -12.06
C ILE A 125 -11.20 -41.17 -10.78
N LEU A 126 -11.12 -39.88 -10.51
CA LEU A 126 -10.61 -39.35 -9.26
C LEU A 126 -11.77 -39.21 -8.27
N ASP A 127 -11.52 -38.51 -7.16
CA ASP A 127 -12.52 -38.29 -6.13
C ASP A 127 -13.01 -36.84 -6.11
N LEU A 128 -13.22 -36.24 -7.28
CA LEU A 128 -13.71 -34.87 -7.41
C LEU A 128 -15.21 -34.82 -7.71
N SER A 129 -15.98 -35.73 -7.10
CA SER A 129 -17.39 -35.89 -7.44
C SER A 129 -18.15 -34.56 -7.33
N GLU A 130 -17.98 -33.85 -6.22
CA GLU A 130 -18.77 -32.65 -5.96
C GLU A 130 -18.00 -31.34 -6.13
N LEU A 131 -16.67 -31.39 -6.16
CA LEU A 131 -15.87 -30.17 -6.09
C LEU A 131 -15.92 -29.33 -7.36
N LEU A 132 -16.65 -29.75 -8.38
CA LEU A 132 -16.60 -29.04 -9.67
C LEU A 132 -17.23 -27.64 -9.62
N ASP A 133 -17.67 -27.12 -8.48
CA ASP A 133 -18.30 -25.82 -8.41
C ASP A 133 -17.52 -24.87 -7.49
N ARG A 134 -16.22 -25.11 -7.32
CA ARG A 134 -15.41 -24.30 -6.43
C ARG A 134 -14.08 -23.97 -7.11
N LYS A 135 -13.64 -22.73 -6.94
CA LYS A 135 -12.37 -22.30 -7.49
C LYS A 135 -11.23 -23.05 -6.80
N PRO A 136 -10.06 -23.12 -7.45
CA PRO A 136 -8.89 -23.74 -6.79
C PRO A 136 -8.40 -22.98 -5.57
N GLY A 137 -9.04 -21.87 -5.19
CA GLY A 137 -8.64 -21.18 -3.98
C GLY A 137 -9.07 -21.90 -2.72
N GLN A 138 -10.29 -22.42 -2.70
CA GLN A 138 -10.80 -23.15 -1.55
C GLN A 138 -10.54 -24.65 -1.68
N LEU A 139 -9.29 -25.01 -1.98
CA LEU A 139 -8.89 -26.40 -2.13
C LEU A 139 -7.57 -26.63 -1.41
N SER A 140 -7.45 -27.79 -0.79
CA SER A 140 -6.23 -28.15 -0.08
C SER A 140 -5.19 -28.69 -1.06
N GLY A 141 -4.08 -29.17 -0.52
CA GLY A 141 -3.00 -29.66 -1.36
C GLY A 141 -3.40 -30.85 -2.21
N GLY A 142 -3.91 -31.89 -1.56
CA GLY A 142 -4.18 -33.14 -2.26
C GLY A 142 -5.20 -32.99 -3.37
N GLN A 143 -6.29 -32.28 -3.08
CA GLN A 143 -7.35 -32.17 -4.08
C GLN A 143 -6.95 -31.24 -5.22
N ARG A 144 -6.13 -30.21 -4.96
CA ARG A 144 -5.62 -29.41 -6.06
C ARG A 144 -4.65 -30.20 -6.91
N GLN A 145 -3.80 -31.01 -6.28
CA GLN A 145 -2.92 -31.91 -7.03
C GLN A 145 -3.74 -32.83 -7.92
N ARG A 146 -4.85 -33.35 -7.39
CA ARG A 146 -5.68 -34.25 -8.21
C ARG A 146 -6.38 -33.49 -9.32
N VAL A 147 -6.74 -32.22 -9.10
CA VAL A 147 -7.30 -31.42 -10.19
C VAL A 147 -6.27 -31.27 -11.29
N ALA A 148 -5.01 -31.00 -10.94
CA ALA A 148 -3.96 -30.88 -11.95
C ALA A 148 -3.79 -32.19 -12.71
N MET A 149 -3.72 -33.31 -11.99
CA MET A 149 -3.53 -34.59 -12.67
C MET A 149 -4.72 -34.91 -13.57
N GLY A 150 -5.93 -34.58 -13.13
CA GLY A 150 -7.09 -34.77 -13.99
C GLY A 150 -7.02 -33.93 -15.25
N ARG A 151 -6.65 -32.65 -15.10
CA ARG A 151 -6.47 -31.80 -16.27
C ARG A 151 -5.45 -32.40 -17.22
N ALA A 152 -4.44 -33.10 -16.70
CA ALA A 152 -3.48 -33.75 -17.57
C ALA A 152 -3.98 -35.07 -18.15
N ILE A 153 -4.99 -35.69 -17.53
CA ILE A 153 -5.46 -36.99 -17.98
C ILE A 153 -6.39 -36.87 -19.18
N VAL A 154 -7.27 -35.86 -19.16
CA VAL A 154 -8.45 -35.86 -20.03
C VAL A 154 -8.06 -35.95 -21.50
N ARG A 155 -7.10 -35.10 -21.93
CA ARG A 155 -6.78 -34.98 -23.35
C ARG A 155 -6.48 -36.31 -24.02
N SER A 156 -6.07 -37.32 -23.27
CA SER A 156 -5.61 -38.60 -23.80
C SER A 156 -4.44 -38.37 -24.75
N PRO A 157 -3.30 -37.92 -24.25
CA PRO A 157 -2.19 -37.56 -25.13
C PRO A 157 -1.28 -38.73 -25.47
N LYS A 158 -0.20 -38.46 -26.21
CA LYS A 158 0.78 -39.50 -26.50
C LYS A 158 1.62 -39.81 -25.27
N ALA A 159 2.35 -38.82 -24.77
CA ALA A 159 3.11 -38.95 -23.53
C ALA A 159 2.36 -38.28 -22.40
N PHE A 160 2.75 -38.62 -21.18
CA PHE A 160 2.18 -38.03 -19.97
C PHE A 160 3.36 -37.60 -19.11
N LEU A 161 3.88 -36.40 -19.38
CA LEU A 161 5.16 -36.00 -18.82
C LEU A 161 4.94 -35.40 -17.44
N MET A 162 4.95 -36.24 -16.41
CA MET A 162 4.84 -35.76 -15.05
C MET A 162 6.14 -35.09 -14.64
N ASP A 163 6.04 -34.07 -13.79
CA ASP A 163 7.21 -33.29 -13.37
C ASP A 163 7.15 -33.09 -11.86
N GLN A 164 7.70 -34.05 -11.12
CA GLN A 164 7.82 -33.97 -9.68
C GLN A 164 6.54 -33.49 -8.99
N PRO A 165 5.40 -34.13 -9.27
CA PRO A 165 4.13 -33.56 -8.81
C PRO A 165 3.89 -33.74 -7.32
N LEU A 166 4.46 -34.80 -6.74
CA LEU A 166 4.19 -35.17 -5.36
C LEU A 166 5.15 -34.55 -4.36
N SER A 167 5.72 -33.39 -4.67
CA SER A 167 6.71 -32.79 -3.80
C SER A 167 6.12 -31.89 -2.73
N ASN A 168 4.86 -31.47 -2.87
CA ASN A 168 4.25 -30.53 -1.95
C ASN A 168 3.22 -31.20 -1.02
N LEU A 169 3.34 -32.50 -0.82
CA LEU A 169 2.36 -33.25 -0.05
C LEU A 169 2.96 -33.80 1.23
N ASP A 170 2.11 -34.00 2.23
CA ASP A 170 2.55 -34.53 3.51
C ASP A 170 3.03 -35.97 3.34
N ALA A 171 4.00 -36.36 4.17
CA ALA A 171 4.62 -37.67 4.05
C ALA A 171 3.62 -38.82 4.22
N LYS A 172 2.49 -38.57 4.90
CA LYS A 172 1.50 -39.62 5.05
C LYS A 172 0.67 -39.80 3.79
N LEU A 173 0.51 -38.74 2.99
CA LEU A 173 -0.32 -38.78 1.79
C LEU A 173 0.47 -39.19 0.55
N ARG A 174 1.79 -39.00 0.57
CA ARG A 174 2.60 -39.25 -0.61
C ARG A 174 2.58 -40.71 -1.02
N VAL A 175 2.53 -41.62 -0.05
CA VAL A 175 2.57 -43.05 -0.36
C VAL A 175 1.26 -43.48 -1.04
N GLN A 176 0.13 -43.06 -0.47
CA GLN A 176 -1.15 -43.35 -1.12
C GLN A 176 -1.20 -42.72 -2.51
N MET A 177 -0.64 -41.52 -2.67
CA MET A 177 -0.64 -40.90 -3.99
C MET A 177 0.23 -41.68 -4.96
N ARG A 178 1.35 -42.24 -4.49
CA ARG A 178 2.20 -43.05 -5.37
C ARG A 178 1.47 -44.29 -5.82
N ALA A 179 0.79 -44.98 -4.91
CA ALA A 179 -0.02 -46.12 -5.30
C ALA A 179 -1.08 -45.72 -6.32
N GLU A 180 -1.75 -44.58 -6.08
CA GLU A 180 -2.77 -44.12 -7.00
C GLU A 180 -2.20 -43.86 -8.38
N ILE A 181 -1.03 -43.22 -8.45
CA ILE A 181 -0.44 -42.88 -9.74
C ILE A 181 -0.01 -44.14 -10.48
N SER A 182 0.60 -45.09 -9.78
CA SER A 182 1.02 -46.32 -10.44
C SER A 182 -0.18 -47.08 -10.99
N ARG A 183 -1.24 -47.21 -10.18
CA ARG A 183 -2.42 -47.94 -10.65
C ARG A 183 -3.10 -47.22 -11.79
N LEU A 184 -3.23 -45.89 -11.70
CA LEU A 184 -3.89 -45.13 -12.75
C LEU A 184 -3.13 -45.20 -14.06
N GLN A 185 -1.80 -45.16 -14.01
CA GLN A 185 -1.02 -45.28 -15.23
C GLN A 185 -1.12 -46.69 -15.80
N ASP A 186 -1.06 -47.71 -14.94
CA ASP A 186 -1.25 -49.07 -15.43
C ASP A 186 -2.64 -49.26 -16.02
N ARG A 187 -3.60 -48.44 -15.61
CA ARG A 187 -4.94 -48.51 -16.17
C ARG A 187 -5.02 -47.81 -17.52
N LEU A 188 -4.38 -46.65 -17.66
CA LEU A 188 -4.45 -45.91 -18.92
C LEU A 188 -3.45 -46.43 -19.94
N GLY A 189 -2.18 -46.55 -19.54
CA GLY A 189 -1.18 -47.24 -20.35
C GLY A 189 -0.36 -46.38 -21.29
N THR A 190 -0.64 -45.08 -21.37
CA THR A 190 0.11 -44.22 -22.27
C THR A 190 1.53 -44.02 -21.75
N THR A 191 2.44 -43.68 -22.66
CA THR A 191 3.83 -43.43 -22.30
C THR A 191 3.92 -42.36 -21.23
N THR A 192 4.96 -42.43 -20.40
CA THR A 192 5.11 -41.52 -19.28
C THR A 192 6.58 -41.30 -19.01
N VAL A 193 6.90 -40.15 -18.43
CA VAL A 193 8.18 -39.90 -17.81
C VAL A 193 7.88 -39.27 -16.45
N TYR A 194 8.90 -39.20 -15.60
CA TYR A 194 8.68 -38.74 -14.24
C TYR A 194 10.02 -38.31 -13.65
N VAL A 195 10.18 -37.02 -13.41
CA VAL A 195 11.37 -36.52 -12.73
C VAL A 195 11.09 -36.56 -11.23
N THR A 196 12.02 -37.14 -10.48
CA THR A 196 11.85 -37.31 -9.05
C THR A 196 13.10 -36.83 -8.34
N HIS A 197 13.13 -37.01 -7.02
CA HIS A 197 14.24 -36.56 -6.21
C HIS A 197 14.83 -37.64 -5.31
N ASP A 198 14.03 -38.62 -4.88
CA ASP A 198 14.47 -39.66 -3.97
C ASP A 198 14.44 -41.00 -4.67
N GLN A 199 14.98 -42.01 -3.99
CA GLN A 199 15.03 -43.35 -4.54
C GLN A 199 13.77 -44.15 -4.27
N THR A 200 12.98 -43.78 -3.27
CA THR A 200 11.74 -44.50 -3.00
C THR A 200 10.73 -44.27 -4.11
N GLU A 201 10.48 -43.02 -4.48
CA GLU A 201 9.62 -42.73 -5.62
C GLU A 201 10.13 -43.41 -6.88
N ALA A 202 11.44 -43.51 -7.03
CA ALA A 202 12.01 -44.06 -8.25
C ALA A 202 11.98 -45.57 -8.29
N MET A 203 11.89 -46.22 -7.13
CA MET A 203 11.89 -47.68 -7.11
C MET A 203 10.51 -48.30 -6.88
N THR A 204 9.55 -47.55 -6.34
CA THR A 204 8.21 -48.11 -6.22
C THR A 204 7.43 -47.99 -7.53
N LEU A 205 7.15 -46.76 -7.96
CA LEU A 205 6.47 -46.53 -9.24
C LEU A 205 7.54 -46.33 -10.31
N GLY A 206 7.89 -47.40 -11.01
CA GLY A 206 8.93 -47.31 -12.00
C GLY A 206 9.04 -48.57 -12.83
N ASP A 207 9.31 -48.40 -14.13
CA ASP A 207 9.51 -49.52 -15.03
C ASP A 207 10.93 -49.60 -15.57
N ARG A 208 11.61 -48.47 -15.70
CA ARG A 208 13.02 -48.47 -16.07
C ARG A 208 13.62 -47.17 -15.60
N VAL A 209 14.31 -47.21 -14.47
CA VAL A 209 14.85 -46.01 -13.85
C VAL A 209 15.97 -45.47 -14.71
N VAL A 210 16.24 -44.17 -14.57
CA VAL A 210 17.35 -43.53 -15.25
C VAL A 210 18.04 -42.60 -14.26
N VAL A 211 19.21 -42.99 -13.77
CA VAL A 211 19.97 -42.13 -12.87
C VAL A 211 20.68 -41.08 -13.70
N MET A 212 20.83 -39.89 -13.15
CA MET A 212 21.44 -38.78 -13.86
C MET A 212 22.30 -37.96 -12.91
N LEU A 213 23.59 -37.89 -13.19
CA LEU A 213 24.54 -37.13 -12.40
C LEU A 213 25.24 -36.12 -13.30
N ALA A 214 24.99 -34.83 -13.05
CA ALA A 214 25.63 -33.73 -13.77
C ALA A 214 25.29 -33.72 -15.26
N GLY A 215 24.45 -34.65 -15.70
CA GLY A 215 24.03 -34.69 -17.08
C GLY A 215 24.18 -36.03 -17.75
N GLU A 216 25.24 -36.76 -17.43
CA GLU A 216 25.47 -38.06 -18.04
C GLU A 216 24.66 -39.13 -17.32
N VAL A 217 23.87 -39.88 -18.07
CA VAL A 217 23.10 -40.97 -17.49
C VAL A 217 24.06 -41.99 -16.91
N GLN A 218 23.96 -42.21 -15.59
CA GLN A 218 24.87 -43.14 -14.92
C GLN A 218 24.51 -44.58 -15.23
N GLN A 219 23.23 -44.93 -15.22
CA GLN A 219 22.82 -46.30 -15.52
C GLN A 219 21.34 -46.32 -15.87
N ILE A 220 20.96 -47.27 -16.71
CA ILE A 220 19.58 -47.50 -17.13
C ILE A 220 19.25 -48.97 -16.89
N GLY A 221 18.18 -49.24 -16.16
CA GLY A 221 17.79 -50.61 -15.92
C GLY A 221 16.58 -50.68 -15.02
N THR A 222 16.02 -51.88 -14.95
CA THR A 222 14.93 -52.14 -14.02
C THR A 222 15.40 -51.83 -12.60
N PRO A 223 14.52 -51.27 -11.75
CA PRO A 223 14.96 -50.86 -10.41
C PRO A 223 15.67 -51.95 -9.61
N ASP A 224 15.20 -53.20 -9.70
CA ASP A 224 15.90 -54.28 -9.00
C ASP A 224 17.29 -54.50 -9.56
N GLU A 225 17.49 -54.20 -10.85
CA GLU A 225 18.80 -54.35 -11.45
C GLU A 225 19.73 -53.20 -11.10
N LEU A 226 19.17 -52.02 -10.80
CA LEU A 226 19.98 -50.98 -10.17
C LEU A 226 20.32 -51.34 -8.74
N TYR A 227 19.45 -52.08 -8.06
CA TYR A 227 19.74 -52.47 -6.69
C TYR A 227 20.85 -53.52 -6.63
N SER A 228 20.73 -54.58 -7.43
CA SER A 228 21.67 -55.69 -7.32
C SER A 228 23.04 -55.34 -7.88
N SER A 229 23.12 -54.99 -9.17
CA SER A 229 24.40 -54.76 -9.84
C SER A 229 24.51 -53.31 -10.30
N PRO A 230 24.85 -52.39 -9.41
CA PRO A 230 25.05 -51.00 -9.83
C PRO A 230 26.37 -50.85 -10.56
N ALA A 231 26.37 -50.13 -11.69
CA ALA A 231 27.56 -50.03 -12.53
C ALA A 231 28.33 -48.74 -12.32
N ASN A 232 28.29 -48.19 -11.10
CA ASN A 232 29.10 -47.05 -10.69
C ASN A 232 29.22 -47.08 -9.18
N LEU A 233 29.72 -45.98 -8.61
CA LEU A 233 29.60 -45.74 -7.18
C LEU A 233 28.42 -44.84 -6.85
N PHE A 234 28.04 -43.95 -7.77
CA PHE A 234 26.89 -43.09 -7.55
C PHE A 234 25.59 -43.90 -7.58
N VAL A 235 25.38 -44.68 -8.63
CA VAL A 235 24.21 -45.54 -8.71
C VAL A 235 24.23 -46.65 -7.66
N ALA A 236 25.33 -46.77 -6.92
CA ALA A 236 25.45 -47.76 -5.86
C ALA A 236 25.07 -47.18 -4.51
N GLY A 237 25.74 -46.10 -4.11
CA GLY A 237 25.44 -45.44 -2.87
C GLY A 237 24.31 -44.46 -2.92
N PHE A 238 23.60 -44.36 -4.04
CA PHE A 238 22.49 -43.41 -4.16
C PHE A 238 21.17 -44.06 -3.78
N ILE A 239 20.78 -45.12 -4.47
CA ILE A 239 19.50 -45.78 -4.21
C ILE A 239 19.61 -46.61 -2.94
N GLY A 240 18.47 -46.79 -2.27
CA GLY A 240 18.44 -47.47 -0.99
C GLY A 240 18.44 -46.50 0.17
N SER A 241 17.43 -46.57 1.04
CA SER A 241 17.34 -45.61 2.14
C SER A 241 18.50 -45.76 3.12
N PRO A 242 18.79 -46.95 3.68
CA PRO A 242 20.07 -47.11 4.39
C PRO A 242 21.20 -47.29 3.39
N ALA A 243 21.75 -46.18 2.90
CA ALA A 243 22.72 -46.20 1.81
C ALA A 243 23.84 -47.19 2.09
N MET A 244 24.39 -47.75 1.02
CA MET A 244 25.42 -48.78 1.15
C MET A 244 26.66 -48.23 1.83
N ASN A 245 27.22 -49.03 2.74
CA ASN A 245 28.41 -48.62 3.48
C ASN A 245 29.64 -48.81 2.61
N PHE A 246 30.50 -47.79 2.56
CA PHE A 246 31.71 -47.81 1.75
C PHE A 246 32.91 -47.90 2.68
N PHE A 247 33.58 -49.05 2.63
CA PHE A 247 34.76 -49.30 3.45
C PHE A 247 36.01 -49.22 2.60
N PRO A 248 37.00 -48.42 2.99
CA PRO A 248 38.30 -48.46 2.31
C PRO A 248 38.87 -49.86 2.32
N ALA A 249 39.75 -50.13 1.36
CA ALA A 249 40.28 -51.48 1.22
C ALA A 249 41.54 -51.43 0.35
N THR A 250 42.43 -52.39 0.59
CA THR A 250 43.66 -52.52 -0.17
C THR A 250 43.90 -53.99 -0.47
N ARG A 251 43.89 -54.35 -1.74
CA ARG A 251 44.06 -55.73 -2.16
C ARG A 251 45.43 -56.25 -1.73
N THR A 252 45.43 -57.29 -0.90
CA THR A 252 46.66 -57.91 -0.42
C THR A 252 47.21 -58.95 -1.38
N ASP A 253 46.74 -58.97 -2.63
CA ASP A 253 47.12 -59.89 -3.69
C ASP A 253 46.65 -61.32 -3.44
N VAL A 254 46.09 -61.61 -2.27
CA VAL A 254 45.45 -62.89 -2.01
C VAL A 254 44.08 -62.61 -1.41
N GLY A 255 43.90 -61.39 -0.93
CA GLY A 255 42.64 -60.99 -0.33
C GLY A 255 42.60 -59.49 -0.16
N VAL A 256 41.98 -59.06 0.94
CA VAL A 256 42.00 -57.65 1.32
C VAL A 256 41.84 -57.56 2.84
N ARG A 257 42.55 -56.61 3.43
CA ARG A 257 42.47 -56.35 4.87
C ARG A 257 41.53 -55.17 5.09
N LEU A 258 40.23 -55.45 5.01
CA LEU A 258 39.18 -54.49 5.29
C LEU A 258 39.40 -53.92 6.68
N PRO A 259 38.95 -52.69 6.98
CA PRO A 259 39.17 -52.11 8.31
C PRO A 259 38.91 -53.06 9.48
N PHE A 260 38.04 -54.04 9.28
CA PHE A 260 37.84 -55.09 10.27
C PHE A 260 37.53 -56.40 9.57
N GLY A 261 38.31 -57.43 9.86
CA GLY A 261 38.15 -58.73 9.26
C GLY A 261 39.27 -59.05 8.27
N GLU A 262 39.20 -60.28 7.76
CA GLU A 262 40.19 -60.84 6.85
C GLU A 262 39.53 -61.54 5.67
N VAL A 263 38.53 -60.87 5.08
CA VAL A 263 37.78 -61.44 3.95
C VAL A 263 38.75 -61.91 2.87
N THR A 264 38.52 -63.13 2.37
CA THR A 264 39.51 -63.81 1.54
C THR A 264 39.12 -63.86 0.07
N LEU A 265 38.02 -63.23 -0.34
CA LEU A 265 37.69 -63.04 -1.76
C LEU A 265 37.57 -64.37 -2.50
N THR A 266 36.45 -65.07 -2.23
CA THR A 266 36.09 -66.34 -2.86
C THR A 266 36.48 -66.38 -4.34
N PRO A 267 37.03 -67.51 -4.81
CA PRO A 267 37.85 -67.54 -6.03
C PRO A 267 37.33 -66.74 -7.24
N HIS A 268 36.05 -66.86 -7.58
CA HIS A 268 35.58 -66.26 -8.82
C HIS A 268 35.70 -64.74 -8.79
N MET A 269 35.23 -64.11 -7.71
CA MET A 269 35.38 -62.66 -7.59
C MET A 269 36.85 -62.27 -7.47
N LEU A 270 37.68 -63.13 -6.86
CA LEU A 270 39.09 -62.84 -6.74
C LEU A 270 39.75 -62.76 -8.12
N ASP A 271 39.45 -63.71 -8.99
CA ASP A 271 40.07 -63.69 -10.31
C ASP A 271 39.47 -62.58 -11.18
N LEU A 272 38.16 -62.33 -11.05
CA LEU A 272 37.55 -61.19 -11.74
C LEU A 272 38.22 -59.88 -11.33
N LEU A 273 38.59 -59.76 -10.05
CA LEU A 273 39.32 -58.59 -9.59
C LEU A 273 40.74 -58.57 -10.15
N ASP A 274 41.41 -59.73 -10.14
CA ASP A 274 42.77 -59.82 -10.65
C ASP A 274 42.85 -59.63 -12.17
N LYS A 275 41.70 -59.62 -12.86
CA LYS A 275 41.71 -59.26 -14.26
C LYS A 275 42.24 -57.84 -14.47
N GLN A 276 41.94 -56.94 -13.52
CA GLN A 276 42.35 -55.54 -13.61
C GLN A 276 42.87 -55.09 -12.24
N ALA A 277 44.18 -55.27 -12.01
CA ALA A 277 44.82 -54.80 -10.79
C ALA A 277 45.44 -53.41 -10.98
N ARG A 278 44.64 -52.47 -11.49
CA ARG A 278 45.14 -51.13 -11.78
C ARG A 278 45.20 -50.24 -10.54
N PRO A 279 44.10 -50.06 -9.78
CA PRO A 279 44.13 -49.06 -8.70
C PRO A 279 44.82 -49.54 -7.44
N GLU A 280 44.79 -48.71 -6.40
CA GLU A 280 45.45 -49.00 -5.14
C GLU A 280 44.51 -48.92 -3.94
N ASN A 281 43.34 -48.30 -4.10
CA ASN A 281 42.40 -48.09 -3.01
C ASN A 281 41.02 -48.62 -3.38
N ILE A 282 40.97 -49.84 -3.90
CA ILE A 282 39.72 -50.43 -4.36
C ILE A 282 38.79 -50.67 -3.17
N ILE A 283 37.71 -49.90 -3.09
CA ILE A 283 36.84 -49.94 -1.92
C ILE A 283 35.79 -51.04 -2.08
N VAL A 284 35.16 -51.38 -0.95
CA VAL A 284 34.18 -52.45 -0.88
C VAL A 284 32.90 -51.89 -0.30
N GLY A 285 31.76 -52.39 -0.80
CA GLY A 285 30.48 -51.95 -0.30
C GLY A 285 29.66 -53.07 0.32
N ILE A 286 29.30 -52.91 1.58
CA ILE A 286 28.53 -53.90 2.33
C ILE A 286 27.17 -53.29 2.62
N ARG A 287 26.14 -53.79 1.94
CA ARG A 287 24.82 -53.21 2.06
C ARG A 287 24.27 -53.45 3.46
N PRO A 288 23.71 -52.43 4.11
CA PRO A 288 23.25 -52.59 5.50
C PRO A 288 22.35 -53.78 5.73
N GLU A 289 21.61 -54.24 4.72
CA GLU A 289 20.83 -55.46 4.89
C GLU A 289 21.75 -56.65 5.12
N HIS A 290 22.94 -56.62 4.53
CA HIS A 290 23.86 -57.76 4.61
C HIS A 290 24.84 -57.62 5.78
N ILE A 291 24.30 -57.29 6.96
CA ILE A 291 25.07 -57.28 8.19
C ILE A 291 24.19 -57.83 9.30
N GLU A 292 24.41 -59.07 9.68
CA GLU A 292 23.61 -59.69 10.73
C GLU A 292 24.40 -59.65 12.03
N ASP A 293 23.88 -60.33 13.06
CA ASP A 293 24.54 -60.39 14.35
C ASP A 293 24.95 -61.82 14.68
N SER A 294 25.80 -61.96 15.69
CA SER A 294 26.24 -63.27 16.14
C SER A 294 25.19 -63.99 16.98
N ALA A 295 24.02 -63.39 17.18
CA ALA A 295 22.98 -64.02 18.00
C ALA A 295 22.19 -65.04 17.20
N LEU A 296 21.52 -64.61 16.13
CA LEU A 296 20.65 -65.47 15.34
C LEU A 296 21.31 -65.91 14.04
N LEU A 297 22.63 -66.15 14.08
CA LEU A 297 23.38 -66.55 12.89
C LEU A 297 23.74 -68.03 12.91
N ASP A 298 23.04 -68.84 13.71
CA ASP A 298 23.35 -70.26 13.81
C ASP A 298 23.25 -70.93 12.45
N GLY A 299 24.22 -71.80 12.16
CA GLY A 299 24.29 -72.54 10.92
C GLY A 299 25.66 -72.42 10.29
N TYR A 300 25.73 -72.83 9.03
CA TYR A 300 26.99 -72.81 8.30
C TYR A 300 27.51 -71.40 8.06
N ALA A 301 26.64 -70.39 8.13
CA ALA A 301 27.03 -69.02 7.84
C ALA A 301 27.99 -68.42 8.85
N ARG A 302 28.37 -69.17 9.89
CA ARG A 302 29.23 -68.60 10.92
C ARG A 302 30.69 -68.49 10.45
N ILE A 303 31.09 -69.29 9.46
CA ILE A 303 32.49 -69.32 9.07
C ILE A 303 32.87 -68.06 8.29
N ARG A 304 31.93 -67.45 7.58
CA ARG A 304 32.20 -66.22 6.83
C ARG A 304 31.62 -64.99 7.50
N ALA A 305 31.44 -65.04 8.82
CA ALA A 305 30.81 -63.96 9.57
C ALA A 305 31.70 -62.73 9.73
N LEU A 306 33.00 -62.94 9.98
CA LEU A 306 33.96 -61.84 10.17
C LEU A 306 33.61 -60.99 11.39
N THR A 307 32.84 -61.56 12.31
CA THR A 307 32.39 -60.84 13.49
C THR A 307 33.40 -60.97 14.62
N PHE A 308 33.87 -59.84 15.14
CA PHE A 308 34.60 -59.85 16.41
C PHE A 308 33.88 -59.03 17.46
N SER A 309 33.69 -57.72 17.25
CA SER A 309 32.80 -56.86 18.04
C SER A 309 32.86 -55.44 17.49
N VAL A 310 31.78 -54.68 17.63
CA VAL A 310 31.80 -53.24 17.37
C VAL A 310 30.84 -52.57 18.34
N ARG A 311 31.18 -51.36 18.78
CA ARG A 311 30.28 -50.60 19.63
C ARG A 311 29.06 -50.15 18.85
N ALA A 312 27.94 -49.99 19.55
CA ALA A 312 26.67 -49.58 18.94
C ALA A 312 26.35 -48.18 19.43
N ASP A 313 26.66 -47.18 18.60
CA ASP A 313 26.45 -45.79 18.99
C ASP A 313 24.98 -45.50 19.24
N ILE A 314 24.15 -45.62 18.21
CA ILE A 314 22.72 -45.37 18.30
C ILE A 314 21.97 -46.58 17.77
N VAL A 315 21.03 -47.10 18.54
CA VAL A 315 20.25 -48.24 18.11
C VAL A 315 18.81 -47.81 17.87
N GLU A 316 18.50 -47.42 16.64
CA GLU A 316 17.14 -47.08 16.27
C GLU A 316 16.30 -48.35 16.22
N SER A 317 15.44 -48.53 17.22
CA SER A 317 14.56 -49.68 17.33
C SER A 317 13.19 -49.29 16.79
N LEU A 318 13.09 -49.16 15.48
CA LEU A 318 11.87 -48.69 14.84
C LEU A 318 11.04 -49.83 14.24
N GLY A 319 11.08 -51.01 14.87
CA GLY A 319 10.18 -52.07 14.49
C GLY A 319 10.84 -53.33 13.95
N ALA A 320 10.61 -53.61 12.67
CA ALA A 320 11.04 -54.85 12.06
C ALA A 320 12.54 -54.91 11.80
N ASP A 321 13.29 -53.92 12.23
CA ASP A 321 14.73 -53.89 11.99
C ASP A 321 15.38 -52.86 12.91
N LYS A 322 16.43 -53.27 13.59
CA LYS A 322 17.18 -52.39 14.49
C LYS A 322 18.36 -51.81 13.72
N TYR A 323 18.37 -50.49 13.55
CA TYR A 323 19.48 -49.82 12.90
C TYR A 323 20.54 -49.50 13.94
N VAL A 324 21.66 -50.22 13.91
CA VAL A 324 22.77 -49.94 14.81
C VAL A 324 23.78 -49.08 14.06
N HIS A 325 24.14 -47.95 14.64
CA HIS A 325 25.18 -47.07 14.11
C HIS A 325 26.49 -47.37 14.80
N PHE A 326 27.58 -47.08 14.11
CA PHE A 326 28.92 -47.32 14.66
C PHE A 326 29.91 -46.58 13.76
N THR A 327 31.20 -46.73 14.08
CA THR A 327 32.26 -46.04 13.37
C THR A 327 33.52 -46.90 13.42
N THR A 328 34.28 -46.88 12.34
CA THR A 328 35.55 -47.59 12.25
C THR A 328 36.58 -46.65 11.65
N GLU A 329 37.65 -46.40 12.41
CA GLU A 329 38.64 -45.43 12.01
C GLU A 329 39.49 -45.95 10.85
N GLY A 330 40.16 -45.03 10.18
CA GLY A 330 41.00 -45.32 9.05
C GLY A 330 40.91 -44.22 8.02
N ALA A 331 41.27 -44.55 6.78
CA ALA A 331 41.23 -43.60 5.68
C ALA A 331 41.33 -44.37 4.37
N GLY A 332 40.67 -43.83 3.34
CA GLY A 332 40.70 -44.45 2.04
C GLY A 332 39.36 -44.41 1.33
N ALA A 333 38.34 -43.87 1.98
CA ALA A 333 37.02 -43.68 1.38
C ALA A 333 37.03 -42.28 0.76
N GLU A 334 37.91 -42.08 -0.21
CA GLU A 334 38.13 -40.76 -0.79
C GLU A 334 38.13 -40.88 -2.30
N SER A 335 37.13 -40.30 -2.94
CA SER A 335 37.00 -40.31 -4.39
C SER A 335 36.30 -39.02 -4.81
N ALA A 336 35.84 -38.98 -6.06
CA ALA A 336 35.00 -37.90 -6.53
C ALA A 336 33.52 -38.30 -6.57
N GLN A 337 33.24 -39.51 -7.04
CA GLN A 337 31.87 -40.03 -7.00
C GLN A 337 31.32 -40.01 -5.58
N LEU A 338 32.05 -40.62 -4.64
CA LEU A 338 31.60 -40.63 -3.25
C LEU A 338 31.46 -39.21 -2.70
N ALA A 339 32.35 -38.31 -3.12
CA ALA A 339 32.29 -36.94 -2.61
C ALA A 339 31.01 -36.24 -3.07
N GLU A 340 30.70 -36.34 -4.35
CA GLU A 340 29.49 -35.69 -4.85
C GLU A 340 28.23 -36.44 -4.45
N LEU A 341 28.35 -37.70 -4.02
CA LEU A 341 27.21 -38.43 -3.49
C LEU A 341 26.97 -38.08 -2.01
N ALA A 342 28.02 -37.70 -1.29
CA ALA A 342 27.90 -37.34 0.11
C ALA A 342 27.82 -35.83 0.34
N ALA A 343 27.93 -35.05 -0.73
CA ALA A 343 27.74 -33.59 -0.59
C ALA A 343 26.24 -33.32 -0.46
N ASP A 344 25.42 -34.21 -1.03
CA ASP A 344 23.96 -34.11 -0.97
C ASP A 344 23.41 -34.29 0.44
N SER A 345 23.98 -35.27 1.11
CA SER A 345 23.61 -35.63 2.47
C SER A 345 24.91 -35.87 3.23
N GLY A 346 24.88 -35.74 4.54
CA GLY A 346 26.10 -35.93 5.28
C GLY A 346 26.50 -37.35 5.62
N ALA A 347 27.67 -37.73 5.14
CA ALA A 347 28.24 -39.04 5.39
C ALA A 347 29.33 -38.88 6.44
N GLY A 348 29.46 -37.67 6.98
CA GLY A 348 30.48 -37.39 7.97
C GLY A 348 31.85 -37.87 7.56
N THR A 349 32.45 -38.72 8.40
CA THR A 349 33.75 -39.30 8.06
C THR A 349 33.62 -40.81 7.87
N ASN A 350 33.15 -41.50 8.90
CA ASN A 350 33.08 -42.96 8.88
C ASN A 350 31.83 -43.48 9.59
N GLN A 351 30.76 -42.68 9.64
CA GLN A 351 29.51 -43.16 10.20
C GLN A 351 28.95 -44.31 9.37
N PHE A 352 28.79 -45.47 9.99
CA PHE A 352 28.26 -46.64 9.32
C PHE A 352 27.03 -47.15 10.06
N ILE A 353 26.03 -47.59 9.32
CA ILE A 353 24.81 -48.13 9.92
C ILE A 353 24.59 -49.54 9.40
N ALA A 354 23.87 -50.33 10.18
CA ALA A 354 23.58 -51.71 9.80
C ALA A 354 22.26 -52.12 10.43
N ARG A 355 21.35 -52.65 9.62
CA ARG A 355 20.04 -53.07 10.11
C ARG A 355 20.06 -54.56 10.42
N VAL A 356 19.83 -54.89 11.68
CA VAL A 356 19.82 -56.28 12.12
C VAL A 356 18.39 -56.65 12.53
N SER A 357 18.19 -57.94 12.81
CA SER A 357 16.85 -58.47 13.04
C SER A 357 16.19 -57.82 14.25
N ALA A 358 14.90 -58.09 14.39
CA ALA A 358 14.12 -57.50 15.48
C ALA A 358 14.25 -58.29 16.77
N ASP A 359 14.46 -59.61 16.68
CA ASP A 359 14.61 -60.42 17.87
C ASP A 359 15.88 -60.09 18.65
N SER A 360 16.86 -59.45 18.02
CA SER A 360 18.10 -59.11 18.69
C SER A 360 17.83 -58.21 19.89
N ARG A 361 18.36 -58.61 21.05
CA ARG A 361 18.21 -57.85 22.29
C ARG A 361 19.50 -57.05 22.50
N VAL A 362 19.46 -55.77 22.15
CA VAL A 362 20.62 -54.89 22.23
C VAL A 362 20.18 -53.54 22.77
N ARG A 363 20.92 -53.02 23.74
CA ARG A 363 20.68 -51.71 24.29
C ARG A 363 21.44 -50.65 23.50
N THR A 364 21.41 -49.42 24.01
CA THR A 364 22.10 -48.32 23.37
C THR A 364 23.46 -48.10 24.03
N GLY A 365 24.51 -48.07 23.21
CA GLY A 365 25.84 -47.76 23.71
C GLY A 365 26.60 -48.94 24.27
N GLU A 366 26.38 -50.13 23.73
CA GLU A 366 27.03 -51.34 24.21
C GLU A 366 27.89 -51.94 23.09
N GLN A 367 28.43 -53.13 23.36
CA GLN A 367 29.36 -53.80 22.45
C GLN A 367 28.64 -54.96 21.77
N ILE A 368 28.42 -54.83 20.46
CA ILE A 368 27.65 -55.80 19.70
C ILE A 368 28.52 -56.41 18.61
N GLU A 369 28.25 -57.66 18.27
CA GLU A 369 29.05 -58.42 17.31
C GLU A 369 28.35 -58.40 15.95
N LEU A 370 28.77 -57.50 15.08
CA LEU A 370 28.24 -57.41 13.72
C LEU A 370 29.01 -58.34 12.79
N ALA A 371 28.29 -58.93 11.84
CA ALA A 371 28.86 -59.97 10.97
C ALA A 371 28.42 -59.72 9.54
N ILE A 372 29.37 -59.48 8.66
CA ILE A 372 29.12 -59.34 7.23
C ILE A 372 29.19 -60.73 6.60
N ASP A 373 28.48 -60.91 5.49
CA ASP A 373 28.48 -62.16 4.75
C ASP A 373 29.24 -61.96 3.46
N THR A 374 30.39 -62.62 3.33
CA THR A 374 31.26 -62.38 2.17
C THR A 374 30.83 -63.20 0.96
N THR A 375 29.54 -63.14 0.64
CA THR A 375 29.02 -63.66 -0.60
C THR A 375 28.12 -62.67 -1.33
N LYS A 376 27.84 -61.51 -0.74
CA LYS A 376 26.96 -60.51 -1.30
C LYS A 376 27.56 -59.12 -1.11
N LEU A 377 28.87 -59.00 -1.31
CA LEU A 377 29.57 -57.74 -1.24
C LEU A 377 30.08 -57.36 -2.62
N SER A 378 30.16 -56.05 -2.87
CA SER A 378 30.61 -55.53 -4.15
C SER A 378 31.89 -54.72 -3.96
N ILE A 379 32.84 -54.91 -4.86
CA ILE A 379 34.14 -54.22 -4.81
C ILE A 379 34.13 -53.14 -5.87
N PHE A 380 34.56 -51.94 -5.49
CA PHE A 380 34.54 -50.78 -6.37
C PHE A 380 35.96 -50.25 -6.54
N ASP A 381 36.10 -49.28 -7.44
CA ASP A 381 37.38 -48.62 -7.70
C ASP A 381 37.28 -47.17 -7.25
N ALA A 382 38.25 -46.71 -6.47
CA ALA A 382 38.17 -45.40 -5.84
C ALA A 382 38.73 -44.28 -6.71
N ALA A 383 39.14 -44.58 -7.95
CA ALA A 383 39.62 -43.55 -8.85
C ALA A 383 38.76 -43.37 -10.09
N THR A 384 38.41 -44.46 -10.77
CA THR A 384 37.60 -44.39 -11.97
C THR A 384 36.11 -44.51 -11.69
N GLY A 385 35.72 -44.78 -10.44
CA GLY A 385 34.32 -44.86 -10.06
C GLY A 385 33.51 -45.82 -10.89
N LEU A 386 33.79 -47.13 -10.76
CA LEU A 386 33.03 -48.14 -11.55
C LEU A 386 33.10 -49.53 -10.89
N ASN A 387 31.94 -50.12 -10.60
CA ASN A 387 31.88 -51.45 -9.99
C ASN A 387 32.75 -52.42 -10.78
N LEU A 388 33.24 -53.45 -10.08
CA LEU A 388 34.06 -54.49 -10.70
C LEU A 388 33.45 -55.88 -10.61
N THR A 389 32.61 -56.16 -9.61
CA THR A 389 31.95 -57.45 -9.52
C THR A 389 31.08 -57.70 -10.75
N ARG A 390 30.05 -56.89 -10.94
CA ARG A 390 29.16 -57.01 -12.08
C ARG A 390 28.83 -55.62 -12.59
N ASP A 391 28.23 -55.56 -13.77
CA ASP A 391 27.88 -54.29 -14.39
C ASP A 391 26.64 -54.44 -15.27
N ALA B 2 14.80 -30.04 34.03
CA ALA B 2 14.05 -30.15 35.26
C ALA B 2 13.18 -31.40 35.25
N GLU B 3 12.50 -31.65 36.37
CA GLU B 3 11.57 -32.77 36.50
C GLU B 3 10.17 -32.21 36.32
N ILE B 4 9.71 -32.13 35.08
CA ILE B 4 8.54 -31.36 34.72
C ILE B 4 7.32 -32.29 34.70
N VAL B 5 6.42 -32.11 35.66
CA VAL B 5 5.21 -32.91 35.74
C VAL B 5 4.02 -32.00 35.47
N LEU B 6 2.93 -32.60 34.99
CA LEU B 6 1.74 -31.81 34.70
C LEU B 6 0.54 -32.73 34.58
N ASP B 7 -0.52 -32.42 35.34
CA ASP B 7 -1.71 -33.26 35.37
C ASP B 7 -2.94 -32.36 35.33
N ARG B 8 -4.06 -32.95 34.91
CA ARG B 8 -5.33 -32.25 34.74
C ARG B 8 -5.20 -31.06 33.79
N VAL B 9 -4.13 -31.03 33.02
CA VAL B 9 -3.86 -29.92 32.10
C VAL B 9 -4.90 -29.96 30.99
N THR B 10 -5.72 -28.90 30.91
CA THR B 10 -6.85 -28.88 30.01
C THR B 10 -6.91 -27.54 29.30
N LYS B 11 -7.43 -27.55 28.07
CA LYS B 11 -7.64 -26.34 27.30
C LYS B 11 -9.08 -26.31 26.84
N SER B 12 -9.50 -25.17 26.29
CA SER B 12 -10.86 -25.00 25.81
C SER B 12 -10.94 -23.74 24.96
N TYR B 13 -11.60 -23.84 23.82
CA TYR B 13 -11.76 -22.72 22.89
C TYR B 13 -13.23 -22.44 22.67
N PRO B 14 -13.74 -21.29 23.13
CA PRO B 14 -15.14 -20.91 22.94
C PRO B 14 -15.45 -20.48 21.51
N ARG B 21 -15.87 -28.51 22.40
CA ARG B 21 -15.17 -27.24 22.19
C ARG B 21 -13.75 -27.31 22.72
N ALA B 22 -13.55 -28.12 23.77
CA ALA B 22 -12.24 -28.26 24.38
C ALA B 22 -11.28 -28.95 23.41
N ALA B 23 -9.99 -28.89 23.74
CA ALA B 23 -8.95 -29.45 22.91
C ALA B 23 -8.14 -30.54 23.59
N VAL B 24 -7.59 -30.26 24.78
CA VAL B 24 -6.58 -31.14 25.38
C VAL B 24 -7.12 -31.73 26.67
N LYS B 25 -8.41 -32.06 26.68
CA LYS B 25 -9.09 -32.52 27.89
C LYS B 25 -8.33 -33.63 28.60
N GLU B 26 -8.08 -33.42 29.90
CA GLU B 26 -7.64 -34.46 30.83
C GLU B 26 -6.31 -35.10 30.39
N PHE B 27 -5.28 -34.27 30.42
CA PHE B 27 -3.91 -34.69 30.15
C PHE B 27 -3.19 -34.97 31.45
N SER B 28 -2.15 -35.82 31.40
CA SER B 28 -1.32 -36.07 32.57
C SER B 28 -0.04 -36.78 32.18
N MET B 29 1.10 -36.22 32.56
CA MET B 29 2.40 -36.87 32.40
C MET B 29 3.33 -36.40 33.50
N THR B 30 4.48 -37.08 33.61
CA THR B 30 5.57 -36.68 34.50
C THR B 30 6.88 -36.91 33.75
N ILE B 31 7.31 -35.91 32.98
CA ILE B 31 8.59 -36.00 32.28
C ILE B 31 9.71 -35.88 33.31
N ALA B 32 10.41 -36.98 33.55
CA ALA B 32 11.50 -36.98 34.51
C ALA B 32 12.69 -36.20 33.97
N ASP B 33 13.75 -36.12 34.79
CA ASP B 33 14.94 -35.37 34.43
C ASP B 33 15.76 -36.17 33.42
N GLY B 34 15.81 -35.69 32.18
CA GLY B 34 16.60 -36.30 31.14
C GLY B 34 15.79 -36.92 30.03
N GLU B 35 14.48 -37.09 30.20
CA GLU B 35 13.66 -37.77 29.22
C GLU B 35 13.64 -37.00 27.90
N PHE B 36 13.18 -37.69 26.86
CA PHE B 36 12.94 -37.10 25.55
C PHE B 36 11.53 -37.53 25.19
N ILE B 37 10.53 -36.80 25.68
CA ILE B 37 9.14 -37.18 25.45
C ILE B 37 8.69 -36.53 24.15
N ILE B 38 8.00 -37.30 23.32
CA ILE B 38 7.66 -36.88 21.97
C ILE B 38 6.16 -36.90 21.80
N LEU B 39 5.59 -35.75 21.49
CA LEU B 39 4.15 -35.63 21.26
C LEU B 39 3.89 -35.90 19.78
N VAL B 40 3.30 -37.05 19.48
CA VAL B 40 3.00 -37.44 18.10
C VAL B 40 1.49 -37.66 17.98
N GLY B 41 0.94 -37.28 16.83
CA GLY B 41 -0.47 -37.44 16.58
C GLY B 41 -0.86 -36.96 15.20
N PRO B 42 -2.08 -37.26 14.78
CA PRO B 42 -2.54 -36.83 13.45
C PRO B 42 -2.67 -35.32 13.38
N SER B 43 -2.55 -34.80 12.16
CA SER B 43 -2.60 -33.36 11.94
C SER B 43 -3.90 -32.76 12.42
N GLY B 44 -3.84 -31.93 13.47
CA GLY B 44 -5.01 -31.25 13.99
C GLY B 44 -5.42 -31.64 15.39
N CYS B 45 -4.71 -32.55 16.04
CA CYS B 45 -5.04 -32.92 17.41
C CYS B 45 -4.47 -31.88 18.36
N GLY B 46 -4.52 -32.17 19.66
CA GLY B 46 -3.99 -31.24 20.64
C GLY B 46 -2.54 -31.52 21.00
N LYS B 47 -1.70 -31.76 20.00
CA LYS B 47 -0.29 -32.06 20.24
C LYS B 47 0.60 -30.83 20.19
N SER B 48 0.14 -29.74 19.58
CA SER B 48 0.88 -28.48 19.59
C SER B 48 0.37 -27.51 20.63
N THR B 49 -0.91 -27.59 20.99
CA THR B 49 -1.43 -26.77 22.07
C THR B 49 -0.77 -27.15 23.39
N THR B 50 -0.50 -28.43 23.60
CA THR B 50 0.20 -28.84 24.82
C THR B 50 1.60 -28.24 24.87
N LEU B 51 2.26 -28.11 23.73
CA LEU B 51 3.58 -27.50 23.71
C LEU B 51 3.49 -26.01 23.96
N ASN B 52 2.53 -25.33 23.34
CA ASN B 52 2.37 -23.90 23.58
C ASN B 52 1.91 -23.61 25.01
N MET B 53 1.35 -24.60 25.70
CA MET B 53 0.98 -24.42 27.11
C MET B 53 2.13 -24.73 28.04
N ILE B 54 2.98 -25.71 27.69
CA ILE B 54 4.19 -25.93 28.48
C ILE B 54 5.16 -24.76 28.28
N ALA B 55 5.07 -24.08 27.14
CA ALA B 55 6.01 -23.02 26.82
C ALA B 55 5.61 -21.70 27.47
N GLY B 56 4.37 -21.29 27.31
CA GLY B 56 3.92 -20.06 27.91
C GLY B 56 3.07 -19.20 26.98
N LEU B 57 3.29 -19.34 25.67
CA LEU B 57 2.61 -18.50 24.69
C LEU B 57 1.10 -18.65 24.73
N GLU B 58 0.58 -19.63 25.47
CA GLU B 58 -0.84 -19.71 25.78
C GLU B 58 -0.99 -20.04 27.25
N GLU B 59 -2.15 -19.71 27.80
CA GLU B 59 -2.47 -20.00 29.18
C GLU B 59 -3.23 -21.31 29.27
N ILE B 60 -3.25 -21.88 30.46
CA ILE B 60 -3.96 -23.13 30.69
C ILE B 60 -5.34 -22.81 31.22
N THR B 61 -6.30 -23.69 30.94
CA THR B 61 -7.67 -23.51 31.42
C THR B 61 -7.88 -24.10 32.81
N SER B 62 -7.23 -25.21 33.13
CA SER B 62 -7.42 -25.85 34.43
C SER B 62 -6.13 -26.60 34.78
N GLY B 63 -6.19 -27.38 35.86
CA GLY B 63 -5.08 -28.24 36.24
C GLY B 63 -3.79 -27.53 36.57
N GLU B 64 -2.79 -28.28 36.99
CA GLU B 64 -1.48 -27.73 37.36
C GLU B 64 -0.51 -27.83 36.19
N LEU B 65 0.64 -27.18 36.37
CA LEU B 65 1.82 -27.40 35.53
C LEU B 65 3.01 -27.11 36.43
N ARG B 66 3.58 -28.15 37.03
CA ARG B 66 4.62 -27.99 38.02
C ARG B 66 5.97 -28.36 37.39
N ILE B 67 6.64 -27.36 36.80
CA ILE B 67 8.01 -27.59 36.39
C ILE B 67 8.84 -27.74 37.66
N GLY B 68 9.21 -28.98 37.97
CA GLY B 68 9.64 -29.31 39.32
C GLY B 68 8.45 -29.39 40.22
N GLY B 69 8.31 -28.43 41.13
CA GLY B 69 7.07 -28.19 41.84
C GLY B 69 6.49 -26.86 41.41
N GLU B 70 5.96 -26.09 42.36
CA GLU B 70 5.69 -24.66 42.19
C GLU B 70 5.02 -24.35 40.84
N ARG B 71 3.78 -24.83 40.72
CA ARG B 71 3.00 -24.69 39.50
C ARG B 71 3.18 -23.32 38.85
N VAL B 72 3.62 -23.34 37.60
CA VAL B 72 3.97 -22.11 36.87
C VAL B 72 2.93 -21.82 35.81
N ASN B 73 1.69 -22.27 36.02
CA ASN B 73 0.67 -21.98 35.02
C ASN B 73 0.17 -20.54 35.08
N GLU B 74 0.82 -19.68 35.86
CA GLU B 74 0.49 -18.27 35.91
C GLU B 74 1.70 -17.36 35.74
N LYS B 75 2.91 -17.93 35.61
CA LYS B 75 4.12 -17.16 35.44
C LYS B 75 4.25 -16.70 33.99
N ALA B 76 5.41 -16.15 33.64
CA ALA B 76 5.67 -15.62 32.31
C ALA B 76 6.70 -16.48 31.58
N PRO B 77 6.70 -16.46 30.24
CA PRO B 77 7.70 -17.26 29.51
C PRO B 77 9.12 -16.89 29.84
N LYS B 78 9.37 -15.66 30.29
CA LYS B 78 10.74 -15.25 30.58
C LYS B 78 11.26 -15.88 31.88
N ASP B 79 10.38 -16.13 32.84
CA ASP B 79 10.79 -16.67 34.14
C ASP B 79 10.44 -18.14 34.31
N ARG B 80 10.07 -18.85 33.24
CA ARG B 80 9.97 -20.29 33.29
C ARG B 80 11.31 -20.99 33.08
N ASP B 81 12.27 -20.31 32.45
CA ASP B 81 13.58 -20.87 32.13
C ASP B 81 13.44 -22.10 31.21
N ILE B 82 12.83 -21.85 30.04
CA ILE B 82 12.71 -22.84 28.99
C ILE B 82 13.34 -22.27 27.72
N ALA B 83 13.43 -23.12 26.70
CA ALA B 83 13.78 -22.67 25.37
C ALA B 83 12.68 -23.06 24.39
N MET B 84 12.92 -22.79 23.12
CA MET B 84 12.01 -23.19 22.07
C MET B 84 12.67 -22.94 20.72
N VAL B 85 12.57 -23.92 19.82
CA VAL B 85 12.92 -23.74 18.43
C VAL B 85 11.69 -24.05 17.59
N PHE B 86 11.33 -23.13 16.71
CA PHE B 86 10.02 -23.15 16.07
C PHE B 86 10.08 -23.94 14.78
N GLN B 87 8.92 -24.05 14.11
CA GLN B 87 8.85 -24.78 12.87
C GLN B 87 9.34 -23.96 11.69
N SER B 88 9.07 -22.66 11.71
CA SER B 88 9.50 -21.77 10.65
C SER B 88 10.88 -21.18 10.89
N TYR B 89 11.59 -21.63 11.92
CA TYR B 89 12.89 -21.09 12.30
C TYR B 89 12.79 -19.57 12.47
N ALA B 90 12.03 -19.15 13.47
CA ALA B 90 11.83 -17.72 13.65
C ALA B 90 13.14 -17.07 14.09
N LEU B 91 13.84 -16.43 13.15
CA LEU B 91 15.11 -15.79 13.45
C LEU B 91 15.13 -14.44 12.75
N TYR B 92 15.74 -13.46 13.41
CA TYR B 92 15.61 -12.07 12.99
C TYR B 92 16.55 -11.78 11.82
N PRO B 93 16.03 -11.36 10.66
CA PRO B 93 16.93 -11.03 9.55
C PRO B 93 17.62 -9.70 9.69
N HIS B 94 17.11 -8.79 10.52
CA HIS B 94 17.76 -7.51 10.75
C HIS B 94 19.01 -7.63 11.63
N MET B 95 19.41 -8.85 11.96
CA MET B 95 20.63 -9.14 12.69
C MET B 95 21.54 -10.00 11.82
N THR B 96 22.60 -10.50 12.42
CA THR B 96 23.43 -11.52 11.80
C THR B 96 23.66 -12.64 12.82
N VAL B 97 23.96 -13.83 12.31
CA VAL B 97 23.85 -15.08 13.05
C VAL B 97 24.36 -14.96 14.48
N ARG B 98 25.50 -14.30 14.66
CA ARG B 98 26.03 -14.15 16.02
C ARG B 98 25.10 -13.31 16.88
N GLN B 99 24.48 -12.27 16.31
CA GLN B 99 23.52 -11.49 17.08
C GLN B 99 22.31 -12.33 17.45
N ASN B 100 21.84 -13.17 16.53
CA ASN B 100 20.77 -14.11 16.82
C ASN B 100 21.11 -14.96 18.03
N ILE B 101 22.28 -15.62 17.97
CA ILE B 101 22.70 -16.50 19.06
C ILE B 101 22.84 -15.72 20.36
N ALA B 102 23.30 -14.47 20.28
CA ALA B 102 23.53 -13.69 21.49
C ALA B 102 22.22 -13.25 22.13
N PHE B 103 21.20 -12.96 21.32
CA PHE B 103 19.96 -12.35 21.77
C PHE B 103 19.43 -12.85 23.12
N PRO B 104 19.25 -14.17 23.37
CA PRO B 104 18.71 -14.58 24.66
C PRO B 104 19.64 -14.31 25.83
N LEU B 105 20.92 -14.06 25.57
CA LEU B 105 21.87 -13.76 26.63
C LEU B 105 22.06 -12.26 26.83
N THR B 106 22.04 -11.47 25.76
CA THR B 106 22.10 -10.03 25.89
C THR B 106 20.81 -9.44 26.44
N LEU B 107 19.67 -9.98 26.03
CA LEU B 107 18.39 -9.50 26.51
C LEU B 107 18.18 -9.79 27.99
N ALA B 108 19.05 -10.58 28.61
CA ALA B 108 19.01 -10.85 30.04
C ALA B 108 19.95 -9.94 30.84
N LYS B 109 20.59 -8.96 30.18
CA LYS B 109 21.45 -7.99 30.83
C LYS B 109 22.62 -8.67 31.55
N VAL B 110 23.46 -9.32 30.76
CA VAL B 110 24.64 -10.01 31.28
C VAL B 110 25.89 -9.36 30.71
N PRO B 111 26.95 -9.18 31.52
CA PRO B 111 28.18 -8.54 31.02
C PRO B 111 28.73 -9.24 29.79
N LYS B 112 29.37 -8.46 28.92
CA LYS B 112 29.65 -8.87 27.55
C LYS B 112 30.74 -9.93 27.44
N ALA B 113 31.69 -9.96 28.38
CA ALA B 113 32.81 -10.90 28.26
C ALA B 113 32.32 -12.34 28.28
N GLU B 114 31.62 -12.72 29.36
CA GLU B 114 31.07 -14.07 29.44
C GLU B 114 30.06 -14.33 28.34
N ILE B 115 29.39 -13.29 27.85
CA ILE B 115 28.46 -13.46 26.73
C ILE B 115 29.20 -13.93 25.49
N ALA B 116 30.27 -13.22 25.11
CA ALA B 116 31.05 -13.62 23.96
C ALA B 116 31.63 -15.02 24.16
N ALA B 117 32.11 -15.30 25.37
CA ALA B 117 32.68 -16.62 25.64
C ALA B 117 31.64 -17.72 25.44
N LYS B 118 30.46 -17.55 26.06
CA LYS B 118 29.42 -18.58 25.98
C LYS B 118 28.89 -18.72 24.55
N VAL B 119 28.76 -17.61 23.81
CA VAL B 119 28.21 -17.76 22.47
C VAL B 119 29.24 -18.39 21.54
N GLU B 120 30.53 -18.11 21.74
CA GLU B 120 31.54 -18.82 20.96
C GLU B 120 31.52 -20.31 21.28
N GLU B 121 31.40 -20.65 22.56
CA GLU B 121 31.34 -22.06 22.94
C GLU B 121 30.12 -22.75 22.34
N THR B 122 28.96 -22.11 22.43
CA THR B 122 27.74 -22.73 21.93
C THR B 122 27.75 -22.85 20.41
N ALA B 123 28.34 -21.87 19.72
CA ALA B 123 28.56 -22.02 18.30
C ALA B 123 29.49 -23.20 18.01
N LYS B 124 30.49 -23.40 18.87
CA LYS B 124 31.41 -24.52 18.67
C LYS B 124 30.73 -25.86 18.89
N ILE B 125 29.72 -25.92 19.76
CA ILE B 125 29.01 -27.19 19.96
C ILE B 125 28.40 -27.69 18.65
N LEU B 126 27.83 -26.79 17.87
CA LEU B 126 27.31 -27.14 16.56
C LEU B 126 28.42 -26.96 15.52
N ASP B 127 28.06 -27.01 14.24
CA ASP B 127 29.01 -26.77 13.16
C ASP B 127 29.29 -25.28 12.95
N LEU B 128 28.82 -24.42 13.85
CA LEU B 128 29.01 -22.98 13.72
C LEU B 128 30.41 -22.64 14.24
N SER B 129 31.41 -22.84 13.38
CA SER B 129 32.78 -22.56 13.74
C SER B 129 33.19 -21.11 13.44
N GLU B 130 32.78 -20.60 12.28
CA GLU B 130 33.06 -19.21 11.90
C GLU B 130 31.78 -18.43 11.66
N LEU B 131 30.65 -18.91 12.14
CA LEU B 131 29.40 -18.18 11.90
C LEU B 131 28.91 -18.41 10.48
N LEU B 132 29.56 -19.36 9.79
CA LEU B 132 29.26 -19.81 8.43
C LEU B 132 29.53 -18.73 7.40
N ASP B 133 28.85 -17.61 7.60
CA ASP B 133 28.93 -16.42 6.76
C ASP B 133 29.19 -15.19 7.63
N ARG B 134 28.50 -15.15 8.78
CA ARG B 134 28.57 -14.10 9.79
C ARG B 134 28.00 -12.78 9.27
N LYS B 135 27.73 -12.68 7.97
CA LYS B 135 27.09 -11.49 7.44
C LYS B 135 25.56 -11.52 7.51
N PRO B 136 24.87 -12.63 7.13
CA PRO B 136 23.43 -12.54 6.91
C PRO B 136 22.62 -12.93 8.13
N GLY B 137 21.30 -12.83 8.00
CA GLY B 137 20.39 -13.48 8.92
C GLY B 137 19.66 -14.58 8.16
N GLN B 138 20.20 -14.94 7.00
CA GLN B 138 19.62 -15.94 6.14
C GLN B 138 20.73 -16.78 5.52
N LEU B 139 20.56 -18.09 5.54
CA LEU B 139 21.57 -19.02 5.04
C LEU B 139 20.83 -20.14 4.30
N SER B 140 21.54 -21.23 4.02
CA SER B 140 20.88 -22.41 3.48
C SER B 140 20.05 -23.09 4.56
N GLY B 141 19.21 -24.04 4.13
CA GLY B 141 18.23 -24.62 5.02
C GLY B 141 18.85 -25.26 6.26
N GLY B 142 19.84 -26.13 6.05
CA GLY B 142 20.40 -26.88 7.15
C GLY B 142 21.05 -25.99 8.20
N GLN B 143 21.89 -25.05 7.75
CA GLN B 143 22.58 -24.19 8.69
C GLN B 143 21.66 -23.14 9.30
N ARG B 144 20.59 -22.76 8.61
CA ARG B 144 19.58 -21.91 9.24
C ARG B 144 18.87 -22.66 10.36
N GLN B 145 18.49 -23.91 10.10
CA GLN B 145 17.92 -24.74 11.14
C GLN B 145 18.87 -24.88 12.31
N ARG B 146 20.17 -25.06 12.02
CA ARG B 146 21.15 -25.19 13.08
C ARG B 146 21.35 -23.88 13.83
N VAL B 147 21.15 -22.74 13.17
CA VAL B 147 21.19 -21.47 13.88
C VAL B 147 20.03 -21.35 14.85
N ALA B 148 18.84 -21.76 14.42
CA ALA B 148 17.68 -21.76 15.32
C ALA B 148 17.95 -22.66 16.52
N MET B 149 18.43 -23.88 16.27
CA MET B 149 18.74 -24.79 17.37
C MET B 149 19.81 -24.21 18.28
N GLY B 150 20.82 -23.56 17.69
CA GLY B 150 21.86 -22.95 18.51
C GLY B 150 21.30 -21.91 19.45
N ARG B 151 20.54 -20.94 18.91
CA ARG B 151 19.93 -19.93 19.76
C ARG B 151 19.09 -20.60 20.85
N ALA B 152 18.42 -21.69 20.52
CA ALA B 152 17.68 -22.42 21.55
C ALA B 152 18.61 -22.99 22.61
N ILE B 153 19.83 -23.34 22.26
CA ILE B 153 20.73 -24.04 23.17
C ILE B 153 21.39 -23.08 24.16
N VAL B 154 21.76 -21.88 23.71
CA VAL B 154 22.74 -21.07 24.44
C VAL B 154 22.28 -20.80 25.87
N ARG B 155 21.02 -20.38 26.04
CA ARG B 155 20.54 -19.98 27.36
C ARG B 155 20.79 -21.07 28.41
N SER B 156 20.83 -22.33 28.00
CA SER B 156 20.97 -23.50 28.87
C SER B 156 19.80 -23.55 29.85
N PRO B 157 18.58 -23.71 29.36
CA PRO B 157 17.42 -23.60 30.25
C PRO B 157 17.09 -24.90 30.95
N LYS B 158 16.00 -24.90 31.73
CA LYS B 158 15.58 -26.13 32.41
C LYS B 158 14.97 -27.10 31.43
N ALA B 159 13.91 -26.68 30.74
CA ALA B 159 13.25 -27.50 29.72
C ALA B 159 13.61 -26.97 28.33
N PHE B 160 13.42 -27.82 27.33
CA PHE B 160 13.91 -27.56 25.97
C PHE B 160 12.84 -28.06 25.00
N LEU B 161 11.95 -27.16 24.60
CA LEU B 161 10.69 -27.51 23.94
C LEU B 161 10.80 -27.19 22.46
N MET B 162 11.17 -28.18 21.66
CA MET B 162 11.35 -27.97 20.22
C MET B 162 10.05 -28.29 19.49
N ASP B 163 9.59 -27.34 18.69
CA ASP B 163 8.29 -27.38 18.03
C ASP B 163 8.45 -27.80 16.59
N GLN B 164 8.69 -29.10 16.38
CA GLN B 164 8.68 -29.68 15.04
C GLN B 164 9.68 -28.98 14.13
N PRO B 165 10.98 -29.06 14.40
CA PRO B 165 11.94 -28.27 13.64
C PRO B 165 12.31 -28.87 12.29
N LEU B 166 12.18 -30.18 12.10
CA LEU B 166 12.64 -30.85 10.89
C LEU B 166 11.53 -31.05 9.88
N SER B 167 10.55 -30.16 9.81
CA SER B 167 9.44 -30.29 8.89
C SER B 167 9.56 -29.42 7.65
N ASN B 168 10.76 -28.89 7.37
CA ASN B 168 10.98 -28.10 6.17
C ASN B 168 12.21 -28.51 5.38
N LEU B 169 13.10 -29.31 5.98
CA LEU B 169 14.31 -29.73 5.30
C LEU B 169 14.00 -30.81 4.27
N ASP B 170 15.04 -31.29 3.58
CA ASP B 170 14.90 -32.34 2.59
C ASP B 170 15.05 -33.70 3.25
N ALA B 171 14.33 -34.69 2.72
CA ALA B 171 14.34 -36.03 3.31
C ALA B 171 15.72 -36.66 3.35
N LYS B 172 16.64 -36.23 2.49
CA LYS B 172 17.99 -36.77 2.48
C LYS B 172 18.90 -36.09 3.50
N LEU B 173 18.46 -34.96 4.07
CA LEU B 173 19.16 -34.31 5.18
C LEU B 173 18.43 -34.50 6.50
N ARG B 174 17.14 -34.78 6.45
CA ARG B 174 16.33 -34.93 7.66
C ARG B 174 16.89 -36.03 8.56
N VAL B 175 17.37 -37.13 7.96
CA VAL B 175 17.87 -38.25 8.77
C VAL B 175 19.12 -37.85 9.53
N GLN B 176 20.05 -37.18 8.86
CA GLN B 176 21.25 -36.71 9.54
C GLN B 176 20.89 -35.68 10.61
N MET B 177 19.86 -34.87 10.37
CA MET B 177 19.46 -33.91 11.39
C MET B 177 18.86 -34.61 12.61
N ARG B 178 18.09 -35.68 12.39
CA ARG B 178 17.60 -36.47 13.52
C ARG B 178 18.75 -37.05 14.32
N ALA B 179 19.75 -37.58 13.62
CA ALA B 179 20.91 -38.13 14.32
C ALA B 179 21.63 -37.06 15.13
N GLU B 180 21.77 -35.86 14.55
CA GLU B 180 22.44 -34.77 15.26
C GLU B 180 21.64 -34.34 16.49
N ILE B 181 20.31 -34.24 16.36
CA ILE B 181 19.47 -33.85 17.49
C ILE B 181 19.59 -34.89 18.60
N SER B 182 19.52 -36.17 18.23
CA SER B 182 19.65 -37.24 19.23
C SER B 182 20.97 -37.14 19.98
N ARG B 183 22.09 -37.09 19.25
CA ARG B 183 23.39 -37.03 19.90
C ARG B 183 23.52 -35.77 20.75
N LEU B 184 23.03 -34.64 20.26
CA LEU B 184 23.16 -33.38 20.98
C LEU B 184 22.38 -33.38 22.28
N GLN B 185 21.13 -33.88 22.24
CA GLN B 185 20.35 -33.94 23.47
C GLN B 185 20.95 -34.94 24.44
N ASP B 186 21.45 -36.08 23.94
CA ASP B 186 22.07 -37.05 24.84
C ASP B 186 23.32 -36.47 25.49
N ARG B 187 24.02 -35.57 24.79
CA ARG B 187 25.23 -34.97 25.35
C ARG B 187 24.89 -33.89 26.36
N LEU B 188 23.94 -33.01 26.03
CA LEU B 188 23.62 -31.89 26.92
C LEU B 188 22.99 -32.37 28.23
N GLY B 189 21.82 -33.00 28.13
CA GLY B 189 21.14 -33.53 29.29
C GLY B 189 19.87 -32.81 29.70
N THR B 190 19.39 -31.86 28.90
CA THR B 190 18.21 -31.11 29.26
C THR B 190 16.94 -31.86 28.85
N THR B 191 15.92 -31.78 29.70
CA THR B 191 14.59 -32.27 29.36
C THR B 191 14.17 -31.71 28.01
N THR B 192 13.54 -32.55 27.19
CA THR B 192 13.12 -32.17 25.85
C THR B 192 11.73 -32.69 25.57
N VAL B 193 10.92 -31.86 24.90
CA VAL B 193 9.54 -32.20 24.55
C VAL B 193 9.38 -31.97 23.06
N TYR B 194 9.57 -33.02 22.27
CA TYR B 194 9.59 -32.91 20.82
C TYR B 194 8.19 -33.12 20.27
N VAL B 195 7.66 -32.14 19.55
CA VAL B 195 6.39 -32.29 18.85
C VAL B 195 6.68 -32.71 17.42
N THR B 196 6.13 -33.85 17.01
CA THR B 196 6.41 -34.38 15.69
C THR B 196 5.12 -34.73 14.98
N HIS B 197 5.25 -35.21 13.75
CA HIS B 197 4.11 -35.43 12.87
C HIS B 197 4.01 -36.85 12.33
N ASP B 198 5.11 -37.59 12.24
CA ASP B 198 5.13 -38.93 11.68
C ASP B 198 5.71 -39.91 12.69
N GLN B 199 5.32 -41.17 12.56
CA GLN B 199 5.73 -42.17 13.53
C GLN B 199 7.20 -42.55 13.40
N THR B 200 7.82 -42.35 12.25
CA THR B 200 9.19 -42.79 12.04
C THR B 200 10.17 -41.97 12.89
N GLU B 201 10.03 -40.64 12.88
CA GLU B 201 10.83 -39.81 13.77
C GLU B 201 10.61 -40.19 15.21
N ALA B 202 9.35 -40.15 15.66
CA ALA B 202 9.03 -40.42 17.05
C ALA B 202 9.55 -41.77 17.51
N MET B 203 9.64 -42.75 16.61
CA MET B 203 10.22 -44.04 17.01
C MET B 203 11.74 -44.02 16.97
N THR B 204 12.34 -43.23 16.08
CA THR B 204 13.79 -43.20 15.96
C THR B 204 14.44 -42.59 17.20
N LEU B 205 14.12 -41.33 17.49
CA LEU B 205 14.56 -40.67 18.71
C LEU B 205 13.41 -40.55 19.68
N GLY B 206 13.72 -40.54 20.97
CA GLY B 206 12.68 -40.41 21.97
C GLY B 206 12.66 -41.56 22.95
N ASP B 207 12.81 -41.25 24.24
CA ASP B 207 12.83 -42.30 25.24
C ASP B 207 11.43 -42.77 25.58
N ARG B 208 10.43 -41.93 25.39
CA ARG B 208 9.06 -42.27 25.74
C ARG B 208 8.10 -41.43 24.92
N VAL B 209 7.54 -42.01 23.88
CA VAL B 209 6.62 -41.32 22.97
C VAL B 209 5.29 -41.12 23.70
N VAL B 210 4.45 -40.24 23.17
CA VAL B 210 3.05 -40.14 23.57
C VAL B 210 2.21 -39.92 22.32
N VAL B 211 1.06 -40.57 22.25
CA VAL B 211 0.15 -40.44 21.11
C VAL B 211 -1.05 -39.62 21.53
N MET B 212 -1.52 -38.75 20.63
CA MET B 212 -2.60 -37.83 20.95
C MET B 212 -3.64 -37.87 19.83
N LEU B 213 -4.79 -38.46 20.11
CA LEU B 213 -5.93 -38.47 19.20
C LEU B 213 -7.00 -37.53 19.77
N ALA B 214 -7.20 -36.40 19.10
CA ALA B 214 -8.19 -35.38 19.46
C ALA B 214 -7.97 -34.80 20.85
N GLY B 215 -6.83 -35.09 21.49
CA GLY B 215 -6.53 -34.54 22.80
C GLY B 215 -6.54 -35.57 23.91
N GLU B 216 -6.44 -36.85 23.55
CA GLU B 216 -6.45 -37.92 24.53
C GLU B 216 -5.13 -38.67 24.45
N VAL B 217 -4.35 -38.62 25.53
CA VAL B 217 -3.08 -39.34 25.56
C VAL B 217 -3.36 -40.84 25.58
N GLN B 218 -2.50 -41.60 24.91
CA GLN B 218 -2.70 -43.04 24.78
C GLN B 218 -1.36 -43.76 24.77
N GLN B 219 -1.23 -44.74 25.68
CA GLN B 219 -0.11 -45.69 25.66
C GLN B 219 1.22 -44.99 25.49
N ILE B 220 1.61 -44.22 26.51
CA ILE B 220 2.81 -43.38 26.41
C ILE B 220 4.07 -44.24 26.28
N GLY B 221 4.45 -45.01 27.27
CA GLY B 221 5.77 -45.63 27.22
C GLY B 221 6.49 -46.61 26.31
N THR B 222 7.69 -46.15 26.04
CA THR B 222 8.70 -46.79 25.26
C THR B 222 8.31 -46.71 23.81
N PRO B 223 9.27 -46.95 22.93
CA PRO B 223 8.94 -46.96 21.53
C PRO B 223 8.83 -48.44 21.18
N ASP B 224 9.02 -49.29 22.18
CA ASP B 224 8.98 -50.73 21.98
C ASP B 224 7.72 -51.34 22.58
N GLU B 225 7.34 -50.89 23.79
CA GLU B 225 6.05 -51.26 24.36
C GLU B 225 4.92 -50.44 23.80
N LEU B 226 5.13 -49.76 22.68
CA LEU B 226 4.10 -49.06 21.94
C LEU B 226 3.90 -49.65 20.55
N TYR B 227 4.92 -50.34 20.03
CA TYR B 227 4.80 -51.11 18.82
C TYR B 227 4.55 -52.60 19.08
N SER B 228 4.86 -53.08 20.28
CA SER B 228 4.60 -54.47 20.61
C SER B 228 3.20 -54.68 21.19
N SER B 229 2.81 -53.84 22.14
CA SER B 229 1.52 -53.98 22.83
C SER B 229 0.74 -52.68 22.75
N PRO B 230 0.24 -52.31 21.57
CA PRO B 230 -0.55 -51.08 21.46
C PRO B 230 -1.92 -51.26 22.08
N ALA B 231 -2.52 -50.17 22.57
CA ALA B 231 -3.79 -50.24 23.28
C ALA B 231 -4.91 -49.51 22.54
N ASN B 232 -4.97 -49.65 21.23
CA ASN B 232 -5.99 -49.03 20.41
C ASN B 232 -5.87 -49.56 19.00
N LEU B 233 -6.97 -49.46 18.25
CA LEU B 233 -6.85 -49.57 16.79
C LEU B 233 -6.02 -48.40 16.25
N PHE B 234 -6.15 -47.23 16.87
CA PHE B 234 -5.45 -46.06 16.39
C PHE B 234 -3.94 -46.20 16.60
N VAL B 235 -3.52 -46.54 17.81
CA VAL B 235 -2.10 -46.54 18.13
C VAL B 235 -1.50 -47.87 17.67
N ALA B 236 -2.31 -48.69 17.02
CA ALA B 236 -1.80 -49.87 16.32
C ALA B 236 -1.60 -49.59 14.85
N GLY B 237 -2.60 -49.03 14.18
CA GLY B 237 -2.46 -48.69 12.78
C GLY B 237 -1.80 -47.38 12.49
N PHE B 238 -1.36 -46.65 13.51
CA PHE B 238 -0.71 -45.36 13.30
C PHE B 238 0.81 -45.50 13.23
N ILE B 239 1.43 -46.03 14.29
CA ILE B 239 2.87 -46.18 14.30
C ILE B 239 3.25 -47.44 13.54
N GLY B 240 4.38 -47.39 12.86
CA GLY B 240 4.75 -48.42 11.91
C GLY B 240 4.52 -47.92 10.50
N SER B 241 5.58 -47.85 9.69
CA SER B 241 5.52 -47.12 8.43
C SER B 241 4.56 -47.79 7.44
N PRO B 242 4.66 -49.10 7.16
CA PRO B 242 3.56 -49.75 6.44
C PRO B 242 2.42 -50.08 7.40
N ALA B 243 1.29 -49.41 7.23
CA ALA B 243 0.24 -49.44 8.24
C ALA B 243 -0.27 -50.86 8.47
N MET B 244 -0.92 -51.06 9.61
CA MET B 244 -1.38 -52.37 10.00
C MET B 244 -2.61 -52.77 9.19
N ASN B 245 -2.65 -54.03 8.78
CA ASN B 245 -3.80 -54.58 8.07
C ASN B 245 -4.87 -55.00 9.07
N PHE B 246 -6.06 -54.42 8.94
CA PHE B 246 -7.16 -54.68 9.86
C PHE B 246 -8.20 -55.54 9.14
N PHE B 247 -8.31 -56.80 9.55
CA PHE B 247 -9.21 -57.77 8.96
C PHE B 247 -10.44 -57.94 9.84
N PRO B 248 -11.64 -57.97 9.27
CA PRO B 248 -12.84 -58.25 10.08
C PRO B 248 -12.92 -59.73 10.39
N ALA B 249 -12.60 -60.08 11.64
CA ALA B 249 -12.51 -61.47 12.05
C ALA B 249 -13.86 -61.96 12.57
N THR B 250 -13.88 -63.15 13.15
CA THR B 250 -15.09 -63.76 13.66
C THR B 250 -14.74 -64.79 14.71
N ARG B 251 -15.44 -64.77 15.83
CA ARG B 251 -15.21 -65.74 16.89
C ARG B 251 -15.68 -67.12 16.45
N THR B 252 -14.82 -68.13 16.66
CA THR B 252 -15.16 -69.51 16.31
C THR B 252 -15.07 -70.45 17.50
N ASP B 253 -14.95 -69.93 18.71
CA ASP B 253 -14.99 -70.64 19.98
C ASP B 253 -13.79 -71.57 20.19
N VAL B 254 -12.90 -71.71 19.22
CA VAL B 254 -11.70 -72.53 19.38
C VAL B 254 -10.49 -71.71 18.94
N GLY B 255 -10.74 -70.50 18.44
CA GLY B 255 -9.70 -69.66 17.88
C GLY B 255 -10.30 -68.40 17.31
N VAL B 256 -9.91 -68.04 16.09
CA VAL B 256 -10.51 -66.93 15.37
C VAL B 256 -10.83 -67.36 13.95
N ARG B 257 -11.86 -66.75 13.38
CA ARG B 257 -12.25 -67.00 11.99
C ARG B 257 -11.88 -65.76 11.17
N LEU B 258 -10.83 -65.86 10.38
CA LEU B 258 -10.44 -64.77 9.50
C LEU B 258 -11.46 -64.60 8.39
N PRO B 259 -11.45 -63.46 7.71
CA PRO B 259 -12.31 -63.30 6.53
C PRO B 259 -12.15 -64.43 5.52
N PHE B 260 -10.93 -64.91 5.33
CA PHE B 260 -10.64 -66.00 4.40
C PHE B 260 -9.67 -66.98 5.03
N GLY B 261 -9.91 -67.31 6.30
CA GLY B 261 -9.02 -68.24 6.99
C GLY B 261 -9.58 -68.78 8.28
N GLU B 262 -9.25 -70.03 8.60
CA GLU B 262 -9.66 -70.68 9.83
C GLU B 262 -8.42 -71.11 10.61
N VAL B 263 -8.33 -70.71 11.87
CA VAL B 263 -7.18 -71.03 12.70
C VAL B 263 -7.63 -71.06 14.16
N THR B 264 -7.08 -72.00 14.92
CA THR B 264 -7.35 -72.14 16.35
C THR B 264 -6.14 -71.60 17.12
N LEU B 265 -6.33 -70.47 17.78
CA LEU B 265 -5.26 -69.87 18.57
C LEU B 265 -5.05 -70.67 19.85
N THR B 266 -3.89 -70.47 20.47
CA THR B 266 -3.52 -71.23 21.66
C THR B 266 -4.62 -71.14 22.72
N PRO B 267 -4.93 -72.23 23.41
CA PRO B 267 -6.12 -72.24 24.28
C PRO B 267 -5.99 -71.34 25.50
N HIS B 268 -4.78 -71.19 26.04
CA HIS B 268 -4.60 -70.30 27.19
C HIS B 268 -4.90 -68.85 26.80
N MET B 269 -4.23 -68.36 25.75
CA MET B 269 -4.57 -67.03 25.26
C MET B 269 -5.99 -66.98 24.72
N LEU B 270 -6.52 -68.12 24.25
CA LEU B 270 -7.91 -68.16 23.82
C LEU B 270 -8.85 -67.79 24.96
N ASP B 271 -8.71 -68.45 26.11
CA ASP B 271 -9.56 -68.11 27.25
C ASP B 271 -9.23 -66.72 27.80
N LEU B 272 -7.96 -66.31 27.68
CA LEU B 272 -7.60 -64.95 28.06
C LEU B 272 -8.42 -63.93 27.29
N LEU B 273 -8.50 -64.08 25.98
CA LEU B 273 -9.31 -63.18 25.17
C LEU B 273 -10.80 -63.40 25.39
N ASP B 274 -11.22 -64.63 25.70
CA ASP B 274 -12.62 -64.93 25.96
C ASP B 274 -13.03 -64.64 27.39
N LYS B 275 -12.17 -63.98 28.17
CA LYS B 275 -12.54 -63.55 29.52
C LYS B 275 -13.70 -62.56 29.52
N GLN B 276 -14.08 -62.02 28.37
CA GLN B 276 -15.21 -61.11 28.25
C GLN B 276 -15.97 -61.44 26.98
N ALA B 277 -17.28 -61.64 27.10
CA ALA B 277 -18.11 -61.98 25.95
C ALA B 277 -18.37 -60.72 25.12
N ARG B 278 -18.06 -60.80 23.82
CA ARG B 278 -18.29 -59.68 22.94
C ARG B 278 -19.29 -60.05 21.85
N PRO B 279 -20.32 -59.22 21.63
CA PRO B 279 -21.36 -59.56 20.65
C PRO B 279 -20.90 -59.46 19.20
N GLU B 280 -19.81 -60.13 18.87
CA GLU B 280 -19.29 -60.25 17.50
C GLU B 280 -18.81 -58.92 16.92
N ASN B 281 -18.40 -57.97 17.77
CA ASN B 281 -17.77 -56.75 17.28
C ASN B 281 -16.25 -56.88 17.45
N ILE B 282 -15.69 -57.83 16.69
CA ILE B 282 -14.27 -58.17 16.81
C ILE B 282 -13.63 -58.07 15.44
N ILE B 283 -12.56 -57.28 15.34
CA ILE B 283 -11.70 -57.23 14.16
C ILE B 283 -10.27 -57.41 14.62
N VAL B 284 -9.46 -58.04 13.78
CA VAL B 284 -8.08 -58.37 14.13
C VAL B 284 -7.14 -57.51 13.30
N GLY B 285 -5.85 -57.61 13.63
CA GLY B 285 -4.82 -56.88 12.91
C GLY B 285 -3.60 -57.74 12.65
N ILE B 286 -3.09 -57.68 11.43
CA ILE B 286 -1.92 -58.46 11.03
C ILE B 286 -0.88 -57.49 10.51
N ARG B 287 0.27 -57.44 11.19
CA ARG B 287 1.32 -56.54 10.76
C ARG B 287 1.84 -56.97 9.40
N PRO B 288 2.14 -56.03 8.50
CA PRO B 288 2.75 -56.40 7.22
C PRO B 288 4.05 -57.16 7.36
N GLU B 289 4.70 -57.06 8.51
CA GLU B 289 5.96 -57.77 8.69
C GLU B 289 5.73 -59.27 8.83
N HIS B 290 4.65 -59.68 9.48
CA HIS B 290 4.38 -61.10 9.70
C HIS B 290 3.50 -61.68 8.60
N ILE B 291 3.85 -61.43 7.35
CA ILE B 291 3.23 -62.09 6.21
C ILE B 291 4.32 -62.44 5.21
N GLU B 292 4.78 -63.68 5.23
CA GLU B 292 5.87 -64.09 4.37
C GLU B 292 5.32 -64.87 3.18
N ASP B 293 6.21 -65.43 2.37
CA ASP B 293 5.83 -66.20 1.21
C ASP B 293 6.02 -67.69 1.50
N SER B 294 5.71 -68.51 0.50
CA SER B 294 5.95 -69.95 0.57
C SER B 294 7.39 -70.31 0.24
N ALA B 295 8.31 -69.34 0.29
CA ALA B 295 9.68 -69.57 -0.17
C ALA B 295 10.38 -70.62 0.67
N LEU B 296 10.63 -70.33 1.94
CA LEU B 296 11.44 -71.23 2.75
C LEU B 296 10.90 -71.39 4.18
N LEU B 297 9.64 -71.03 4.43
CA LEU B 297 9.10 -71.17 5.78
C LEU B 297 8.83 -72.63 6.16
N ASP B 298 9.18 -73.58 5.31
CA ASP B 298 8.94 -74.99 5.59
C ASP B 298 9.63 -75.41 6.88
N GLY B 299 8.97 -76.32 7.61
CA GLY B 299 9.49 -76.79 8.87
C GLY B 299 8.43 -76.85 9.95
N TYR B 300 8.62 -76.08 11.02
CA TYR B 300 7.65 -76.08 12.12
C TYR B 300 6.43 -75.22 11.80
N ALA B 301 6.62 -74.12 11.06
CA ALA B 301 5.54 -73.19 10.79
C ALA B 301 4.60 -73.65 9.67
N ARG B 302 4.81 -74.85 9.12
CA ARG B 302 3.93 -75.33 8.06
C ARG B 302 2.52 -75.61 8.59
N ILE B 303 2.40 -76.10 9.81
CA ILE B 303 1.09 -76.36 10.38
C ILE B 303 0.32 -75.07 10.64
N ARG B 304 1.01 -74.03 11.11
CA ARG B 304 0.41 -72.72 11.35
C ARG B 304 0.60 -71.77 10.18
N ALA B 305 0.71 -72.29 8.96
CA ALA B 305 1.01 -71.43 7.81
C ALA B 305 -0.20 -70.58 7.42
N LEU B 306 -1.39 -71.18 7.37
CA LEU B 306 -2.60 -70.53 6.88
C LEU B 306 -2.36 -69.97 5.47
N THR B 307 -1.84 -70.83 4.60
CA THR B 307 -1.43 -70.43 3.25
C THR B 307 -2.67 -70.15 2.41
N PHE B 308 -2.99 -68.86 2.25
CA PHE B 308 -4.05 -68.43 1.36
C PHE B 308 -3.46 -68.07 0.00
N SER B 309 -4.26 -67.48 -0.86
CA SER B 309 -3.81 -67.13 -2.20
C SER B 309 -4.51 -65.86 -2.65
N VAL B 310 -3.74 -64.96 -3.27
CA VAL B 310 -4.27 -63.68 -3.73
C VAL B 310 -3.33 -63.15 -4.81
N ARG B 311 -3.88 -62.34 -5.72
CA ARG B 311 -3.11 -61.81 -6.83
C ARG B 311 -2.40 -60.53 -6.41
N ALA B 312 -1.11 -60.46 -6.72
CA ALA B 312 -0.30 -59.30 -6.37
C ALA B 312 -0.76 -58.10 -7.21
N ASP B 313 -1.46 -57.17 -6.56
CA ASP B 313 -1.88 -55.95 -7.25
C ASP B 313 -0.67 -55.19 -7.79
N ILE B 314 0.22 -54.77 -6.90
CA ILE B 314 1.50 -54.19 -7.25
C ILE B 314 2.56 -54.87 -6.41
N VAL B 315 3.81 -54.76 -6.85
CA VAL B 315 4.95 -55.30 -6.10
C VAL B 315 6.01 -54.20 -6.08
N GLU B 316 6.05 -53.44 -4.99
CA GLU B 316 7.10 -52.43 -4.80
C GLU B 316 8.35 -53.15 -4.34
N SER B 317 9.23 -53.45 -5.29
CA SER B 317 10.49 -54.17 -5.02
C SER B 317 11.59 -53.12 -4.88
N LEU B 318 11.57 -52.42 -3.75
CA LEU B 318 12.48 -51.31 -3.52
C LEU B 318 13.78 -51.73 -2.84
N GLY B 319 14.19 -52.99 -3.00
CA GLY B 319 15.43 -53.45 -2.40
C GLY B 319 15.35 -54.85 -1.86
N ALA B 320 15.82 -55.04 -0.62
CA ALA B 320 15.82 -56.36 -0.01
C ALA B 320 14.54 -56.62 0.78
N ASP B 321 13.43 -55.98 0.43
CA ASP B 321 12.15 -56.19 1.07
C ASP B 321 11.05 -55.80 0.10
N LYS B 322 10.43 -56.80 -0.54
CA LYS B 322 9.45 -56.58 -1.58
C LYS B 322 8.08 -56.40 -0.92
N TYR B 323 7.55 -55.18 -1.00
CA TYR B 323 6.20 -54.93 -0.49
C TYR B 323 5.22 -55.33 -1.58
N VAL B 324 4.61 -56.50 -1.45
CA VAL B 324 3.59 -56.95 -2.38
C VAL B 324 2.24 -56.51 -1.84
N HIS B 325 1.52 -55.72 -2.62
CA HIS B 325 0.17 -55.35 -2.23
C HIS B 325 -0.77 -56.52 -2.47
N PHE B 326 -2.04 -56.32 -2.14
CA PHE B 326 -3.12 -57.20 -2.60
C PHE B 326 -4.44 -56.61 -2.16
N THR B 327 -5.50 -57.04 -2.82
CA THR B 327 -6.86 -56.65 -2.50
C THR B 327 -7.56 -57.81 -1.80
N THR B 328 -8.80 -57.59 -1.41
CA THR B 328 -9.58 -58.64 -0.76
C THR B 328 -11.06 -58.38 -1.01
N GLU B 329 -11.84 -59.46 -1.04
CA GLU B 329 -13.28 -59.36 -1.25
C GLU B 329 -13.95 -58.82 0.01
N GLY B 330 -15.25 -58.54 -0.12
CA GLY B 330 -16.10 -58.11 0.97
C GLY B 330 -15.61 -56.82 1.62
N ALA B 331 -16.08 -56.62 2.85
CA ALA B 331 -15.70 -55.47 3.67
C ALA B 331 -16.09 -55.78 5.11
N GLY B 332 -15.93 -54.79 5.98
CA GLY B 332 -16.32 -54.95 7.37
C GLY B 332 -15.35 -54.34 8.36
N ALA B 333 -14.17 -53.95 7.88
CA ALA B 333 -13.18 -53.31 8.73
C ALA B 333 -13.61 -51.86 8.95
N GLU B 334 -14.46 -51.64 9.94
CA GLU B 334 -15.01 -50.31 10.20
C GLU B 334 -15.17 -50.10 11.69
N SER B 335 -14.76 -48.91 12.15
CA SER B 335 -14.93 -48.48 13.52
C SER B 335 -14.75 -46.97 13.56
N ALA B 336 -14.79 -46.40 14.76
CA ALA B 336 -14.49 -44.98 14.90
C ALA B 336 -13.00 -44.72 14.86
N GLN B 337 -12.23 -45.54 15.58
CA GLN B 337 -10.77 -45.44 15.54
C GLN B 337 -10.25 -45.63 14.12
N LEU B 338 -10.71 -46.67 13.44
CA LEU B 338 -10.24 -46.94 12.09
C LEU B 338 -10.64 -45.81 11.14
N ALA B 339 -11.82 -45.22 11.33
CA ALA B 339 -12.23 -44.11 10.49
C ALA B 339 -11.32 -42.89 10.71
N GLU B 340 -11.06 -42.55 11.96
CA GLU B 340 -10.21 -41.40 12.24
C GLU B 340 -8.75 -41.67 11.88
N LEU B 341 -8.35 -42.93 11.79
CA LEU B 341 -7.00 -43.27 11.34
C LEU B 341 -6.89 -43.24 9.83
N ALA B 342 -7.94 -43.65 9.13
CA ALA B 342 -7.96 -43.57 7.67
C ALA B 342 -8.24 -42.17 7.17
N ALA B 343 -8.71 -41.27 8.04
CA ALA B 343 -8.98 -39.89 7.64
C ALA B 343 -7.74 -39.17 7.11
N ASP B 344 -6.56 -39.76 7.31
CA ASP B 344 -5.30 -39.11 6.86
C ASP B 344 -4.67 -39.90 5.69
N SER B 345 -4.66 -41.24 5.78
CA SER B 345 -4.05 -42.07 4.76
C SER B 345 -4.66 -43.46 4.87
N GLY B 346 -4.05 -44.44 4.20
CA GLY B 346 -4.62 -45.77 4.15
C GLY B 346 -5.96 -45.82 3.46
N ALA B 347 -6.19 -44.93 2.49
CA ALA B 347 -7.47 -44.85 1.82
C ALA B 347 -7.81 -46.18 1.15
N GLY B 348 -9.10 -46.51 1.12
CA GLY B 348 -9.54 -47.79 0.64
C GLY B 348 -9.45 -48.84 1.72
N THR B 349 -10.52 -49.61 1.90
CA THR B 349 -10.56 -50.64 2.93
C THR B 349 -10.19 -52.01 2.39
N ASN B 350 -9.78 -52.10 1.13
CA ASN B 350 -9.40 -53.37 0.52
C ASN B 350 -8.08 -53.24 -0.22
N GLN B 351 -7.14 -52.47 0.33
CA GLN B 351 -5.80 -52.31 -0.24
C GLN B 351 -4.79 -52.63 0.85
N PHE B 352 -4.45 -53.91 1.00
CA PHE B 352 -3.54 -54.36 2.04
C PHE B 352 -2.14 -54.58 1.47
N ILE B 353 -1.17 -54.63 2.37
CA ILE B 353 0.24 -54.71 2.03
C ILE B 353 0.86 -55.86 2.80
N ALA B 354 1.86 -56.52 2.20
CA ALA B 354 2.57 -57.58 2.88
C ALA B 354 4.02 -57.54 2.46
N ARG B 355 4.93 -57.53 3.43
CA ARG B 355 6.36 -57.46 3.13
C ARG B 355 6.91 -58.88 3.03
N VAL B 356 7.49 -59.19 1.87
CA VAL B 356 8.10 -60.49 1.62
C VAL B 356 9.61 -60.31 1.47
N SER B 357 10.36 -61.24 2.03
CA SER B 357 11.80 -61.25 1.82
C SER B 357 12.10 -61.38 0.33
N ALA B 358 13.18 -60.72 -0.10
CA ALA B 358 13.50 -60.61 -1.52
C ALA B 358 13.79 -61.96 -2.16
N ASP B 359 13.76 -63.03 -1.38
CA ASP B 359 14.00 -64.36 -1.92
C ASP B 359 12.91 -64.75 -2.93
N SER B 360 11.67 -64.32 -2.66
CA SER B 360 10.54 -64.76 -3.47
C SER B 360 10.63 -64.25 -4.90
N ARG B 361 9.76 -64.78 -5.76
CA ARG B 361 9.70 -64.40 -7.17
C ARG B 361 8.25 -64.06 -7.49
N VAL B 362 7.96 -62.76 -7.56
CA VAL B 362 6.61 -62.28 -7.85
C VAL B 362 6.71 -61.11 -8.81
N ARG B 363 5.65 -60.91 -9.60
CA ARG B 363 5.55 -59.80 -10.53
C ARG B 363 4.15 -59.22 -10.44
N THR B 364 3.97 -58.06 -11.06
CA THR B 364 2.67 -57.39 -11.04
C THR B 364 1.60 -58.27 -11.67
N GLY B 365 0.51 -58.48 -10.94
CA GLY B 365 -0.58 -59.31 -11.42
C GLY B 365 -0.21 -60.77 -11.51
N GLU B 366 0.03 -61.40 -10.37
CA GLU B 366 0.41 -62.82 -10.34
C GLU B 366 -0.18 -63.46 -9.09
N GLN B 367 -0.74 -64.65 -9.26
CA GLN B 367 -1.34 -65.38 -8.15
C GLN B 367 -0.23 -65.90 -7.24
N ILE B 368 -0.07 -65.27 -6.08
CA ILE B 368 0.96 -65.65 -5.11
C ILE B 368 0.28 -66.07 -3.82
N GLU B 369 0.86 -67.09 -3.17
CA GLU B 369 0.29 -67.67 -1.95
C GLU B 369 1.08 -67.18 -0.76
N LEU B 370 0.62 -66.08 -0.17
CA LEU B 370 1.22 -65.54 1.04
C LEU B 370 0.80 -66.37 2.25
N ALA B 371 1.72 -66.56 3.19
CA ALA B 371 1.49 -67.32 4.39
C ALA B 371 1.77 -66.47 5.63
N ILE B 372 0.91 -66.60 6.63
CA ILE B 372 0.97 -65.79 7.84
C ILE B 372 1.41 -66.67 9.00
N ASP B 373 2.37 -66.18 9.79
CA ASP B 373 2.75 -66.83 11.03
C ASP B 373 1.68 -66.50 12.06
N THR B 374 0.69 -67.38 12.19
CA THR B 374 -0.53 -67.06 12.93
C THR B 374 -0.35 -67.25 14.44
N THR B 375 0.70 -66.65 15.00
CA THR B 375 0.89 -66.62 16.44
C THR B 375 1.15 -65.22 16.97
N LYS B 376 1.24 -64.22 16.10
CA LYS B 376 1.50 -62.84 16.50
C LYS B 376 0.44 -61.88 15.99
N LEU B 377 -0.80 -62.34 15.84
CA LEU B 377 -1.90 -61.47 15.44
C LEU B 377 -2.67 -61.04 16.68
N SER B 378 -3.02 -59.76 16.74
CA SER B 378 -3.72 -59.19 17.87
C SER B 378 -5.18 -58.99 17.52
N ILE B 379 -6.07 -59.25 18.48
CA ILE B 379 -7.51 -59.09 18.28
C ILE B 379 -7.96 -57.80 18.93
N PHE B 380 -8.87 -57.09 18.27
CA PHE B 380 -9.34 -55.79 18.71
C PHE B 380 -10.85 -55.80 18.77
N ASP B 381 -11.40 -54.92 19.62
CA ASP B 381 -12.83 -54.71 19.66
C ASP B 381 -13.26 -53.85 18.48
N ALA B 382 -14.56 -53.56 18.38
CA ALA B 382 -15.08 -52.68 17.36
C ALA B 382 -15.95 -51.56 17.92
N ALA B 383 -15.90 -51.33 19.23
CA ALA B 383 -16.59 -50.20 19.84
C ALA B 383 -15.66 -49.22 20.53
N THR B 384 -14.73 -49.69 21.36
CA THR B 384 -13.73 -48.84 21.97
C THR B 384 -12.34 -49.01 21.35
N GLY B 385 -12.22 -49.88 20.35
CA GLY B 385 -10.94 -50.10 19.70
C GLY B 385 -9.84 -50.62 20.61
N LEU B 386 -10.20 -50.92 21.86
CA LEU B 386 -9.21 -51.38 22.87
C LEU B 386 -8.63 -52.74 22.48
N ASN B 387 -7.35 -52.97 22.78
CA ASN B 387 -6.75 -54.27 22.57
C ASN B 387 -7.25 -55.26 23.62
N LEU B 388 -7.06 -56.54 23.34
CA LEU B 388 -7.51 -57.58 24.26
C LEU B 388 -6.39 -58.56 24.59
N THR B 389 -5.42 -58.70 23.68
CA THR B 389 -4.25 -59.52 23.98
C THR B 389 -3.46 -58.91 25.13
N ARG B 390 -2.94 -57.71 24.92
CA ARG B 390 -2.30 -56.93 25.98
C ARG B 390 -2.33 -55.47 25.58
N ASP B 391 -2.23 -54.60 26.58
CA ASP B 391 -2.23 -53.16 26.34
C ASP B 391 -0.84 -52.56 26.55
N LYS C 17 17.79 -12.14 -25.69
CA LYS C 17 17.72 -10.91 -24.91
C LYS C 17 17.97 -9.69 -25.80
N LYS C 18 18.57 -9.92 -26.96
CA LYS C 18 18.84 -8.82 -27.89
C LYS C 18 17.54 -8.20 -28.39
N SER C 19 16.48 -8.99 -28.51
CA SER C 19 15.17 -8.48 -28.90
C SER C 19 14.22 -8.33 -27.72
N GLU C 20 14.68 -8.65 -26.51
CA GLU C 20 13.89 -8.45 -25.31
C GLU C 20 14.10 -7.06 -24.71
N ARG C 21 15.35 -6.59 -24.66
CA ARG C 21 15.60 -5.22 -24.25
C ARG C 21 14.94 -4.23 -25.21
N ARG C 22 14.81 -4.60 -26.48
CA ARG C 22 14.10 -3.74 -27.43
C ARG C 22 12.66 -3.54 -27.00
N LEU C 23 11.97 -4.64 -26.66
CA LEU C 23 10.60 -4.53 -26.17
C LEU C 23 10.54 -3.76 -24.86
N ALA C 24 11.49 -4.00 -23.97
CA ALA C 24 11.55 -3.25 -22.72
C ALA C 24 11.62 -1.75 -22.98
N PHE C 25 12.53 -1.34 -23.86
CA PHE C 25 12.68 0.09 -24.14
C PHE C 25 11.47 0.66 -24.87
N TRP C 26 10.89 -0.10 -25.79
CA TRP C 26 9.74 0.42 -26.52
C TRP C 26 8.46 0.40 -25.69
N LEU C 27 8.45 -0.28 -24.55
CA LEU C 27 7.36 -0.14 -23.60
C LEU C 27 7.63 0.96 -22.58
N ILE C 28 8.89 1.18 -22.21
CA ILE C 28 9.24 2.18 -21.21
C ILE C 28 9.36 3.58 -21.79
N ALA C 29 9.47 3.71 -23.11
CA ALA C 29 9.69 5.01 -23.74
C ALA C 29 8.53 5.99 -23.57
N PRO C 30 7.27 5.59 -23.68
CA PRO C 30 6.19 6.59 -23.53
C PRO C 30 6.21 7.30 -22.19
N ALA C 31 6.24 6.54 -21.09
CA ALA C 31 6.23 7.15 -19.77
C ALA C 31 7.46 8.03 -19.55
N VAL C 32 8.63 7.57 -19.99
CA VAL C 32 9.85 8.32 -19.77
C VAL C 32 9.82 9.62 -20.56
N LEU C 33 9.46 9.55 -21.84
CA LEU C 33 9.37 10.76 -22.65
C LEU C 33 8.35 11.74 -22.08
N LEU C 34 7.22 11.23 -21.57
CA LEU C 34 6.20 12.11 -21.03
C LEU C 34 6.69 12.80 -19.75
N MET C 35 7.19 12.03 -18.80
CA MET C 35 7.70 12.60 -17.57
C MET C 35 8.83 13.59 -17.86
N LEU C 36 9.65 13.31 -18.87
CA LEU C 36 10.72 14.24 -19.23
C LEU C 36 10.15 15.54 -19.78
N ALA C 37 9.26 15.45 -20.77
CA ALA C 37 8.75 16.64 -21.42
C ALA C 37 7.78 17.43 -20.54
N VAL C 38 7.40 16.91 -19.38
CA VAL C 38 6.55 17.65 -18.46
C VAL C 38 7.22 18.00 -17.14
N THR C 39 8.37 17.40 -16.81
CA THR C 39 9.02 17.67 -15.53
C THR C 39 10.47 18.16 -15.68
N ALA C 40 11.05 18.09 -16.87
CA ALA C 40 12.41 18.57 -17.08
C ALA C 40 12.49 19.78 -17.99
N TYR C 41 11.50 19.99 -18.85
CA TYR C 41 11.43 21.24 -19.62
C TYR C 41 10.85 22.37 -18.79
N PRO C 42 9.80 22.15 -17.99
CA PRO C 42 9.34 23.23 -17.10
C PRO C 42 10.41 23.70 -16.12
N ILE C 43 11.14 22.79 -15.48
CA ILE C 43 12.18 23.22 -14.55
C ILE C 43 13.41 23.74 -15.27
N GLY C 44 13.59 23.40 -16.54
CA GLY C 44 14.62 24.06 -17.32
C GLY C 44 14.21 25.39 -17.88
N TYR C 45 12.91 25.68 -17.85
CA TYR C 45 12.33 26.93 -18.31
C TYR C 45 12.20 27.94 -17.17
N ALA C 46 11.94 27.44 -15.97
CA ALA C 46 11.85 28.33 -14.81
C ALA C 46 13.20 28.95 -14.46
N VAL C 47 14.29 28.20 -14.64
CA VAL C 47 15.62 28.75 -14.39
C VAL C 47 15.97 29.82 -15.41
N TRP C 48 15.30 29.81 -16.57
CA TRP C 48 15.51 30.90 -17.53
C TRP C 48 14.60 32.08 -17.23
N LEU C 49 13.36 31.81 -16.82
CA LEU C 49 12.45 32.89 -16.49
C LEU C 49 12.90 33.65 -15.24
N SER C 50 13.49 32.97 -14.27
CA SER C 50 13.80 33.60 -12.99
C SER C 50 14.88 34.65 -13.08
N LEU C 51 15.96 34.38 -13.81
CA LEU C 51 17.00 35.38 -14.04
C LEU C 51 16.55 36.26 -15.20
N GLN C 52 15.49 37.03 -14.97
CA GLN C 52 14.91 37.90 -15.97
C GLN C 52 13.97 38.89 -15.29
N ARG C 53 13.19 39.64 -16.07
CA ARG C 53 12.26 40.61 -15.51
C ARG C 53 11.07 40.70 -16.46
N TYR C 54 9.95 40.11 -16.06
CA TYR C 54 8.85 39.81 -16.98
C TYR C 54 7.60 40.62 -16.70
N ASN C 55 7.03 40.48 -15.50
CA ASN C 55 5.97 41.34 -14.97
C ASN C 55 4.63 41.19 -15.67
N LEU C 56 4.60 40.52 -16.82
CA LEU C 56 3.38 40.03 -17.48
C LEU C 56 2.31 41.11 -17.67
N ALA C 57 2.61 42.34 -17.25
CA ALA C 57 1.68 43.45 -17.38
C ALA C 57 2.27 44.63 -18.14
N GLU C 58 3.58 44.66 -18.30
CA GLU C 58 4.25 45.60 -19.19
C GLU C 58 5.19 44.78 -20.06
N PRO C 59 4.67 44.12 -21.09
CA PRO C 59 5.48 43.24 -21.93
C PRO C 59 6.36 43.96 -22.94
N HIS C 60 6.45 45.28 -22.87
CA HIS C 60 7.38 46.05 -23.69
C HIS C 60 8.70 46.27 -22.98
N ASP C 61 8.73 46.17 -21.66
CA ASP C 61 9.94 46.35 -20.86
C ASP C 61 10.29 45.01 -20.22
N THR C 62 11.01 44.19 -20.96
CA THR C 62 11.54 42.92 -20.47
C THR C 62 13.02 42.85 -20.80
N GLU C 63 13.81 42.36 -19.85
CA GLU C 63 15.26 42.40 -20.00
C GLU C 63 15.87 41.27 -19.19
N PHE C 64 17.17 41.04 -19.43
CA PHE C 64 17.94 40.06 -18.68
C PHE C 64 18.55 40.77 -17.48
N ILE C 65 18.18 40.34 -16.29
CA ILE C 65 18.50 41.05 -15.06
C ILE C 65 19.50 40.30 -14.19
N GLY C 66 19.99 39.14 -14.65
CA GLY C 66 21.00 38.45 -13.89
C GLY C 66 20.46 37.83 -12.62
N LEU C 67 21.32 37.72 -11.62
CA LEU C 67 20.98 37.11 -10.33
C LEU C 67 20.22 38.06 -9.42
N ALA C 68 19.64 39.12 -9.94
CA ALA C 68 18.93 40.11 -9.13
C ALA C 68 17.47 39.76 -8.92
N ASN C 69 17.11 38.48 -9.07
CA ASN C 69 15.81 38.00 -8.66
C ASN C 69 15.87 36.93 -7.59
N TYR C 70 17.03 36.32 -7.37
CA TYR C 70 17.23 35.49 -6.19
C TYR C 70 17.67 36.35 -5.01
N VAL C 71 18.59 37.28 -5.25
CA VAL C 71 19.16 38.11 -4.20
C VAL C 71 18.12 39.14 -3.76
N THR C 72 16.93 39.11 -4.38
CA THR C 72 15.82 39.92 -3.91
C THR C 72 14.72 39.10 -3.26
N VAL C 73 14.79 37.77 -3.35
CA VAL C 73 13.90 36.90 -2.59
C VAL C 73 14.52 36.47 -1.28
N LEU C 74 15.82 36.16 -1.31
CA LEU C 74 16.51 35.70 -0.11
C LEU C 74 16.73 36.81 0.91
N THR C 75 16.71 38.08 0.48
CA THR C 75 17.10 39.17 1.36
C THR C 75 15.96 39.78 2.15
N ASP C 76 14.72 39.68 1.66
CA ASP C 76 13.60 40.36 2.30
C ASP C 76 12.79 39.40 3.15
N GLY C 77 12.33 39.89 4.29
CA GLY C 77 11.66 39.07 5.29
C GLY C 77 10.24 38.68 4.95
N TYR C 78 9.89 38.71 3.67
CA TYR C 78 8.63 38.14 3.22
C TYR C 78 8.78 36.70 2.79
N TRP C 79 9.99 36.26 2.46
CA TRP C 79 10.25 34.88 2.07
C TRP C 79 10.60 34.01 3.27
N TRP C 80 11.36 34.56 4.23
CA TRP C 80 11.78 33.76 5.37
C TRP C 80 10.62 33.47 6.31
N THR C 81 9.75 34.46 6.55
CA THR C 81 8.58 34.20 7.37
C THR C 81 7.56 33.32 6.67
N ALA C 82 7.79 32.98 5.40
CA ALA C 82 7.03 31.96 4.71
C ALA C 82 7.85 30.73 4.41
N PHE C 83 9.12 30.71 4.83
CA PHE C 83 9.93 29.52 4.82
C PHE C 83 10.09 28.92 6.20
N ALA C 84 9.81 29.69 7.25
CA ALA C 84 9.78 29.17 8.61
C ALA C 84 8.41 28.64 8.99
N VAL C 85 7.34 29.15 8.37
CA VAL C 85 6.01 28.61 8.63
C VAL C 85 5.87 27.23 7.99
N THR C 86 6.35 27.07 6.76
CA THR C 86 6.32 25.77 6.12
C THR C 86 7.31 24.79 6.70
N LEU C 87 8.00 25.16 7.79
CA LEU C 87 8.78 24.23 8.60
C LEU C 87 8.13 24.00 9.95
N GLY C 88 7.72 25.06 10.63
CA GLY C 88 6.91 24.92 11.84
C GLY C 88 5.59 24.22 11.61
N ILE C 89 5.25 23.91 10.36
CA ILE C 89 4.14 23.02 10.05
C ILE C 89 4.64 21.65 9.64
N THR C 90 5.69 21.59 8.81
CA THR C 90 6.10 20.32 8.23
C THR C 90 6.98 19.49 9.16
N VAL C 91 7.36 20.02 10.32
CA VAL C 91 8.06 19.22 11.33
C VAL C 91 7.18 18.88 12.51
N VAL C 92 6.01 19.52 12.63
CA VAL C 92 5.04 19.15 13.65
C VAL C 92 4.01 18.18 13.10
N SER C 93 3.51 18.43 11.88
CA SER C 93 2.56 17.54 11.24
C SER C 93 3.21 16.31 10.65
N VAL C 94 4.47 16.05 10.99
CA VAL C 94 5.10 14.77 10.74
C VAL C 94 5.40 14.04 12.04
N ALA C 95 5.83 14.76 13.07
CA ALA C 95 5.97 14.15 14.39
C ALA C 95 4.63 13.61 14.88
N ILE C 96 3.61 14.47 14.93
CA ILE C 96 2.28 14.04 15.37
C ILE C 96 1.73 12.98 14.42
N GLU C 97 1.94 13.19 13.12
CA GLU C 97 1.40 12.26 12.14
C GLU C 97 2.01 10.88 12.27
N PHE C 98 3.29 10.80 12.62
CA PHE C 98 3.93 9.50 12.81
C PHE C 98 3.48 8.86 14.11
N ALA C 99 3.48 9.64 15.19
CA ALA C 99 3.03 9.10 16.48
C ALA C 99 1.58 8.64 16.44
N LEU C 100 0.79 9.11 15.48
CA LEU C 100 -0.59 8.68 15.34
C LEU C 100 -0.77 7.60 14.28
N GLY C 101 -0.03 7.68 13.17
CA GLY C 101 -0.11 6.64 12.16
C GLY C 101 0.44 5.32 12.62
N LEU C 102 1.43 5.34 13.53
CA LEU C 102 1.88 4.10 14.12
C LEU C 102 0.77 3.43 14.93
N ALA C 103 0.01 4.23 15.68
CA ALA C 103 -1.11 3.68 16.43
C ALA C 103 -2.17 3.11 15.50
N LEU C 104 -2.51 3.86 14.44
CA LEU C 104 -3.49 3.36 13.49
C LEU C 104 -3.00 2.08 12.81
N ALA C 105 -1.71 1.98 12.52
CA ALA C 105 -1.19 0.78 11.87
C ALA C 105 -1.24 -0.42 12.81
N LEU C 106 -0.79 -0.24 14.05
CA LEU C 106 -0.90 -1.31 15.04
C LEU C 106 -2.34 -1.74 15.23
N VAL C 107 -3.28 -0.79 15.18
CA VAL C 107 -4.68 -1.14 15.37
C VAL C 107 -5.21 -1.93 14.19
N MET C 108 -4.97 -1.45 12.97
CA MET C 108 -5.46 -2.15 11.79
C MET C 108 -4.77 -3.49 11.58
N HIS C 109 -3.62 -3.72 12.21
CA HIS C 109 -2.94 -5.00 12.04
C HIS C 109 -3.20 -5.98 13.17
N ARG C 110 -3.42 -5.51 14.39
CA ARG C 110 -3.66 -6.38 15.53
C ARG C 110 -5.04 -6.18 16.13
N THR C 111 -6.07 -6.07 15.29
CA THR C 111 -7.43 -6.02 15.80
C THR C 111 -8.07 -7.40 15.75
N ILE C 112 -8.85 -7.71 16.79
CA ILE C 112 -9.40 -9.06 16.91
C ILE C 112 -10.57 -9.24 15.96
N PHE C 113 -11.54 -8.32 15.98
CA PHE C 113 -12.66 -8.34 15.05
C PHE C 113 -12.68 -7.01 14.29
N GLY C 114 -13.73 -6.84 13.49
CA GLY C 114 -13.76 -5.72 12.58
C GLY C 114 -12.81 -5.95 11.43
N LYS C 115 -11.77 -5.11 11.34
CA LYS C 115 -10.71 -5.25 10.35
C LYS C 115 -11.24 -5.08 8.92
N GLY C 116 -12.54 -4.85 8.78
CA GLY C 116 -13.14 -4.58 7.50
C GLY C 116 -14.07 -3.39 7.60
N ALA C 117 -14.37 -3.00 8.83
CA ALA C 117 -15.18 -1.82 9.09
C ALA C 117 -14.36 -0.65 9.60
N VAL C 118 -13.14 -0.89 10.08
CA VAL C 118 -12.22 0.18 10.40
C VAL C 118 -11.17 0.38 9.32
N ARG C 119 -10.71 -0.70 8.68
CA ARG C 119 -9.82 -0.59 7.54
C ARG C 119 -10.50 0.03 6.33
N THR C 120 -11.82 0.21 6.37
CA THR C 120 -12.53 0.92 5.32
C THR C 120 -13.00 2.30 5.74
N ALA C 121 -13.01 2.60 7.04
CA ALA C 121 -13.21 3.97 7.48
C ALA C 121 -11.92 4.76 7.52
N ILE C 122 -10.78 4.07 7.56
CA ILE C 122 -9.50 4.76 7.45
C ILE C 122 -9.32 5.32 6.04
N LEU C 123 -9.88 4.65 5.04
CA LEU C 123 -9.67 5.08 3.66
C LEU C 123 -10.55 6.26 3.26
N ILE C 124 -11.53 6.65 4.08
CA ILE C 124 -12.39 7.78 3.72
C ILE C 124 -11.60 9.09 3.79
N PRO C 125 -10.91 9.41 4.89
CA PRO C 125 -10.07 10.63 4.87
C PRO C 125 -8.87 10.53 3.95
N TYR C 126 -8.69 9.43 3.23
CA TYR C 126 -7.61 9.34 2.27
C TYR C 126 -8.04 9.81 0.88
N GLY C 127 -9.26 9.51 0.48
CA GLY C 127 -9.71 9.85 -0.85
C GLY C 127 -10.56 11.09 -0.91
N ILE C 128 -10.97 11.59 0.27
CA ILE C 128 -11.80 12.78 0.32
C ILE C 128 -11.06 13.96 -0.30
N VAL C 129 -11.79 14.83 -0.97
CA VAL C 129 -11.19 15.99 -1.62
C VAL C 129 -10.81 17.00 -0.55
N THR C 130 -9.57 17.49 -0.62
CA THR C 130 -9.06 18.36 0.44
C THR C 130 -9.78 19.71 0.47
N VAL C 131 -10.29 20.16 -0.68
CA VAL C 131 -11.13 21.35 -0.69
C VAL C 131 -12.49 21.11 -0.06
N ALA C 132 -12.81 19.85 0.22
CA ALA C 132 -14.02 19.50 0.94
C ALA C 132 -13.74 18.98 2.34
N ALA C 133 -12.48 18.76 2.69
CA ALA C 133 -12.10 18.40 4.05
C ALA C 133 -11.42 19.54 4.78
N SER C 134 -11.16 20.67 4.12
CA SER C 134 -10.73 21.88 4.80
C SER C 134 -11.87 22.87 4.98
N TYR C 135 -12.86 22.86 4.09
CA TYR C 135 -14.11 23.56 4.32
C TYR C 135 -14.97 22.89 5.38
N SER C 136 -14.48 21.81 5.97
CA SER C 136 -15.13 21.18 7.11
C SER C 136 -14.54 21.62 8.43
N TRP C 137 -13.27 22.03 8.44
CA TRP C 137 -12.67 22.65 9.60
C TRP C 137 -12.86 24.16 9.60
N TYR C 138 -12.94 24.78 8.41
CA TYR C 138 -13.19 26.21 8.35
C TYR C 138 -14.53 26.55 8.98
N TYR C 139 -15.57 25.80 8.64
CA TYR C 139 -16.90 26.03 9.19
C TYR C 139 -17.11 25.31 10.51
N ALA C 140 -16.06 24.75 11.09
CA ALA C 140 -16.13 24.16 12.42
C ALA C 140 -15.57 25.10 13.49
N TRP C 141 -14.48 25.80 13.19
CA TRP C 141 -13.90 26.77 14.11
C TRP C 141 -14.40 28.18 13.85
N THR C 142 -15.55 28.33 13.19
CA THR C 142 -16.12 29.64 12.93
C THR C 142 -17.17 29.95 13.97
N PRO C 143 -17.03 31.00 14.77
CA PRO C 143 -17.99 31.24 15.86
C PRO C 143 -19.38 31.51 15.32
N GLY C 144 -20.38 30.88 15.95
CA GLY C 144 -21.74 30.99 15.50
C GLY C 144 -22.19 29.91 14.55
N THR C 145 -21.27 29.10 14.02
CA THR C 145 -21.64 28.09 13.04
C THR C 145 -21.18 26.68 13.40
N GLY C 146 -19.98 26.51 13.94
CA GLY C 146 -19.41 25.20 14.11
C GLY C 146 -19.40 24.77 15.57
N TYR C 147 -19.54 23.46 15.78
CA TYR C 147 -19.54 22.92 17.13
C TYR C 147 -18.19 23.09 17.82
N LEU C 148 -17.10 22.81 17.10
CA LEU C 148 -15.77 22.96 17.67
C LEU C 148 -15.43 24.42 17.99
N ALA C 149 -16.25 25.37 17.57
CA ALA C 149 -16.00 26.77 17.86
C ALA C 149 -16.65 27.23 19.16
N ASN C 150 -17.74 26.59 19.57
CA ASN C 150 -18.44 26.92 20.80
C ASN C 150 -18.02 26.03 21.96
N LEU C 151 -16.80 25.51 21.91
CA LEU C 151 -16.16 24.88 23.05
C LEU C 151 -15.04 25.74 23.62
N LEU C 152 -14.83 26.92 23.05
CA LEU C 152 -13.97 27.96 23.58
C LEU C 152 -14.83 29.03 24.25
N PRO C 153 -14.21 29.96 24.99
CA PRO C 153 -14.98 31.11 25.49
C PRO C 153 -15.71 31.86 24.38
N GLU C 154 -16.73 32.63 24.74
CA GLU C 154 -17.54 33.31 23.73
C GLU C 154 -16.71 34.35 23.00
N GLY C 155 -16.95 34.49 21.70
CA GLY C 155 -16.26 35.46 20.88
C GLY C 155 -14.76 35.25 20.84
N SER C 156 -14.32 34.14 20.24
CA SER C 156 -12.90 33.81 20.17
C SER C 156 -12.36 33.89 18.76
N ALA C 157 -12.96 33.15 17.81
CA ALA C 157 -12.57 33.18 16.40
C ALA C 157 -11.07 32.95 16.24
N PRO C 158 -10.58 31.72 16.45
CA PRO C 158 -9.14 31.49 16.36
C PRO C 158 -8.58 31.67 14.96
N LEU C 159 -9.41 31.63 13.92
CA LEU C 159 -8.95 31.79 12.55
C LEU C 159 -8.58 33.21 12.21
N THR C 160 -8.56 34.15 13.15
CA THR C 160 -8.14 35.52 12.85
C THR C 160 -6.82 35.87 13.51
N ASP C 161 -6.19 34.94 14.22
CA ASP C 161 -4.87 35.12 14.77
C ASP C 161 -3.86 34.36 13.91
N GLN C 162 -2.61 34.28 14.36
CA GLN C 162 -1.57 33.58 13.62
C GLN C 162 -1.31 32.18 14.18
N LEU C 163 -0.97 32.07 15.45
CA LEU C 163 -0.63 30.78 16.04
C LEU C 163 -1.86 29.88 16.16
N PRO C 164 -3.01 30.37 16.63
CA PRO C 164 -4.21 29.51 16.60
C PRO C 164 -4.58 29.07 15.20
N SER C 165 -4.53 29.98 14.23
CA SER C 165 -4.88 29.61 12.86
C SER C 165 -3.83 28.76 12.20
N LEU C 166 -2.66 28.60 12.81
CA LEU C 166 -1.71 27.58 12.38
C LEU C 166 -1.96 26.25 13.07
N ALA C 167 -2.45 26.29 14.30
CA ALA C 167 -2.89 25.05 14.95
C ALA C 167 -4.04 24.41 14.18
N ILE C 168 -5.00 25.22 13.72
CA ILE C 168 -6.09 24.68 12.91
C ILE C 168 -5.53 24.03 11.65
N VAL C 169 -4.53 24.66 11.03
CA VAL C 169 -3.98 24.14 9.79
C VAL C 169 -3.27 22.81 10.03
N VAL C 170 -2.47 22.73 11.09
CA VAL C 170 -1.76 21.48 11.35
C VAL C 170 -2.75 20.38 11.74
N LEU C 171 -3.84 20.73 12.42
CA LEU C 171 -4.86 19.73 12.73
C LEU C 171 -5.52 19.19 11.48
N ALA C 172 -5.91 20.09 10.57
CA ALA C 172 -6.51 19.65 9.31
C ALA C 172 -5.55 18.77 8.53
N GLU C 173 -4.27 19.16 8.47
CA GLU C 173 -3.30 18.37 7.73
C GLU C 173 -3.12 16.99 8.33
N VAL C 174 -3.00 16.91 9.66
CA VAL C 174 -2.87 15.61 10.31
C VAL C 174 -4.06 14.73 9.99
N TRP C 175 -5.27 15.25 10.21
CA TRP C 175 -6.47 14.45 9.96
C TRP C 175 -6.52 13.96 8.52
N LYS C 176 -6.23 14.83 7.57
CA LYS C 176 -6.38 14.45 6.17
C LYS C 176 -5.30 13.47 5.72
N THR C 177 -4.09 13.60 6.24
CA THR C 177 -2.97 12.89 5.63
C THR C 177 -2.43 11.71 6.43
N THR C 178 -2.87 11.51 7.68
CA THR C 178 -2.37 10.34 8.40
C THR C 178 -2.83 8.99 7.83
N PRO C 179 -3.98 8.86 7.16
CA PRO C 179 -4.39 7.54 6.67
C PRO C 179 -3.64 7.04 5.45
N PHE C 180 -2.54 7.68 5.06
CA PHE C 180 -1.61 7.11 4.09
C PHE C 180 -0.30 6.69 4.73
N MET C 181 0.19 7.50 5.68
CA MET C 181 1.28 7.04 6.54
C MET C 181 0.87 5.77 7.27
N ALA C 182 -0.40 5.66 7.66
CA ALA C 182 -0.88 4.46 8.33
C ALA C 182 -0.74 3.24 7.42
N LEU C 183 -1.17 3.36 6.17
CA LEU C 183 -1.07 2.23 5.25
C LEU C 183 0.39 1.90 4.92
N LEU C 184 1.24 2.93 4.81
CA LEU C 184 2.63 2.66 4.52
C LEU C 184 3.32 1.95 5.68
N LEU C 185 2.97 2.29 6.91
CA LEU C 185 3.51 1.58 8.06
C LEU C 185 2.93 0.18 8.17
N LEU C 186 1.66 0.00 7.79
CA LEU C 186 1.06 -1.32 7.80
C LEU C 186 1.71 -2.24 6.78
N ALA C 187 2.11 -1.68 5.64
CA ALA C 187 2.74 -2.50 4.59
C ALA C 187 4.05 -3.11 5.07
N GLY C 188 4.79 -2.38 5.90
CA GLY C 188 6.05 -2.89 6.41
C GLY C 188 5.88 -3.65 7.70
N LEU C 189 4.78 -3.40 8.40
CA LEU C 189 4.53 -4.07 9.67
C LEU C 189 3.94 -5.46 9.49
N ALA C 190 3.32 -5.73 8.34
CA ALA C 190 2.78 -7.06 8.09
C ALA C 190 3.88 -8.06 7.75
N LEU C 191 5.08 -7.59 7.43
CA LEU C 191 6.20 -8.46 7.10
C LEU C 191 7.02 -8.85 8.32
N VAL C 192 6.43 -8.78 9.51
CA VAL C 192 7.07 -9.20 10.74
C VAL C 192 6.29 -10.39 11.29
N PRO C 193 6.72 -11.61 11.00
CA PRO C 193 5.88 -12.78 11.28
C PRO C 193 5.57 -12.92 12.77
N GLN C 194 4.38 -13.47 13.05
CA GLN C 194 3.94 -13.59 14.44
C GLN C 194 4.81 -14.57 15.22
N ASP C 195 5.23 -15.66 14.59
CA ASP C 195 6.11 -16.61 15.28
C ASP C 195 7.42 -15.96 15.68
N LEU C 196 7.86 -14.94 14.95
CA LEU C 196 9.07 -14.22 15.33
C LEU C 196 8.83 -13.41 16.60
N LEU C 197 7.67 -12.74 16.70
CA LEU C 197 7.32 -12.09 17.96
C LEU C 197 7.18 -13.08 19.09
N ASN C 198 6.75 -14.30 18.80
CA ASN C 198 6.69 -15.32 19.84
C ASN C 198 8.08 -15.74 20.29
N ALA C 199 9.00 -15.90 19.33
CA ALA C 199 10.38 -16.21 19.68
C ALA C 199 10.99 -15.12 20.54
N ALA C 200 10.69 -13.86 20.23
CA ALA C 200 11.10 -12.78 21.12
C ALA C 200 10.39 -12.88 22.46
N GLN C 201 9.13 -13.33 22.44
CA GLN C 201 8.34 -13.40 23.66
C GLN C 201 8.91 -14.42 24.63
N VAL C 202 9.42 -15.55 24.11
CA VAL C 202 9.99 -16.53 25.03
C VAL C 202 11.43 -16.07 25.25
N ASP C 203 11.54 -15.02 26.05
CA ASP C 203 12.73 -14.29 26.44
C ASP C 203 12.22 -13.18 27.37
N GLY C 204 13.12 -12.35 27.89
CA GLY C 204 12.64 -11.21 28.65
C GLY C 204 12.30 -10.04 27.77
N ALA C 205 11.03 -9.90 27.39
CA ALA C 205 10.63 -8.89 26.42
C ALA C 205 9.25 -8.36 26.76
N GLY C 206 9.20 -7.21 27.42
CA GLY C 206 7.96 -6.51 27.64
C GLY C 206 7.43 -5.95 26.34
N PRO C 207 6.09 -5.90 26.19
CA PRO C 207 5.49 -5.52 24.91
C PRO C 207 6.03 -4.22 24.31
N TRP C 208 6.68 -3.40 25.14
CA TRP C 208 7.36 -2.23 24.62
C TRP C 208 8.78 -2.56 24.21
N LYS C 209 9.44 -3.46 24.96
CA LYS C 209 10.84 -3.78 24.70
C LYS C 209 11.03 -4.69 23.49
N ARG C 210 9.94 -5.09 22.82
CA ARG C 210 10.08 -5.71 21.51
C ARG C 210 9.79 -4.75 20.38
N LEU C 211 8.92 -3.77 20.58
CA LEU C 211 8.66 -2.74 19.59
C LEU C 211 9.85 -1.79 19.43
N THR C 212 10.95 -2.04 20.13
CA THR C 212 12.16 -1.25 19.98
C THR C 212 13.39 -2.07 19.63
N LYS C 213 13.28 -3.39 19.52
CA LYS C 213 14.43 -4.20 19.16
C LYS C 213 14.07 -5.29 18.16
N VAL C 214 12.79 -5.44 17.83
CA VAL C 214 12.32 -6.44 16.89
C VAL C 214 11.50 -5.82 15.76
N ILE C 215 10.53 -4.96 16.12
CA ILE C 215 9.64 -4.40 15.12
C ILE C 215 10.31 -3.25 14.38
N LEU C 216 10.74 -2.23 15.14
CA LEU C 216 11.28 -1.03 14.51
C LEU C 216 12.51 -1.30 13.65
N PRO C 217 13.51 -2.06 14.08
CA PRO C 217 14.60 -2.40 13.15
C PRO C 217 14.16 -3.25 11.98
N MET C 218 12.97 -3.86 12.02
CA MET C 218 12.47 -4.64 10.90
C MET C 218 11.61 -3.82 9.95
N ILE C 219 11.05 -2.70 10.41
CA ILE C 219 10.26 -1.83 9.56
C ILE C 219 11.02 -0.56 9.18
N LYS C 220 12.32 -0.50 9.48
CA LYS C 220 13.13 0.65 9.09
C LYS C 220 12.99 1.01 7.63
N PRO C 221 13.21 0.11 6.66
CA PRO C 221 13.07 0.51 5.25
C PRO C 221 11.65 0.85 4.85
N ALA C 222 10.67 0.67 5.73
CA ALA C 222 9.30 1.08 5.48
C ALA C 222 8.88 2.27 6.33
N ILE C 223 9.80 2.86 7.08
CA ILE C 223 9.57 4.14 7.75
C ILE C 223 10.19 5.29 6.98
N LEU C 224 11.45 5.14 6.58
CA LEU C 224 12.17 6.20 5.89
C LEU C 224 11.60 6.43 4.49
N VAL C 225 10.53 5.71 4.15
CA VAL C 225 9.73 6.04 2.98
C VAL C 225 8.50 6.79 3.47
N ALA C 226 7.75 6.18 4.38
CA ALA C 226 6.58 6.82 4.95
C ALA C 226 6.93 8.07 5.72
N LEU C 227 8.21 8.32 5.98
CA LEU C 227 8.66 9.56 6.60
C LEU C 227 9.26 10.53 5.58
N LEU C 228 9.75 10.02 4.45
CA LEU C 228 10.22 10.90 3.39
C LEU C 228 9.04 11.48 2.62
N PHE C 229 8.12 10.63 2.17
CA PHE C 229 6.92 11.09 1.49
C PHE C 229 6.22 12.18 2.28
N ARG C 230 5.83 11.85 3.52
CA ARG C 230 5.11 12.80 4.36
C ARG C 230 5.94 14.02 4.74
N THR C 231 7.20 14.03 4.29
CA THR C 231 8.12 15.16 4.53
C THR C 231 8.12 16.08 3.30
N LEU C 232 8.03 15.49 2.09
CA LEU C 232 7.99 16.23 0.85
C LEU C 232 6.58 16.59 0.44
N ASP C 233 5.57 16.06 1.13
CA ASP C 233 4.19 16.43 0.89
C ASP C 233 3.79 17.63 1.74
N ALA C 234 4.03 17.56 3.04
CA ALA C 234 3.74 18.70 3.92
C ALA C 234 4.65 19.88 3.66
N PHE C 235 5.63 19.75 2.76
CA PHE C 235 6.41 20.91 2.34
C PHE C 235 5.74 21.68 1.21
N ARG C 236 4.75 21.09 0.55
CA ARG C 236 3.97 21.78 -0.46
C ARG C 236 2.51 21.90 -0.06
N ILE C 237 2.26 22.25 1.19
CA ILE C 237 0.89 22.42 1.68
C ILE C 237 0.35 23.74 1.13
N PHE C 238 -0.63 23.65 0.25
CA PHE C 238 -1.25 24.83 -0.36
C PHE C 238 -2.73 24.93 -0.04
N ASP C 239 -3.50 23.89 -0.32
CA ASP C 239 -4.95 23.97 -0.32
C ASP C 239 -5.59 23.73 1.04
N ASN C 240 -4.83 23.27 2.02
CA ASN C 240 -5.33 23.28 3.40
C ASN C 240 -5.08 24.62 4.07
N ILE C 241 -4.13 25.40 3.56
CA ILE C 241 -3.78 26.70 4.11
C ILE C 241 -4.22 27.84 3.20
N TYR C 242 -4.87 27.53 2.09
CA TYR C 242 -5.45 28.54 1.22
C TYR C 242 -6.93 28.77 1.52
N ILE C 243 -7.62 27.76 2.01
CA ILE C 243 -9.04 27.86 2.35
C ILE C 243 -9.23 28.41 3.74
N LEU C 244 -8.49 27.87 4.71
CA LEU C 244 -8.59 28.34 6.10
C LEU C 244 -8.29 29.83 6.19
N THR C 245 -7.07 30.22 5.87
CA THR C 245 -6.65 31.62 5.86
C THR C 245 -5.68 31.79 4.70
N GLY C 246 -6.10 32.49 3.65
CA GLY C 246 -5.30 32.57 2.45
C GLY C 246 -4.06 33.42 2.60
N GLY C 247 -3.22 33.10 3.58
CA GLY C 247 -2.05 33.90 3.89
C GLY C 247 -2.41 35.29 4.36
N SER C 248 -3.31 35.38 5.34
CA SER C 248 -3.86 36.66 5.75
C SER C 248 -2.98 37.36 6.79
N ASN C 249 -2.70 36.70 7.91
CA ASN C 249 -1.96 37.32 9.01
C ASN C 249 -0.49 36.94 9.00
N ASP C 250 0.14 36.84 7.84
CA ASP C 250 1.48 36.30 7.68
C ASP C 250 1.53 34.84 8.14
N THR C 251 0.45 34.13 7.88
CA THR C 251 0.38 32.69 8.09
C THR C 251 0.52 31.91 6.79
N GLY C 252 1.06 32.55 5.75
CA GLY C 252 1.14 31.92 4.46
C GLY C 252 2.32 30.98 4.35
N SER C 253 2.12 29.90 3.61
CA SER C 253 3.16 28.91 3.37
C SER C 253 4.09 29.41 2.29
N VAL C 254 4.95 28.52 1.77
CA VAL C 254 5.84 28.92 0.68
C VAL C 254 5.17 28.75 -0.70
N SER C 255 4.31 27.74 -0.85
CA SER C 255 3.54 27.61 -2.09
C SER C 255 2.61 28.79 -2.27
N ILE C 256 1.98 29.25 -1.18
CA ILE C 256 1.13 30.43 -1.30
C ILE C 256 1.97 31.68 -1.57
N LEU C 257 3.18 31.74 -1.03
CA LEU C 257 4.04 32.87 -1.33
C LEU C 257 4.43 32.91 -2.79
N GLY C 258 4.67 31.74 -3.39
CA GLY C 258 4.98 31.69 -4.80
C GLY C 258 3.78 31.82 -5.72
N TYR C 259 2.58 31.56 -5.20
CA TYR C 259 1.37 31.71 -6.00
C TYR C 259 0.86 33.14 -5.99
N ASP C 260 1.00 33.83 -4.86
CA ASP C 260 0.48 35.19 -4.74
C ASP C 260 1.09 36.13 -5.77
N ASN C 261 2.42 36.28 -5.73
CA ASN C 261 3.08 37.25 -6.59
C ASN C 261 3.37 36.69 -7.97
N LEU C 262 2.64 35.66 -8.39
CA LEU C 262 2.54 35.28 -9.79
C LEU C 262 1.13 35.37 -10.32
N PHE C 263 0.12 35.07 -9.51
CA PHE C 263 -1.27 35.17 -9.94
C PHE C 263 -2.04 36.27 -9.24
N LYS C 264 -1.37 37.19 -8.55
CA LYS C 264 -2.00 38.40 -8.05
C LYS C 264 -1.23 39.66 -8.40
N ALA C 265 0.10 39.61 -8.37
CA ALA C 265 0.93 40.72 -8.80
C ALA C 265 1.44 40.56 -10.21
N PHE C 266 1.29 39.37 -10.80
CA PHE C 266 1.63 39.09 -12.19
C PHE C 266 3.12 39.20 -12.48
N ASN C 267 3.94 39.04 -11.46
CA ASN C 267 5.39 39.03 -11.65
C ASN C 267 5.81 37.60 -11.96
N VAL C 268 6.39 37.39 -13.14
CA VAL C 268 6.84 36.06 -13.51
C VAL C 268 8.32 35.87 -13.21
N GLY C 269 9.13 36.90 -13.42
CA GLY C 269 10.53 36.84 -13.08
C GLY C 269 10.77 36.73 -11.59
N LEU C 270 9.70 36.63 -10.82
CA LEU C 270 9.76 36.41 -9.38
C LEU C 270 8.95 35.21 -8.94
N GLY C 271 7.81 34.98 -9.57
CA GLY C 271 7.12 33.72 -9.40
C GLY C 271 7.85 32.53 -9.98
N SER C 272 8.95 32.76 -10.69
CA SER C 272 9.88 31.70 -11.06
C SER C 272 11.11 31.67 -10.16
N ALA C 273 11.60 32.83 -9.72
CA ALA C 273 12.65 32.87 -8.72
C ALA C 273 12.23 32.16 -7.44
N ILE C 274 10.94 32.09 -7.16
CA ILE C 274 10.44 31.31 -6.04
C ILE C 274 10.07 29.88 -6.44
N SER C 275 9.57 29.67 -7.65
CA SER C 275 9.22 28.33 -8.09
C SER C 275 10.44 27.43 -8.26
N VAL C 276 11.62 28.01 -8.45
CA VAL C 276 12.83 27.20 -8.49
C VAL C 276 13.48 27.08 -7.12
N LEU C 277 13.27 28.05 -6.23
CA LEU C 277 13.80 27.92 -4.88
C LEU C 277 13.03 26.88 -4.07
N ILE C 278 11.72 26.75 -4.32
CA ILE C 278 10.98 25.67 -3.66
C ILE C 278 11.54 24.32 -4.09
N PHE C 279 11.83 24.16 -5.38
CA PHE C 279 12.40 22.91 -5.87
C PHE C 279 13.78 22.67 -5.30
N LEU C 280 14.59 23.72 -5.21
CA LEU C 280 15.93 23.58 -4.63
C LEU C 280 15.89 23.29 -3.14
N SER C 281 14.81 23.68 -2.45
CA SER C 281 14.67 23.35 -1.04
C SER C 281 14.09 21.97 -0.82
N VAL C 282 13.35 21.44 -1.78
CA VAL C 282 12.87 20.06 -1.68
C VAL C 282 13.98 19.08 -2.07
N ALA C 283 14.85 19.47 -3.00
CA ALA C 283 15.93 18.58 -3.42
C ALA C 283 16.88 18.29 -2.26
N ILE C 284 17.13 19.28 -1.39
CA ILE C 284 18.01 19.06 -0.25
C ILE C 284 17.40 18.03 0.70
N ILE C 285 16.09 18.13 0.96
CA ILE C 285 15.44 17.19 1.85
C ILE C 285 15.47 15.79 1.26
N ALA C 286 15.21 15.67 -0.05
CA ALA C 286 15.24 14.37 -0.69
C ALA C 286 16.63 13.78 -0.65
N PHE C 287 17.66 14.62 -0.84
CA PHE C 287 19.03 14.12 -0.81
C PHE C 287 19.44 13.68 0.59
N ILE C 288 18.98 14.40 1.61
CA ILE C 288 19.25 13.98 2.98
C ILE C 288 18.57 12.65 3.28
N TYR C 289 17.30 12.50 2.87
CA TYR C 289 16.60 11.27 3.16
C TYR C 289 17.02 10.11 2.27
N ILE C 290 17.77 10.35 1.20
CA ILE C 290 18.22 9.27 0.35
C ILE C 290 19.64 8.88 0.70
N LYS C 291 20.58 9.82 0.63
CA LYS C 291 21.98 9.48 0.83
C LYS C 291 22.26 9.14 2.29
N ILE C 292 22.01 10.09 3.20
CA ILE C 292 22.45 9.93 4.58
C ILE C 292 21.68 8.82 5.28
N PHE C 293 20.36 8.98 5.38
CA PHE C 293 19.56 8.03 6.14
C PHE C 293 19.17 6.80 5.33
N GLY C 294 19.55 6.72 4.06
CA GLY C 294 19.41 5.51 3.29
C GLY C 294 18.00 4.98 3.10
N ALA C 295 17.17 5.71 2.36
CA ALA C 295 15.87 5.19 1.97
C ALA C 295 16.00 4.47 0.62
N ALA C 296 14.89 3.89 0.15
CA ALA C 296 14.91 3.16 -1.11
C ALA C 296 13.47 2.92 -1.56
N ALA C 297 13.33 2.56 -2.82
CA ALA C 297 12.01 2.29 -3.37
C ALA C 297 11.45 1.01 -2.76
N PRO C 298 10.20 1.04 -2.26
CA PRO C 298 9.56 -0.13 -1.63
C PRO C 298 9.40 -1.31 -2.58
N ALA D 7 -11.02 -12.14 27.95
CA ALA D 7 -12.19 -11.77 28.72
C ALA D 7 -12.54 -10.30 28.48
N ARG D 8 -11.92 -9.41 29.26
CA ARG D 8 -12.09 -7.97 29.09
C ARG D 8 -11.31 -7.44 27.90
N ARG D 9 -10.51 -8.28 27.24
CA ARG D 9 -9.77 -7.83 26.08
C ARG D 9 -10.70 -7.38 24.97
N ALA D 10 -11.82 -8.07 24.78
CA ALA D 10 -12.78 -7.65 23.76
C ALA D 10 -13.41 -6.32 24.13
N THR D 11 -13.73 -6.11 25.40
CA THR D 11 -14.33 -4.84 25.81
C THR D 11 -13.34 -3.68 25.66
N TRP D 12 -12.06 -3.93 25.88
CA TRP D 12 -11.07 -2.88 25.72
C TRP D 12 -10.63 -2.69 24.27
N TRP D 13 -10.81 -3.69 23.43
CA TRP D 13 -10.41 -3.61 22.02
C TRP D 13 -11.60 -3.36 21.11
N SER D 14 -12.80 -3.19 21.65
CA SER D 14 -13.95 -2.76 20.87
C SER D 14 -14.27 -1.29 21.04
N VAL D 15 -13.63 -0.61 22.00
CA VAL D 15 -13.80 0.84 22.09
C VAL D 15 -12.80 1.54 21.17
N VAL D 16 -11.66 0.91 20.92
CA VAL D 16 -10.73 1.44 19.92
C VAL D 16 -11.34 1.38 18.53
N ASN D 17 -12.04 0.28 18.23
CA ASN D 17 -12.69 0.11 16.94
C ASN D 17 -13.87 1.04 16.75
N ILE D 18 -14.26 1.79 17.77
CA ILE D 18 -15.27 2.83 17.65
C ILE D 18 -14.65 4.21 17.63
N LEU D 19 -13.59 4.42 18.41
CA LEU D 19 -12.88 5.69 18.38
C LEU D 19 -12.24 5.93 17.02
N VAL D 20 -11.66 4.89 16.42
CA VAL D 20 -10.99 5.09 15.14
C VAL D 20 -11.99 5.31 14.01
N ILE D 21 -13.25 4.98 14.21
CA ILE D 21 -14.28 5.24 13.19
C ILE D 21 -14.92 6.61 13.41
N VAL D 22 -15.19 6.98 14.65
CA VAL D 22 -15.70 8.33 14.92
C VAL D 22 -14.65 9.37 14.56
N TYR D 23 -13.37 9.05 14.72
CA TYR D 23 -12.31 9.98 14.33
C TYR D 23 -12.30 10.21 12.83
N ALA D 24 -12.78 9.26 12.04
CA ALA D 24 -12.73 9.37 10.59
C ALA D 24 -14.08 9.62 9.96
N LEU D 25 -15.15 9.75 10.75
CA LEU D 25 -16.46 10.07 10.19
C LEU D 25 -17.05 11.38 10.68
N ILE D 26 -16.46 12.02 11.69
CA ILE D 26 -17.04 13.24 12.23
C ILE D 26 -16.82 14.43 11.29
N PRO D 27 -15.63 14.64 10.72
CA PRO D 27 -15.47 15.74 9.76
C PRO D 27 -16.21 15.53 8.45
N VAL D 28 -16.92 14.43 8.27
CA VAL D 28 -17.81 14.23 7.13
C VAL D 28 -19.27 14.34 7.55
N LEU D 29 -19.62 13.78 8.70
CA LEU D 29 -20.95 13.99 9.23
C LEU D 29 -21.11 15.36 9.82
N TRP D 30 -20.12 16.23 9.65
CA TRP D 30 -20.30 17.64 9.90
C TRP D 30 -20.78 18.38 8.66
N ILE D 31 -20.09 18.22 7.53
CA ILE D 31 -20.58 18.86 6.32
C ILE D 31 -21.90 18.25 5.88
N LEU D 32 -22.14 16.97 6.18
CA LEU D 32 -23.44 16.38 5.84
C LEU D 32 -24.57 17.00 6.64
N SER D 33 -24.31 17.40 7.89
CA SER D 33 -25.33 18.07 8.68
C SER D 33 -25.36 19.56 8.44
N LEU D 34 -24.32 20.11 7.82
CA LEU D 34 -24.32 21.52 7.48
C LEU D 34 -25.02 21.77 6.15
N SER D 35 -25.01 20.80 5.25
CA SER D 35 -25.69 20.94 3.97
C SER D 35 -27.17 20.60 4.05
N LEU D 36 -27.76 20.62 5.24
CA LEU D 36 -29.18 20.36 5.40
C LEU D 36 -29.88 21.37 6.30
N LYS D 37 -29.15 22.27 6.95
CA LYS D 37 -29.77 23.29 7.78
C LYS D 37 -30.20 24.46 6.92
N PRO D 38 -31.49 24.77 6.81
CA PRO D 38 -31.94 25.85 5.93
C PRO D 38 -31.82 27.21 6.62
N THR D 39 -30.82 27.99 6.21
CA THR D 39 -30.59 29.37 6.65
C THR D 39 -30.87 29.52 8.14
N SER D 40 -30.47 28.53 8.93
CA SER D 40 -30.57 28.58 10.38
C SER D 40 -29.34 27.93 10.98
N SER D 41 -28.18 28.24 10.42
CA SER D 41 -26.92 27.63 10.85
C SER D 41 -26.59 28.18 12.23
N VAL D 42 -27.00 27.44 13.26
CA VAL D 42 -26.99 27.93 14.63
C VAL D 42 -26.22 26.96 15.53
N LYS D 43 -25.26 26.25 14.95
CA LYS D 43 -24.33 25.38 15.67
C LYS D 43 -25.01 24.11 16.18
N ASP D 44 -26.29 23.90 15.86
CA ASP D 44 -27.15 22.98 16.60
C ASP D 44 -26.58 21.58 16.78
N GLY D 45 -25.48 21.27 16.10
CA GLY D 45 -24.72 20.09 16.47
C GLY D 45 -24.20 19.25 15.33
N LYS D 46 -23.15 18.47 15.63
CA LYS D 46 -22.66 17.46 14.71
C LYS D 46 -23.79 16.52 14.30
N LEU D 47 -24.73 16.30 15.21
CA LEU D 47 -25.97 15.58 14.94
C LEU D 47 -27.16 16.45 15.30
N ILE D 48 -28.35 15.91 15.07
CA ILE D 48 -29.63 16.58 15.26
C ILE D 48 -29.58 18.02 14.74
N PRO D 49 -29.46 18.24 13.43
CA PRO D 49 -29.89 19.53 12.89
C PRO D 49 -31.39 19.51 12.64
N THR D 50 -32.17 20.22 13.44
CA THR D 50 -33.61 20.18 13.27
C THR D 50 -34.02 20.87 11.97
N GLU D 51 -35.17 20.45 11.44
CA GLU D 51 -35.74 21.02 10.22
C GLU D 51 -34.77 20.87 9.05
N ILE D 52 -34.53 19.62 8.67
CA ILE D 52 -33.63 19.31 7.55
C ILE D 52 -34.48 19.34 6.28
N THR D 53 -34.66 20.54 5.75
CA THR D 53 -35.30 20.76 4.45
C THR D 53 -34.23 21.29 3.50
N PHE D 54 -33.77 20.43 2.61
CA PHE D 54 -32.63 20.76 1.74
C PHE D 54 -33.15 21.48 0.50
N ALA D 55 -32.91 22.79 0.44
CA ALA D 55 -33.05 23.54 -0.80
C ALA D 55 -31.71 23.93 -1.39
N ASN D 56 -30.63 23.79 -0.62
CA ASN D 56 -29.30 24.10 -1.11
C ASN D 56 -28.92 23.22 -2.30
N TYR D 57 -29.34 21.96 -2.28
CA TYR D 57 -28.95 21.03 -3.33
C TYR D 57 -29.58 21.40 -4.67
N LYS D 58 -30.80 21.89 -4.65
CA LYS D 58 -31.44 22.37 -5.87
C LYS D 58 -31.24 23.87 -6.07
N ALA D 59 -30.47 24.51 -5.19
CA ALA D 59 -30.02 25.88 -5.41
C ALA D 59 -28.69 25.94 -6.16
N ILE D 60 -27.72 25.13 -5.74
CA ILE D 60 -26.42 25.13 -6.43
C ILE D 60 -26.45 24.44 -7.77
N PHE D 61 -27.55 23.74 -8.11
CA PHE D 61 -27.69 23.06 -9.38
C PHE D 61 -28.56 23.84 -10.35
N SER D 62 -28.52 25.17 -10.30
CA SER D 62 -29.27 26.03 -11.20
C SER D 62 -28.29 26.99 -11.85
N GLY D 63 -28.27 27.01 -13.18
CA GLY D 63 -27.27 27.79 -13.88
C GLY D 63 -25.97 27.03 -14.00
N ASP D 64 -25.31 27.10 -15.15
CA ASP D 64 -24.13 26.28 -15.39
C ASP D 64 -22.91 26.84 -14.68
N ALA D 65 -23.03 27.07 -13.37
CA ALA D 65 -21.89 27.46 -12.54
C ALA D 65 -21.26 26.25 -11.87
N PHE D 66 -22.07 25.35 -11.33
CA PHE D 66 -21.58 24.10 -10.77
C PHE D 66 -21.84 22.90 -11.66
N THR D 67 -22.91 22.92 -12.45
CA THR D 67 -23.21 21.79 -13.34
C THR D 67 -22.06 21.55 -14.30
N SER D 68 -21.69 22.57 -15.08
CA SER D 68 -20.58 22.41 -16.01
C SER D 68 -19.26 22.25 -15.28
N ALA D 69 -19.12 22.86 -14.12
CA ALA D 69 -17.91 22.68 -13.32
C ALA D 69 -17.83 21.33 -12.65
N LEU D 70 -18.87 20.51 -12.82
CA LEU D 70 -18.85 19.11 -12.41
C LEU D 70 -18.66 18.18 -13.59
N PHE D 71 -19.33 18.49 -14.71
CA PHE D 71 -19.09 17.74 -15.94
C PHE D 71 -17.63 17.84 -16.37
N ASN D 72 -17.01 19.01 -16.17
CA ASN D 72 -15.61 19.17 -16.53
C ASN D 72 -14.72 18.26 -15.68
N SER D 73 -15.00 18.19 -14.38
CA SER D 73 -14.17 17.36 -13.51
C SER D 73 -14.37 15.89 -13.82
N ILE D 74 -15.60 15.46 -14.11
CA ILE D 74 -15.84 14.07 -14.48
C ILE D 74 -15.11 13.72 -15.78
N GLY D 75 -15.24 14.56 -16.80
CA GLY D 75 -14.59 14.33 -18.06
C GLY D 75 -13.08 14.28 -17.94
N ILE D 76 -12.49 15.24 -17.23
CA ILE D 76 -11.04 15.25 -17.07
C ILE D 76 -10.58 14.03 -16.29
N GLY D 77 -11.33 13.66 -15.24
CA GLY D 77 -10.98 12.47 -14.49
C GLY D 77 -10.96 11.22 -15.34
N LEU D 78 -12.00 11.05 -16.17
CA LEU D 78 -12.05 9.86 -17.02
C LEU D 78 -10.93 9.86 -18.05
N ILE D 79 -10.75 10.98 -18.76
CA ILE D 79 -9.75 11.00 -19.82
C ILE D 79 -8.33 10.98 -19.26
N THR D 80 -8.15 11.28 -17.98
CA THR D 80 -6.82 11.19 -17.39
C THR D 80 -6.61 9.92 -16.59
N THR D 81 -7.66 9.13 -16.34
CA THR D 81 -7.44 7.81 -15.77
C THR D 81 -7.29 6.76 -16.84
N ILE D 82 -8.03 6.89 -17.95
CA ILE D 82 -7.88 5.91 -19.04
C ILE D 82 -6.47 5.95 -19.60
N ILE D 83 -5.99 7.14 -19.95
CA ILE D 83 -4.67 7.26 -20.55
C ILE D 83 -3.59 6.91 -19.52
N ALA D 84 -3.80 7.30 -18.26
CA ALA D 84 -2.80 6.99 -17.23
C ALA D 84 -2.67 5.49 -17.04
N VAL D 85 -3.79 4.77 -16.98
CA VAL D 85 -3.74 3.33 -16.84
C VAL D 85 -3.10 2.69 -18.06
N VAL D 86 -3.48 3.13 -19.26
CA VAL D 86 -2.95 2.52 -20.48
C VAL D 86 -1.45 2.73 -20.58
N ILE D 87 -0.95 3.92 -20.24
CA ILE D 87 0.46 4.21 -20.39
C ILE D 87 1.26 3.93 -19.13
N GLY D 88 0.61 3.46 -18.06
CA GLY D 88 1.34 3.01 -16.90
C GLY D 88 1.39 1.51 -16.79
N GLY D 89 0.39 0.81 -17.35
CA GLY D 89 0.44 -0.64 -17.37
C GLY D 89 1.55 -1.16 -18.26
N MET D 90 1.71 -0.58 -19.44
CA MET D 90 2.77 -1.02 -20.35
C MET D 90 4.15 -0.65 -19.84
N ALA D 91 4.25 0.27 -18.88
CA ALA D 91 5.52 0.59 -18.26
C ALA D 91 5.74 -0.15 -16.94
N ALA D 92 4.68 -0.68 -16.35
CA ALA D 92 4.82 -1.59 -15.23
C ALA D 92 5.05 -3.02 -15.69
N TYR D 93 4.73 -3.33 -16.94
CA TYR D 93 5.06 -4.63 -17.52
C TYR D 93 6.57 -4.77 -17.68
N ALA D 94 7.32 -3.74 -17.30
CA ALA D 94 8.77 -3.84 -17.22
C ALA D 94 9.23 -4.37 -15.87
N VAL D 95 8.37 -5.11 -15.18
CA VAL D 95 8.74 -5.85 -13.99
C VAL D 95 8.82 -7.33 -14.35
N ALA D 96 8.06 -7.72 -15.38
CA ALA D 96 8.19 -9.07 -15.92
C ALA D 96 9.41 -9.19 -16.82
N ARG D 97 9.66 -8.18 -17.65
CA ARG D 97 10.88 -8.10 -18.43
C ARG D 97 12.03 -7.68 -17.54
N LEU D 98 13.20 -7.48 -18.14
CA LEU D 98 14.37 -7.08 -17.38
C LEU D 98 15.34 -6.37 -18.32
N GLN D 99 15.79 -5.19 -17.92
CA GLN D 99 16.68 -4.37 -18.72
C GLN D 99 17.85 -3.91 -17.87
N PHE D 100 19.03 -3.83 -18.47
CA PHE D 100 20.24 -3.42 -17.78
C PHE D 100 20.33 -1.90 -17.64
N PRO D 101 20.11 -1.10 -18.70
CA PRO D 101 20.36 0.34 -18.57
C PRO D 101 19.32 1.07 -17.73
N GLY D 102 19.24 0.75 -16.43
CA GLY D 102 18.45 1.55 -15.52
C GLY D 102 17.02 1.14 -15.30
N LYS D 103 16.78 -0.12 -14.95
CA LYS D 103 15.46 -0.52 -14.48
C LYS D 103 15.29 -0.21 -13.00
N GLN D 104 16.36 -0.32 -12.21
CA GLN D 104 16.27 -0.03 -10.79
C GLN D 104 16.05 1.46 -10.53
N LEU D 105 16.51 2.32 -11.44
CA LEU D 105 16.34 3.76 -11.24
C LEU D 105 15.07 4.29 -11.89
N LEU D 106 14.42 3.53 -12.77
CA LEU D 106 13.08 3.91 -13.22
C LEU D 106 12.11 3.92 -12.05
N ILE D 107 12.05 2.82 -11.29
CA ILE D 107 11.13 2.75 -10.16
C ILE D 107 11.52 3.71 -9.05
N GLY D 108 12.67 4.36 -9.17
CA GLY D 108 13.04 5.40 -8.24
C GLY D 108 12.62 6.78 -8.73
N VAL D 109 12.94 7.10 -9.98
CA VAL D 109 12.65 8.43 -10.51
C VAL D 109 11.15 8.60 -10.76
N ALA D 110 10.53 7.63 -11.43
CA ALA D 110 9.11 7.71 -11.75
C ALA D 110 8.24 7.52 -10.56
N LEU D 111 8.83 7.43 -9.38
CA LEU D 111 8.10 7.48 -8.12
C LEU D 111 8.48 8.66 -7.25
N LEU D 112 9.71 9.16 -7.40
CA LEU D 112 10.15 10.34 -6.68
C LEU D 112 9.63 11.63 -7.30
N ILE D 113 9.22 11.59 -8.58
CA ILE D 113 8.54 12.75 -9.15
C ILE D 113 7.09 12.87 -8.68
N ALA D 114 6.61 11.92 -7.88
CA ALA D 114 5.31 12.10 -7.25
C ALA D 114 5.38 13.11 -6.11
N MET D 115 6.53 13.23 -5.47
CA MET D 115 6.75 14.24 -4.43
C MET D 115 7.42 15.43 -5.12
N PHE D 116 6.63 16.17 -5.88
CA PHE D 116 7.15 17.29 -6.65
C PHE D 116 6.28 18.50 -6.40
N PRO D 117 6.82 19.59 -5.87
CA PRO D 117 5.99 20.77 -5.57
C PRO D 117 5.27 21.27 -6.80
N HIS D 118 3.94 21.20 -6.78
CA HIS D 118 3.16 21.62 -7.93
C HIS D 118 3.47 23.05 -8.31
N ILE D 119 3.55 23.95 -7.33
CA ILE D 119 3.86 25.34 -7.61
C ILE D 119 5.27 25.55 -8.14
N SER D 120 6.09 24.50 -8.14
CA SER D 120 7.42 24.64 -8.72
C SER D 120 7.39 24.53 -10.23
N LEU D 121 6.43 23.80 -10.79
CA LEU D 121 6.28 23.66 -12.23
C LEU D 121 4.95 24.17 -12.73
N VAL D 122 4.22 24.93 -11.93
CA VAL D 122 3.01 25.58 -12.43
C VAL D 122 3.32 26.97 -12.98
N THR D 123 4.38 27.61 -12.49
CA THR D 123 4.82 28.88 -13.10
C THR D 123 5.24 28.70 -14.56
N PRO D 124 6.21 27.85 -14.88
CA PRO D 124 6.58 27.72 -16.30
C PRO D 124 5.50 27.05 -17.13
N ILE D 125 4.77 26.09 -16.58
CA ILE D 125 3.69 25.46 -17.33
C ILE D 125 2.61 26.49 -17.67
N PHE D 126 2.24 27.34 -16.72
CA PHE D 126 1.25 28.37 -17.02
C PHE D 126 1.77 29.34 -18.07
N ASN D 127 2.98 29.86 -17.87
CA ASN D 127 3.52 30.79 -18.85
C ASN D 127 3.73 30.13 -20.21
N MET D 128 3.78 28.80 -20.26
CA MET D 128 3.97 28.10 -21.51
C MET D 128 2.67 27.83 -22.23
N TRP D 129 1.61 27.55 -21.46
CA TRP D 129 0.26 27.34 -22.04
C TRP D 129 -0.26 28.70 -22.50
N ARG D 130 0.23 29.78 -21.90
CA ARG D 130 -0.30 31.11 -22.26
C ARG D 130 0.08 31.40 -23.70
N GLY D 131 -0.86 31.76 -24.56
CA GLY D 131 -0.50 32.17 -25.93
C GLY D 131 -0.09 31.04 -26.84
N ILE D 132 0.08 29.82 -26.31
CA ILE D 132 0.40 28.65 -27.18
C ILE D 132 -0.86 27.79 -27.24
N GLY D 133 -2.02 28.46 -27.29
CA GLY D 133 -3.30 27.80 -27.46
C GLY D 133 -3.67 26.74 -26.46
N LEU D 134 -3.17 26.88 -25.24
CA LEU D 134 -3.48 25.89 -24.22
C LEU D 134 -3.75 26.51 -22.86
N PHE D 135 -4.85 27.23 -22.71
CA PHE D 135 -5.10 27.79 -21.35
C PHE D 135 -6.35 27.12 -20.77
N ASP D 136 -7.45 27.87 -20.64
CA ASP D 136 -8.72 27.29 -20.13
C ASP D 136 -9.28 26.27 -21.13
N THR D 137 -8.80 25.02 -21.07
CA THR D 137 -9.26 23.94 -21.98
C THR D 137 -8.71 22.63 -21.39
N TRP D 138 -9.44 21.53 -21.56
CA TRP D 138 -8.97 20.23 -21.04
C TRP D 138 -7.56 19.94 -21.51
N PRO D 139 -7.29 19.88 -22.83
CA PRO D 139 -5.95 19.51 -23.30
C PRO D 139 -4.77 20.20 -22.61
N GLY D 140 -5.09 21.10 -21.69
CA GLY D 140 -4.10 21.83 -20.92
C GLY D 140 -4.10 21.38 -19.48
N LEU D 141 -5.16 20.70 -19.08
CA LEU D 141 -5.29 20.14 -17.74
C LEU D 141 -5.07 18.64 -17.67
N ILE D 142 -5.06 17.95 -18.80
CA ILE D 142 -4.88 16.50 -18.78
C ILE D 142 -3.43 16.09 -18.93
N ILE D 143 -2.56 16.98 -19.37
CA ILE D 143 -1.14 16.66 -19.46
C ILE D 143 -0.52 16.68 -18.07
N PRO D 144 -0.66 17.75 -17.27
CA PRO D 144 -0.08 17.70 -15.93
C PRO D 144 -0.73 16.65 -15.04
N TYR D 145 -2.03 16.45 -15.15
CA TYR D 145 -2.70 15.41 -14.37
C TYR D 145 -2.12 14.04 -14.68
N ILE D 146 -1.94 13.73 -15.97
CA ILE D 146 -1.36 12.44 -16.36
C ILE D 146 0.06 12.33 -15.84
N THR D 147 0.85 13.40 -15.96
CA THR D 147 2.24 13.34 -15.53
C THR D 147 2.34 13.10 -14.03
N PHE D 148 1.44 13.70 -13.24
CA PHE D 148 1.48 13.52 -11.80
C PHE D 148 0.76 12.26 -11.34
N ALA D 149 -0.02 11.61 -12.21
CA ALA D 149 -0.66 10.36 -11.86
C ALA D 149 0.12 9.14 -12.33
N LEU D 150 1.07 9.31 -13.25
CA LEU D 150 1.91 8.18 -13.64
C LEU D 150 2.62 7.50 -12.48
N PRO D 151 3.24 8.21 -11.53
CA PRO D 151 3.89 7.49 -10.42
C PRO D 151 2.96 6.57 -9.66
N LEU D 152 1.73 7.02 -9.38
CA LEU D 152 0.79 6.16 -8.66
C LEU D 152 0.41 4.95 -9.49
N ALA D 153 0.09 5.16 -10.78
CA ALA D 153 -0.32 4.06 -11.64
C ALA D 153 0.81 3.09 -11.93
N ILE D 154 2.06 3.51 -11.75
CA ILE D 154 3.17 2.58 -11.88
C ILE D 154 3.38 1.82 -10.58
N TYR D 155 3.39 2.55 -9.46
CA TYR D 155 3.67 1.92 -8.17
C TYR D 155 2.57 0.97 -7.73
N THR D 156 1.34 1.13 -8.24
CA THR D 156 0.28 0.19 -7.87
C THR D 156 0.04 -0.89 -8.91
N LEU D 157 0.66 -0.79 -10.09
CA LEU D 157 0.53 -1.82 -11.11
C LEU D 157 1.74 -2.74 -11.17
N SER D 158 2.95 -2.20 -11.08
CA SER D 158 4.13 -3.05 -10.98
C SER D 158 4.20 -3.79 -9.66
N ALA D 159 3.25 -3.58 -8.76
CA ALA D 159 3.13 -4.36 -7.54
C ALA D 159 2.06 -5.45 -7.65
N PHE D 160 1.26 -5.42 -8.70
CA PHE D 160 0.33 -6.50 -9.00
C PHE D 160 0.78 -7.35 -10.18
N PHE D 161 1.65 -6.84 -11.03
CA PHE D 161 2.25 -7.64 -12.08
C PHE D 161 3.37 -8.53 -11.58
N ARG D 162 3.69 -8.44 -10.28
CA ARG D 162 4.56 -9.41 -9.61
C ARG D 162 3.74 -10.52 -8.98
N GLU D 163 2.58 -10.19 -8.43
CA GLU D 163 1.81 -11.14 -7.65
C GLU D 163 1.14 -12.20 -8.52
N ILE D 164 0.83 -11.85 -9.77
CA ILE D 164 0.21 -12.83 -10.67
C ILE D 164 1.28 -13.79 -11.14
N PRO D 165 0.99 -15.09 -11.23
CA PRO D 165 2.01 -16.06 -11.63
C PRO D 165 2.10 -16.14 -13.15
N TRP D 166 3.30 -15.89 -13.68
CA TRP D 166 3.54 -16.06 -15.11
C TRP D 166 3.87 -17.49 -15.48
N ASP D 167 3.92 -18.40 -14.50
CA ASP D 167 4.03 -19.82 -14.80
C ASP D 167 2.79 -20.35 -15.50
N LEU D 168 1.65 -19.68 -15.34
CA LEU D 168 0.42 -20.12 -15.99
C LEU D 168 0.51 -20.00 -17.50
N GLU D 169 1.25 -19.03 -18.02
CA GLU D 169 1.47 -18.96 -19.46
C GLU D 169 2.32 -20.13 -19.94
N LYS D 170 3.40 -20.44 -19.21
CA LYS D 170 4.22 -21.60 -19.51
C LYS D 170 3.41 -22.89 -19.47
N ALA D 171 2.42 -22.96 -18.58
CA ALA D 171 1.56 -24.14 -18.52
C ALA D 171 0.61 -24.18 -19.72
N ALA D 172 -0.15 -23.11 -19.93
CA ALA D 172 -1.08 -23.05 -21.05
C ALA D 172 -0.39 -23.35 -22.38
N LYS D 173 0.89 -22.98 -22.51
CA LYS D 173 1.62 -23.33 -23.72
C LYS D 173 1.63 -24.84 -23.95
N MET D 174 1.83 -25.61 -22.87
CA MET D 174 1.85 -27.06 -22.99
C MET D 174 0.48 -27.64 -23.33
N ASP D 175 -0.56 -26.82 -23.31
CA ASP D 175 -1.88 -27.21 -23.79
C ASP D 175 -1.97 -26.84 -25.27
N GLY D 176 -3.16 -26.99 -25.85
CA GLY D 176 -3.35 -26.56 -27.23
C GLY D 176 -3.34 -25.06 -27.43
N ALA D 177 -3.11 -24.29 -26.37
CA ALA D 177 -3.20 -22.84 -26.46
C ALA D 177 -2.07 -22.27 -27.30
N THR D 178 -2.42 -21.36 -28.21
CA THR D 178 -1.42 -20.58 -28.92
C THR D 178 -0.82 -19.54 -27.99
N PRO D 179 0.30 -18.92 -28.39
CA PRO D 179 0.81 -17.79 -27.60
C PRO D 179 -0.10 -16.58 -27.63
N ALA D 180 -1.19 -16.67 -28.39
CA ALA D 180 -2.19 -15.60 -28.49
C ALA D 180 -3.45 -15.89 -27.69
N GLN D 181 -3.95 -17.12 -27.73
CA GLN D 181 -5.10 -17.48 -26.91
C GLN D 181 -4.79 -17.42 -25.44
N ALA D 182 -3.52 -17.56 -25.05
CA ALA D 182 -3.16 -17.51 -23.64
C ALA D 182 -3.37 -16.11 -23.07
N PHE D 183 -3.20 -15.08 -23.90
CA PHE D 183 -3.34 -13.71 -23.42
C PHE D 183 -4.78 -13.23 -23.39
N ARG D 184 -5.67 -13.95 -24.09
CA ARG D 184 -7.12 -13.70 -24.06
C ARG D 184 -7.70 -14.46 -22.86
N LYS D 185 -7.36 -15.72 -22.65
CA LYS D 185 -8.04 -16.41 -21.54
C LYS D 185 -7.46 -16.45 -20.12
N VAL D 186 -6.33 -17.12 -19.92
CA VAL D 186 -5.69 -17.27 -18.60
C VAL D 186 -5.09 -16.06 -17.90
N ILE D 187 -4.45 -15.25 -18.71
CA ILE D 187 -3.61 -14.09 -18.44
C ILE D 187 -4.43 -12.81 -18.40
N ALA D 188 -5.48 -12.72 -19.23
CA ALA D 188 -6.29 -11.50 -19.25
C ALA D 188 -7.13 -11.34 -18.00
N PRO D 189 -8.01 -12.29 -17.63
CA PRO D 189 -8.88 -12.06 -16.47
C PRO D 189 -8.15 -12.09 -15.13
N LEU D 190 -6.86 -12.41 -15.10
CA LEU D 190 -6.12 -12.32 -13.86
C LEU D 190 -5.68 -10.89 -13.56
N ALA D 191 -5.30 -10.15 -14.60
CA ALA D 191 -4.86 -8.77 -14.45
C ALA D 191 -6.03 -7.79 -14.38
N ALA D 192 -7.25 -8.23 -14.69
CA ALA D 192 -8.37 -7.30 -14.67
C ALA D 192 -8.66 -6.75 -13.29
N PRO D 193 -8.78 -7.55 -12.22
CA PRO D 193 -8.98 -6.97 -10.89
C PRO D 193 -7.80 -6.19 -10.36
N GLY D 194 -6.71 -6.06 -11.12
CA GLY D 194 -5.58 -5.28 -10.70
C GLY D 194 -5.45 -3.98 -11.48
N ILE D 195 -6.18 -3.89 -12.59
CA ILE D 195 -6.26 -2.65 -13.35
C ILE D 195 -7.45 -1.81 -12.91
N VAL D 196 -8.58 -2.47 -12.61
CA VAL D 196 -9.74 -1.77 -12.08
C VAL D 196 -9.43 -1.17 -10.70
N THR D 197 -8.32 -1.57 -10.08
CA THR D 197 -7.93 -1.01 -8.80
C THR D 197 -6.87 0.07 -8.95
N ALA D 198 -6.27 0.21 -10.13
CA ALA D 198 -5.42 1.35 -10.41
C ALA D 198 -6.20 2.48 -11.08
N ALA D 199 -7.19 2.13 -11.89
CA ALA D 199 -8.08 3.12 -12.49
C ALA D 199 -9.06 3.71 -11.50
N ILE D 200 -9.01 3.30 -10.24
CA ILE D 200 -9.72 3.97 -9.17
C ILE D 200 -8.79 4.88 -8.37
N LEU D 201 -7.58 4.41 -8.08
CA LEU D 201 -6.63 5.27 -7.37
C LEU D 201 -6.25 6.47 -8.22
N VAL D 202 -6.01 6.27 -9.52
CA VAL D 202 -5.64 7.40 -10.37
C VAL D 202 -6.79 8.39 -10.48
N PHE D 203 -8.01 7.89 -10.58
CA PHE D 203 -9.17 8.79 -10.64
C PHE D 203 -9.34 9.55 -9.33
N ILE D 204 -9.24 8.86 -8.20
CA ILE D 204 -9.38 9.51 -6.90
C ILE D 204 -8.32 10.58 -6.72
N PHE D 205 -7.10 10.33 -7.20
CA PHE D 205 -6.07 11.35 -7.11
C PHE D 205 -6.38 12.53 -8.02
N ALA D 206 -6.50 12.28 -9.32
CA ALA D 206 -6.71 13.35 -10.28
C ALA D 206 -8.06 14.01 -10.15
N TRP D 207 -8.88 13.60 -9.18
CA TRP D 207 -10.20 14.18 -8.98
C TRP D 207 -10.25 15.12 -7.79
N ASN D 208 -9.12 15.38 -7.14
CA ASN D 208 -9.08 16.29 -5.99
C ASN D 208 -7.96 17.32 -6.10
N ASP D 209 -7.47 17.57 -7.30
CA ASP D 209 -6.27 18.38 -7.49
C ASP D 209 -6.63 19.86 -7.58
N LEU D 210 -6.24 20.62 -6.56
CA LEU D 210 -6.23 22.07 -6.60
C LEU D 210 -4.82 22.55 -6.94
N LEU D 211 -4.72 23.84 -7.26
CA LEU D 211 -3.47 24.53 -7.58
C LEU D 211 -2.97 24.14 -8.97
N LEU D 212 -3.61 23.15 -9.59
CA LEU D 212 -3.39 22.85 -10.99
C LEU D 212 -4.58 23.21 -11.85
N ALA D 213 -5.78 23.12 -11.30
CA ALA D 213 -6.98 23.64 -11.95
C ALA D 213 -7.33 25.03 -11.48
N LEU D 214 -6.58 25.58 -10.53
CA LEU D 214 -6.75 26.95 -10.08
C LEU D 214 -5.86 27.92 -10.82
N SER D 215 -4.80 27.42 -11.46
CA SER D 215 -3.84 28.25 -12.17
C SER D 215 -3.96 28.15 -13.68
N LEU D 216 -4.16 26.93 -14.19
CA LEU D 216 -4.26 26.69 -15.63
C LEU D 216 -5.70 26.74 -16.13
N THR D 217 -6.55 27.54 -15.49
CA THR D 217 -7.97 27.50 -15.78
C THR D 217 -8.61 28.83 -15.41
N ALA D 218 -9.25 29.47 -16.39
CA ALA D 218 -9.89 30.75 -16.15
C ALA D 218 -11.39 30.73 -16.41
N THR D 219 -11.74 30.42 -17.67
CA THR D 219 -13.13 30.49 -18.22
C THR D 219 -14.07 29.41 -17.69
N GLN D 220 -15.28 29.37 -18.25
CA GLN D 220 -16.31 28.40 -17.86
C GLN D 220 -15.89 26.99 -18.18
N ARG D 221 -15.44 26.75 -19.41
CA ARG D 221 -14.87 25.47 -19.76
C ARG D 221 -13.57 25.25 -19.00
N ALA D 222 -13.22 23.99 -18.81
CA ALA D 222 -11.97 23.55 -18.19
C ALA D 222 -11.85 23.94 -16.73
N ILE D 223 -12.93 24.32 -16.07
CA ILE D 223 -12.92 24.61 -14.64
C ILE D 223 -13.49 23.41 -13.90
N THR D 224 -12.83 23.01 -12.82
CA THR D 224 -13.16 21.76 -12.17
C THR D 224 -14.17 22.00 -11.04
N ALA D 225 -14.40 20.97 -10.23
CA ALA D 225 -15.30 21.05 -9.09
C ALA D 225 -14.65 21.71 -7.88
N PRO D 226 -13.42 21.33 -7.48
CA PRO D 226 -12.82 22.00 -6.31
C PRO D 226 -12.66 23.50 -6.50
N VAL D 227 -12.26 23.95 -7.69
CA VAL D 227 -12.16 25.38 -7.96
C VAL D 227 -13.51 26.04 -7.81
N ALA D 228 -14.53 25.49 -8.46
CA ALA D 228 -15.85 26.09 -8.40
C ALA D 228 -16.45 26.02 -7.01
N ILE D 229 -15.92 25.17 -6.13
CA ILE D 229 -16.37 25.19 -4.74
C ILE D 229 -15.63 26.27 -3.97
N ALA D 230 -14.34 26.43 -4.20
CA ALA D 230 -13.61 27.55 -3.62
C ALA D 230 -14.09 28.89 -4.13
N ASN D 231 -14.89 28.92 -5.20
CA ASN D 231 -15.39 30.16 -5.77
C ASN D 231 -16.84 30.46 -5.40
N PHE D 232 -17.40 29.78 -4.40
CA PHE D 232 -18.77 30.07 -4.00
C PHE D 232 -18.89 31.27 -3.08
N THR D 233 -17.91 32.16 -3.07
CA THR D 233 -18.01 33.42 -2.34
C THR D 233 -18.16 34.58 -3.34
N GLY D 234 -18.91 34.33 -4.41
CA GLY D 234 -19.23 35.35 -5.40
C GLY D 234 -20.50 36.07 -5.05
N SER D 235 -21.49 36.02 -5.95
CA SER D 235 -22.76 36.69 -5.70
C SER D 235 -23.97 35.79 -5.92
N SER D 236 -23.82 34.61 -6.52
CA SER D 236 -24.97 33.75 -6.76
C SER D 236 -25.57 33.27 -5.44
N GLN D 237 -24.73 32.73 -4.56
CA GLN D 237 -25.20 32.29 -3.26
C GLN D 237 -25.65 33.48 -2.43
N PHE D 238 -26.81 33.34 -1.78
CA PHE D 238 -27.53 34.49 -1.22
C PHE D 238 -26.83 34.97 0.03
N GLU D 239 -25.62 35.52 -0.17
CA GLU D 239 -24.87 36.22 0.87
C GLU D 239 -24.69 35.38 2.13
N GLU D 240 -24.84 34.07 2.00
CA GLU D 240 -24.57 33.14 3.09
C GLU D 240 -24.17 31.80 2.49
N PRO D 241 -22.97 31.67 1.98
CA PRO D 241 -22.54 30.45 1.29
C PRO D 241 -22.03 29.37 2.21
N THR D 242 -22.80 29.06 3.24
CA THR D 242 -22.48 27.92 4.11
C THR D 242 -23.20 26.67 3.64
N GLY D 243 -24.52 26.74 3.50
CA GLY D 243 -25.26 25.62 2.94
C GLY D 243 -24.79 25.25 1.54
N SER D 244 -24.52 26.25 0.71
CA SER D 244 -24.11 25.97 -0.66
C SER D 244 -22.73 25.32 -0.70
N ILE D 245 -21.79 25.81 0.10
CA ILE D 245 -20.47 25.22 0.10
C ILE D 245 -20.50 23.80 0.67
N ALA D 246 -21.29 23.58 1.72
CA ALA D 246 -21.40 22.24 2.27
C ALA D 246 -22.08 21.28 1.30
N ALA D 247 -23.08 21.78 0.55
CA ALA D 247 -23.73 20.94 -0.45
C ALA D 247 -22.77 20.57 -1.57
N GLY D 248 -22.00 21.53 -2.05
CA GLY D 248 -20.96 21.21 -3.03
C GLY D 248 -19.99 20.18 -2.50
N ALA D 249 -19.52 20.37 -1.27
CA ALA D 249 -18.58 19.42 -0.70
C ALA D 249 -19.19 18.03 -0.59
N MET D 250 -20.47 17.93 -0.25
CA MET D 250 -21.08 16.62 -0.11
C MET D 250 -21.29 15.95 -1.46
N VAL D 251 -21.78 16.70 -2.45
CA VAL D 251 -21.91 16.16 -3.80
C VAL D 251 -20.55 15.70 -4.31
N ILE D 252 -19.48 16.32 -3.84
CA ILE D 252 -18.15 15.91 -4.28
C ILE D 252 -17.67 14.67 -3.54
N THR D 253 -17.93 14.57 -2.24
CA THR D 253 -17.45 13.43 -1.47
C THR D 253 -18.41 12.25 -1.44
N ILE D 254 -19.47 12.28 -2.25
CA ILE D 254 -20.27 11.06 -2.45
C ILE D 254 -19.50 10.00 -3.25
N PRO D 255 -18.92 10.32 -4.41
CA PRO D 255 -18.24 9.26 -5.18
C PRO D 255 -17.11 8.58 -4.42
N ILE D 256 -16.36 9.30 -3.59
CA ILE D 256 -15.28 8.66 -2.84
C ILE D 256 -15.84 7.64 -1.87
N ILE D 257 -16.95 7.98 -1.21
CA ILE D 257 -17.58 7.04 -0.27
C ILE D 257 -18.08 5.81 -1.02
N ILE D 258 -18.71 6.01 -2.17
CA ILE D 258 -19.23 4.88 -2.93
C ILE D 258 -18.08 4.00 -3.41
N PHE D 259 -16.95 4.60 -3.77
CA PHE D 259 -15.82 3.82 -4.26
C PHE D 259 -15.10 3.10 -3.13
N VAL D 260 -15.12 3.65 -1.92
CA VAL D 260 -14.40 3.00 -0.84
C VAL D 260 -15.24 1.90 -0.20
N LEU D 261 -16.57 2.04 -0.18
CA LEU D 261 -17.41 0.99 0.37
C LEU D 261 -17.26 -0.33 -0.35
N ILE D 262 -16.82 -0.31 -1.61
CA ILE D 262 -16.83 -1.50 -2.46
C ILE D 262 -15.43 -2.08 -2.62
N PHE D 263 -14.43 -1.23 -2.80
CA PHE D 263 -13.09 -1.68 -3.19
C PHE D 263 -12.07 -1.53 -2.06
N GLN D 264 -12.51 -1.63 -0.80
CA GLN D 264 -11.60 -1.47 0.33
C GLN D 264 -10.46 -2.47 0.26
N ARG D 265 -10.79 -3.75 0.06
CA ARG D 265 -9.78 -4.81 0.08
C ARG D 265 -8.75 -4.60 -1.03
N ARG D 266 -9.22 -4.39 -2.26
CA ARG D 266 -8.30 -4.21 -3.38
C ARG D 266 -7.49 -2.92 -3.22
N ILE D 267 -8.13 -1.85 -2.74
CA ILE D 267 -7.41 -0.58 -2.59
C ILE D 267 -6.29 -0.72 -1.57
N VAL D 268 -6.56 -1.37 -0.44
CA VAL D 268 -5.52 -1.56 0.56
C VAL D 268 -4.43 -2.47 0.03
N ALA D 269 -4.81 -3.55 -0.67
CA ALA D 269 -3.81 -4.46 -1.20
C ALA D 269 -2.94 -3.79 -2.26
N GLY D 270 -3.46 -2.78 -2.94
CA GLY D 270 -2.69 -2.08 -3.94
C GLY D 270 -1.81 -0.99 -3.35
N LEU D 271 -2.34 -0.25 -2.39
CA LEU D 271 -1.55 0.81 -1.75
C LEU D 271 -0.41 0.22 -0.91
N THR D 272 -0.66 -0.89 -0.23
CA THR D 272 0.37 -1.53 0.57
C THR D 272 1.25 -2.46 -0.25
N SER D 273 0.78 -2.93 -1.40
CA SER D 273 1.53 -3.81 -2.28
C SER D 273 1.92 -5.11 -1.57
N GLY D 274 0.91 -5.88 -1.20
CA GLY D 274 1.14 -7.17 -0.57
C GLY D 274 0.92 -7.20 0.93
N ALA D 275 -0.16 -6.60 1.40
CA ALA D 275 -0.54 -6.67 2.81
C ALA D 275 -2.03 -6.91 2.95
N VAL D 276 -2.57 -7.82 2.14
CA VAL D 276 -3.99 -8.16 2.22
C VAL D 276 -4.20 -9.29 3.22
N CYS E 23 -21.52 18.25 -32.49
CA CYS E 23 -21.91 19.37 -33.39
C CYS E 23 -21.95 20.68 -32.59
N GLY E 24 -23.14 21.21 -32.32
CA GLY E 24 -23.29 22.47 -31.57
C GLY E 24 -23.22 23.69 -32.47
N SER E 25 -22.97 24.86 -31.87
CA SER E 25 -22.85 26.21 -32.50
C SER E 25 -24.21 26.78 -32.93
N GLN E 26 -24.54 27.97 -32.44
CA GLN E 26 -25.84 28.62 -32.78
C GLN E 26 -25.67 30.14 -32.89
N THR E 27 -25.52 30.81 -31.74
CA THR E 27 -25.35 32.29 -31.64
C THR E 27 -26.29 33.03 -32.58
N GLY E 28 -27.60 32.98 -32.32
CA GLY E 28 -28.60 33.65 -33.17
C GLY E 28 -28.33 35.16 -33.27
N GLY E 29 -28.51 35.89 -32.16
CA GLY E 29 -28.29 37.34 -32.16
C GLY E 29 -26.88 37.72 -31.79
N ILE E 30 -26.52 38.98 -31.99
CA ILE E 30 -25.18 39.52 -31.67
C ILE E 30 -25.29 40.12 -30.27
N VAL E 31 -25.15 39.26 -29.27
CA VAL E 31 -25.33 39.64 -27.88
C VAL E 31 -24.03 40.25 -27.36
N ILE E 32 -24.14 41.41 -26.73
CA ILE E 32 -23.02 42.05 -26.05
C ILE E 32 -23.22 41.85 -24.56
N ASN E 33 -22.23 41.25 -23.90
CA ASN E 33 -22.31 40.92 -22.48
C ASN E 33 -21.29 41.77 -21.74
N TYR E 34 -21.77 42.68 -20.90
CA TYR E 34 -20.91 43.63 -20.22
C TYR E 34 -20.83 43.29 -18.74
N TYR E 35 -19.61 43.10 -18.26
CA TYR E 35 -19.35 42.55 -16.94
C TYR E 35 -19.29 43.68 -15.92
N THR E 36 -20.22 43.67 -14.98
CA THR E 36 -20.33 44.64 -13.91
C THR E 36 -19.94 43.99 -12.58
N PRO E 37 -19.66 44.78 -11.55
CA PRO E 37 -19.42 44.18 -10.23
C PRO E 37 -20.59 43.35 -9.75
N ALA E 38 -20.31 42.47 -8.78
CA ALA E 38 -21.33 41.57 -8.27
C ALA E 38 -22.50 42.35 -7.67
N ASN E 39 -22.22 43.16 -6.66
CA ASN E 39 -23.22 44.09 -6.17
C ASN E 39 -23.48 45.14 -7.25
N GLU E 40 -24.37 46.09 -6.94
CA GLU E 40 -24.89 47.06 -7.90
C GLU E 40 -25.17 46.39 -9.25
N GLU E 41 -25.79 45.21 -9.21
CA GLU E 41 -26.29 44.54 -10.39
C GLU E 41 -27.77 44.81 -10.64
N ALA E 42 -28.55 44.97 -9.58
CA ALA E 42 -29.95 45.36 -9.74
C ALA E 42 -30.11 46.73 -10.36
N THR E 43 -29.07 47.57 -10.29
CA THR E 43 -29.11 48.89 -10.89
C THR E 43 -28.38 48.98 -12.21
N PHE E 44 -27.52 48.00 -12.53
CA PHE E 44 -26.88 47.92 -13.83
C PHE E 44 -27.58 46.96 -14.77
N LYS E 45 -28.75 46.46 -14.40
CA LYS E 45 -29.56 45.62 -15.26
C LYS E 45 -30.71 46.38 -15.90
N ALA E 46 -31.34 47.28 -15.14
CA ALA E 46 -32.35 48.16 -15.74
C ALA E 46 -31.74 49.04 -16.81
N VAL E 47 -30.51 49.51 -16.60
CA VAL E 47 -29.83 50.30 -17.62
C VAL E 47 -29.54 49.43 -18.83
N ALA E 48 -29.13 48.18 -18.61
CA ALA E 48 -28.87 47.27 -19.71
C ALA E 48 -30.12 47.06 -20.55
N ASN E 49 -31.26 46.84 -19.91
CA ASN E 49 -32.48 46.60 -20.67
C ASN E 49 -33.02 47.88 -21.29
N ARG E 50 -32.76 49.03 -20.67
CA ARG E 50 -33.20 50.30 -21.25
C ARG E 50 -32.38 50.67 -22.48
N CYS E 51 -31.10 50.31 -22.50
CA CYS E 51 -30.32 50.48 -23.72
C CYS E 51 -30.65 49.41 -24.74
N ASN E 52 -31.05 48.22 -24.29
CA ASN E 52 -31.50 47.19 -25.21
C ASN E 52 -32.74 47.65 -25.97
N GLU E 53 -33.74 48.16 -25.27
CA GLU E 53 -34.96 48.66 -25.91
C GLU E 53 -34.74 49.99 -26.61
N GLN E 54 -33.50 50.46 -26.63
CA GLN E 54 -33.13 51.70 -27.34
C GLN E 54 -32.14 51.34 -28.46
N LEU E 55 -31.33 50.29 -28.25
CA LEU E 55 -30.32 49.89 -29.29
C LEU E 55 -31.06 49.65 -30.61
N GLY E 56 -32.14 48.87 -30.57
CA GLY E 56 -32.93 48.61 -31.80
C GLY E 56 -33.50 47.21 -31.83
N GLY E 57 -33.02 46.38 -32.76
CA GLY E 57 -33.49 44.99 -32.91
C GLY E 57 -32.37 44.00 -32.68
N ARG E 58 -31.15 44.51 -32.81
CA ARG E 58 -29.89 43.82 -32.65
C ARG E 58 -29.19 44.32 -31.40
N PHE E 59 -28.01 43.76 -31.15
CA PHE E 59 -27.18 44.10 -30.00
C PHE E 59 -27.82 43.83 -28.64
N GLN E 60 -28.58 42.75 -28.58
CA GLN E 60 -29.17 42.29 -27.34
C GLN E 60 -28.13 42.47 -26.23
N ILE E 61 -28.37 43.43 -25.35
CA ILE E 61 -27.50 43.67 -24.20
C ILE E 61 -27.96 42.79 -23.05
N ALA E 62 -27.03 42.02 -22.49
CA ALA E 62 -27.32 41.11 -21.38
C ALA E 62 -26.19 41.20 -20.38
N GLN E 63 -26.49 41.71 -19.20
CA GLN E 63 -25.47 42.01 -18.21
C GLN E 63 -25.10 40.76 -17.42
N ARG E 64 -23.82 40.39 -17.44
CA ARG E 64 -23.29 39.37 -16.56
C ARG E 64 -22.78 40.03 -15.28
N ASN E 65 -22.04 39.30 -14.46
CA ASN E 65 -21.51 39.90 -13.23
C ASN E 65 -20.26 39.17 -12.79
N LEU E 66 -19.34 39.92 -12.21
CA LEU E 66 -18.07 39.45 -11.68
C LEU E 66 -18.26 39.10 -10.21
N PRO E 67 -17.24 38.60 -9.50
CA PRO E 67 -17.36 38.46 -8.05
C PRO E 67 -17.46 39.81 -7.36
N LYS E 68 -17.62 39.81 -6.04
CA LYS E 68 -17.58 41.05 -5.28
C LYS E 68 -16.27 41.16 -4.52
N GLY E 69 -15.84 42.39 -4.27
CA GLY E 69 -14.51 42.64 -3.77
C GLY E 69 -13.58 42.93 -4.93
N ALA E 70 -13.02 44.14 -4.97
CA ALA E 70 -12.28 44.59 -6.16
C ALA E 70 -11.15 43.63 -6.54
N ASP E 71 -10.53 43.00 -5.55
CA ASP E 71 -9.43 42.09 -5.85
C ASP E 71 -9.91 40.90 -6.67
N ASP E 72 -11.03 40.30 -6.27
CA ASP E 72 -11.55 39.15 -6.99
C ASP E 72 -11.98 39.53 -8.41
N GLN E 73 -12.54 40.73 -8.57
CA GLN E 73 -12.93 41.18 -9.91
C GLN E 73 -11.71 41.35 -10.79
N ARG E 74 -10.67 42.01 -10.29
CA ARG E 74 -9.45 42.17 -11.06
C ARG E 74 -8.87 40.82 -11.45
N LEU E 75 -8.87 39.87 -10.52
CA LEU E 75 -8.35 38.54 -10.83
C LEU E 75 -9.17 37.84 -11.91
N GLN E 76 -10.49 37.85 -11.76
CA GLN E 76 -11.35 37.25 -12.77
C GLN E 76 -11.08 37.83 -14.15
N LEU E 77 -11.14 39.16 -14.25
CA LEU E 77 -10.95 39.81 -15.55
C LEU E 77 -9.58 39.51 -16.12
N ALA E 78 -8.53 39.61 -15.31
CA ALA E 78 -7.17 39.46 -15.83
C ALA E 78 -6.91 38.03 -16.28
N ARG E 79 -7.25 37.06 -15.44
CA ARG E 79 -6.98 35.67 -15.80
C ARG E 79 -7.90 35.18 -16.92
N ARG E 80 -9.09 35.76 -17.08
CA ARG E 80 -9.96 35.35 -18.16
C ARG E 80 -9.65 36.07 -19.47
N LEU E 81 -8.97 37.22 -19.41
CA LEU E 81 -8.46 37.86 -20.61
C LEU E 81 -7.13 37.29 -21.05
N THR E 82 -6.33 36.79 -20.12
CA THR E 82 -5.09 36.11 -20.50
C THR E 82 -5.38 34.87 -21.35
N GLY E 83 -6.39 34.10 -20.96
CA GLY E 83 -6.77 32.93 -21.72
C GLY E 83 -7.63 33.25 -22.93
N ASN E 84 -7.58 34.49 -23.38
CA ASN E 84 -8.22 34.97 -24.61
C ASN E 84 -9.67 34.49 -24.71
N ASP E 85 -10.48 34.91 -23.73
CA ASP E 85 -11.90 34.62 -23.78
C ASP E 85 -12.58 35.54 -24.79
N LYS E 86 -13.47 34.97 -25.62
CA LYS E 86 -14.22 35.72 -26.61
C LYS E 86 -15.62 36.06 -26.14
N SER E 87 -15.90 35.94 -24.85
CA SER E 87 -17.19 36.32 -24.29
C SER E 87 -17.09 37.53 -23.38
N LEU E 88 -15.97 38.26 -23.42
CA LEU E 88 -15.74 39.42 -22.58
C LEU E 88 -15.59 40.66 -23.46
N ASP E 89 -16.62 41.49 -23.49
CA ASP E 89 -16.60 42.61 -24.43
C ASP E 89 -16.51 43.96 -23.72
N VAL E 90 -17.46 44.27 -22.86
CA VAL E 90 -17.47 45.58 -22.21
C VAL E 90 -17.34 45.38 -20.70
N MET E 91 -16.12 45.44 -20.18
CA MET E 91 -15.96 45.26 -18.75
C MET E 91 -16.10 46.61 -18.05
N ALA E 92 -16.35 46.55 -16.75
CA ALA E 92 -16.46 47.75 -15.92
C ALA E 92 -15.27 47.76 -14.98
N LEU E 93 -14.17 48.36 -15.43
CA LEU E 93 -12.96 48.45 -14.63
C LEU E 93 -13.16 49.42 -13.47
N ASP E 94 -12.49 49.14 -12.37
CA ASP E 94 -12.39 50.10 -11.29
C ASP E 94 -11.53 51.27 -11.76
N VAL E 95 -11.40 52.29 -10.91
CA VAL E 95 -10.65 53.48 -11.32
C VAL E 95 -9.18 53.17 -11.51
N VAL E 96 -8.59 52.39 -10.60
CA VAL E 96 -7.13 52.23 -10.58
C VAL E 96 -6.62 51.16 -11.55
N TRP E 97 -7.49 50.49 -12.29
CA TRP E 97 -7.04 49.47 -13.21
C TRP E 97 -6.87 49.97 -14.63
N THR E 98 -7.14 51.24 -14.90
CA THR E 98 -7.04 51.74 -16.27
C THR E 98 -5.61 51.65 -16.79
N ALA E 99 -4.63 52.03 -15.96
CA ALA E 99 -3.24 52.03 -16.39
C ALA E 99 -2.77 50.62 -16.73
N GLU E 100 -3.02 49.67 -15.85
CA GLU E 100 -2.57 48.30 -16.07
C GLU E 100 -3.32 47.65 -17.23
N PHE E 101 -4.65 47.72 -17.20
CA PHE E 101 -5.43 47.12 -18.27
C PHE E 101 -5.20 47.79 -19.62
N ALA E 102 -4.60 48.98 -19.63
CA ALA E 102 -4.29 49.66 -20.88
C ALA E 102 -2.90 49.31 -21.38
N GLU E 103 -1.88 49.60 -20.58
CA GLU E 103 -0.51 49.34 -21.00
C GLU E 103 -0.23 47.84 -21.17
N ALA E 104 -0.99 46.98 -20.52
CA ALA E 104 -0.84 45.54 -20.74
C ALA E 104 -1.26 45.17 -22.15
N GLY E 105 -2.46 45.58 -22.56
CA GLY E 105 -2.95 45.30 -23.89
C GLY E 105 -4.35 44.72 -23.89
N TRP E 106 -5.01 44.78 -22.73
CA TRP E 106 -6.33 44.18 -22.55
C TRP E 106 -7.46 45.19 -22.67
N ALA E 107 -7.19 46.36 -23.23
CA ALA E 107 -8.24 47.37 -23.37
C ALA E 107 -7.98 48.15 -24.64
N VAL E 108 -9.03 48.34 -25.43
CA VAL E 108 -8.91 48.96 -26.75
C VAL E 108 -9.06 50.46 -26.60
N PRO E 109 -8.11 51.26 -27.08
CA PRO E 109 -8.22 52.72 -26.95
C PRO E 109 -9.47 53.23 -27.63
N LEU E 110 -10.12 54.21 -26.99
CA LEU E 110 -11.39 54.70 -27.50
C LEU E 110 -11.28 55.39 -28.85
N SER E 111 -10.07 55.56 -29.38
CA SER E 111 -9.88 56.10 -30.71
C SER E 111 -9.65 55.02 -31.76
N GLU E 112 -9.57 53.76 -31.35
CA GLU E 112 -9.34 52.64 -32.25
C GLU E 112 -10.62 51.82 -32.32
N ASP E 113 -11.57 52.35 -33.06
CA ASP E 113 -12.88 51.77 -33.25
C ASP E 113 -13.16 51.77 -34.75
N PRO E 114 -14.10 50.93 -35.20
CA PRO E 114 -14.36 51.00 -36.63
C PRO E 114 -14.88 52.39 -37.01
N ALA E 115 -15.82 52.88 -36.22
CA ALA E 115 -16.36 54.22 -36.39
C ALA E 115 -15.44 55.37 -36.02
N GLY E 116 -14.63 55.19 -34.97
CA GLY E 116 -13.83 56.29 -34.44
C GLY E 116 -14.58 57.43 -33.77
N LEU E 117 -15.86 57.21 -33.45
CA LEU E 117 -16.66 58.23 -32.81
C LEU E 117 -16.67 58.20 -31.28
N ALA E 118 -16.00 57.23 -30.66
CA ALA E 118 -16.01 57.15 -29.20
C ALA E 118 -15.07 58.15 -28.57
N GLU E 119 -13.89 58.34 -29.16
CA GLU E 119 -12.91 59.27 -28.59
C GLU E 119 -13.47 60.67 -28.47
N ALA E 120 -14.39 61.06 -29.34
CA ALA E 120 -15.01 62.37 -29.28
C ALA E 120 -16.28 62.39 -28.44
N ASP E 121 -16.80 61.22 -28.07
CA ASP E 121 -18.00 61.14 -27.26
C ASP E 121 -17.71 61.03 -25.78
N ALA E 122 -16.74 60.19 -25.40
CA ALA E 122 -16.40 59.99 -24.00
C ALA E 122 -15.80 61.22 -23.33
N THR E 123 -15.59 62.32 -24.06
CA THR E 123 -15.04 63.53 -23.49
C THR E 123 -15.84 64.77 -23.88
N GLU E 124 -16.96 64.61 -24.58
CA GLU E 124 -17.71 65.78 -25.04
C GLU E 124 -18.42 66.47 -23.88
N ASN E 125 -18.85 65.70 -22.88
CA ASN E 125 -19.53 66.25 -21.72
C ASN E 125 -19.26 65.33 -20.54
N THR E 126 -18.25 65.66 -19.74
CA THR E 126 -17.87 64.87 -18.57
C THR E 126 -17.04 65.75 -17.65
N LEU E 127 -17.19 65.55 -16.36
CA LEU E 127 -16.42 66.30 -15.39
C LEU E 127 -14.93 66.08 -15.63
N PRO E 128 -14.11 67.13 -15.54
CA PRO E 128 -12.67 66.95 -15.83
C PRO E 128 -11.99 65.94 -14.93
N GLY E 129 -12.40 65.85 -13.67
CA GLY E 129 -11.81 64.94 -12.72
C GLY E 129 -11.85 63.49 -13.17
N PRO E 130 -13.05 62.91 -13.26
CA PRO E 130 -13.16 61.52 -13.70
C PRO E 130 -12.73 61.29 -15.13
N LEU E 131 -12.78 62.31 -15.98
CA LEU E 131 -12.30 62.12 -17.34
C LEU E 131 -10.82 61.80 -17.36
N GLU E 132 -10.06 62.35 -16.43
CA GLU E 132 -8.63 62.16 -16.35
C GLU E 132 -8.24 60.98 -15.47
N THR E 133 -9.19 60.18 -15.02
CA THR E 133 -8.88 58.99 -14.24
C THR E 133 -8.94 57.72 -15.06
N ALA E 134 -9.49 57.77 -16.26
CA ALA E 134 -9.48 56.66 -17.21
C ALA E 134 -8.60 57.10 -18.37
N ARG E 135 -7.30 56.90 -18.22
CA ARG E 135 -6.34 57.46 -19.15
C ARG E 135 -4.98 56.83 -18.91
N TRP E 136 -4.21 56.75 -19.97
CA TRP E 136 -2.83 56.27 -19.97
C TRP E 136 -2.04 57.40 -20.62
N GLN E 137 -0.86 57.13 -21.17
CA GLN E 137 0.05 58.22 -21.52
C GLN E 137 -0.59 59.12 -22.57
N ASP E 138 -1.45 60.02 -22.08
CA ASP E 138 -2.28 60.91 -22.88
C ASP E 138 -2.95 60.17 -24.03
N GLU E 139 -3.74 59.17 -23.65
CA GLU E 139 -4.60 58.45 -24.59
C GLU E 139 -5.71 57.82 -23.78
N LEU E 140 -6.95 57.96 -24.27
CA LEU E 140 -8.11 57.48 -23.53
C LEU E 140 -8.28 55.98 -23.75
N TYR E 141 -8.45 55.24 -22.65
CA TYR E 141 -8.61 53.79 -22.73
C TYR E 141 -9.88 53.29 -22.06
N ALA E 142 -10.73 54.17 -21.56
CA ALA E 142 -11.95 53.74 -20.89
C ALA E 142 -12.88 54.94 -20.74
N ALA E 143 -14.16 54.73 -21.01
CA ALA E 143 -15.14 55.80 -20.88
C ALA E 143 -15.77 55.73 -19.50
N PRO E 144 -15.65 56.78 -18.68
CA PRO E 144 -16.10 56.68 -17.28
C PRO E 144 -17.61 56.75 -17.15
N ILE E 145 -18.13 56.08 -16.12
CA ILE E 145 -19.58 56.01 -15.92
C ILE E 145 -20.04 56.49 -14.54
N THR E 146 -19.25 56.36 -13.47
CA THR E 146 -19.65 56.83 -12.15
C THR E 146 -18.43 57.35 -11.41
N THR E 147 -18.69 57.96 -10.25
CA THR E 147 -17.62 58.51 -9.40
C THR E 147 -18.03 58.34 -7.95
N ASN E 148 -17.19 58.88 -7.06
CA ASN E 148 -17.40 58.93 -5.62
C ASN E 148 -16.27 59.76 -5.02
N THR E 149 -16.55 60.43 -3.92
CA THR E 149 -15.52 61.24 -3.27
C THR E 149 -15.88 61.40 -1.79
N GLN E 150 -14.86 61.34 -0.94
CA GLN E 150 -15.07 61.36 0.49
C GLN E 150 -15.66 62.70 0.93
N LEU E 151 -16.22 62.70 2.15
CA LEU E 151 -16.86 63.87 2.70
C LEU E 151 -16.77 63.82 4.23
N LEU E 152 -16.75 64.99 4.84
CA LEU E 152 -16.78 65.11 6.30
C LEU E 152 -18.22 65.02 6.77
N TRP E 153 -18.47 64.14 7.74
CA TRP E 153 -19.81 63.90 8.27
C TRP E 153 -19.81 64.23 9.76
N TYR E 154 -20.06 65.49 10.09
CA TYR E 154 -19.95 65.95 11.47
C TYR E 154 -21.31 65.91 12.16
N ARG E 155 -21.29 66.19 13.47
CA ARG E 155 -22.48 66.34 14.28
C ARG E 155 -22.75 67.82 14.49
N ALA E 156 -23.90 68.30 14.03
CA ALA E 156 -24.16 69.73 14.00
C ALA E 156 -24.40 70.33 15.38
N ASP E 157 -24.85 69.54 16.36
CA ASP E 157 -25.17 70.07 17.67
C ASP E 157 -23.96 70.04 18.60
N LEU E 158 -23.37 68.85 18.80
CA LEU E 158 -22.19 68.72 19.63
C LEU E 158 -20.95 69.37 19.02
N MET E 159 -21.08 69.99 17.86
CA MET E 159 -19.98 70.66 17.19
C MET E 159 -20.51 71.95 16.55
N PRO E 160 -20.13 73.12 17.06
CA PRO E 160 -20.76 74.36 16.59
C PRO E 160 -20.54 74.67 15.12
N ALA E 161 -19.48 74.14 14.51
CA ALA E 161 -19.17 74.46 13.12
C ALA E 161 -18.26 73.38 12.57
N PRO E 162 -18.24 73.18 11.25
CA PRO E 162 -17.36 72.18 10.66
C PRO E 162 -15.94 72.69 10.56
N PRO E 163 -14.95 71.87 10.95
CA PRO E 163 -13.56 72.26 10.75
C PRO E 163 -13.18 72.21 9.28
N THR E 164 -12.07 72.88 8.95
CA THR E 164 -11.64 73.00 7.57
C THR E 164 -10.21 72.54 7.33
N THR E 165 -9.46 72.20 8.37
CA THR E 165 -8.08 71.74 8.21
C THR E 165 -7.81 70.66 9.24
N TRP E 166 -6.98 69.69 8.84
CA TRP E 166 -6.81 68.49 9.64
C TRP E 166 -6.23 68.80 11.02
N ASP E 167 -5.28 69.73 11.10
CA ASP E 167 -4.81 70.14 12.42
C ASP E 167 -5.91 70.83 13.21
N GLY E 168 -6.73 71.63 12.52
CA GLY E 168 -7.92 72.16 13.17
C GLY E 168 -8.89 71.08 13.59
N MET E 169 -8.97 70.00 12.80
CA MET E 169 -9.80 68.86 13.18
C MET E 169 -9.32 68.25 14.49
N LEU E 170 -8.01 68.00 14.60
CA LEU E 170 -7.47 67.39 15.80
C LEU E 170 -7.63 68.34 17.00
N ASP E 171 -7.43 69.64 16.78
CA ASP E 171 -7.57 70.59 17.87
C ASP E 171 -9.02 70.65 18.37
N GLU E 172 -9.98 70.71 17.45
CA GLU E 172 -11.38 70.76 17.86
C GLU E 172 -11.82 69.44 18.48
N ALA E 173 -11.19 68.33 18.07
CA ALA E 173 -11.47 67.05 18.71
C ALA E 173 -11.00 67.05 20.15
N ASN E 174 -9.74 67.42 20.37
CA ASN E 174 -9.21 67.49 21.73
C ASN E 174 -9.98 68.51 22.57
N ARG E 175 -10.54 69.54 21.93
CA ARG E 175 -11.39 70.48 22.66
C ARG E 175 -12.71 69.83 23.04
N LEU E 176 -13.27 68.98 22.16
CA LEU E 176 -14.47 68.25 22.49
C LEU E 176 -14.21 67.08 23.43
N TYR E 177 -12.94 66.80 23.74
CA TYR E 177 -12.59 65.73 24.67
C TYR E 177 -12.95 66.07 26.10
N ARG E 178 -13.20 67.35 26.41
CA ARG E 178 -13.48 67.75 27.78
C ARG E 178 -14.74 67.06 28.31
N GLU E 179 -15.89 67.36 27.70
CA GLU E 179 -17.15 66.76 28.10
C GLU E 179 -17.50 65.61 27.16
N GLY E 180 -18.26 64.64 27.70
CA GLY E 180 -18.60 63.46 26.94
C GLY E 180 -17.37 62.70 26.50
N GLY E 181 -17.60 61.78 25.56
CA GLY E 181 -16.51 61.06 24.94
C GLY E 181 -16.54 61.00 23.42
N PRO E 182 -16.88 62.11 22.74
CA PRO E 182 -16.96 62.07 21.28
C PRO E 182 -15.65 62.40 20.57
N SER E 183 -14.58 62.65 21.30
CA SER E 183 -13.28 62.96 20.67
C SER E 183 -12.70 61.68 20.11
N TRP E 184 -13.36 61.15 19.08
CA TRP E 184 -13.13 59.80 18.56
C TRP E 184 -13.09 59.86 17.05
N ILE E 185 -12.25 60.75 16.51
CA ILE E 185 -12.09 60.93 15.07
C ILE E 185 -12.02 59.56 14.40
N ALA E 186 -12.89 59.33 13.42
CA ALA E 186 -13.04 58.03 12.79
C ALA E 186 -12.63 58.14 11.33
N VAL E 187 -11.62 57.36 10.94
CA VAL E 187 -11.17 57.29 9.56
C VAL E 187 -10.79 55.83 9.29
N GLN E 188 -10.81 55.44 8.02
CA GLN E 188 -10.36 54.10 7.66
C GLN E 188 -8.85 54.02 7.87
N GLY E 189 -8.42 53.07 8.70
CA GLY E 189 -7.03 53.04 9.12
C GLY E 189 -6.34 51.69 9.02
N LYS E 190 -7.08 50.61 8.81
CA LYS E 190 -6.44 49.30 8.81
C LYS E 190 -5.68 49.09 7.50
N GLN E 191 -4.94 47.99 7.45
CA GLN E 191 -4.04 47.70 6.33
C GLN E 191 -4.87 47.19 5.15
N TYR E 192 -5.34 48.10 4.32
CA TYR E 192 -6.03 47.77 3.08
C TYR E 192 -6.03 49.03 2.21
N GLU E 193 -6.79 49.00 1.11
CA GLU E 193 -6.73 50.08 0.14
C GLU E 193 -7.25 51.40 0.70
N GLY E 194 -8.19 51.34 1.65
CA GLY E 194 -8.73 52.58 2.20
C GLY E 194 -7.69 53.45 2.88
N MET E 195 -6.74 52.82 3.58
CA MET E 195 -5.67 53.59 4.19
C MET E 195 -4.79 54.25 3.14
N VAL E 196 -4.55 53.56 2.02
CA VAL E 196 -3.79 54.17 0.93
C VAL E 196 -4.55 55.34 0.34
N VAL E 197 -5.87 55.22 0.21
CA VAL E 197 -6.68 56.33 -0.29
C VAL E 197 -6.58 57.53 0.64
N TRP E 198 -6.65 57.29 1.95
CA TRP E 198 -6.56 58.41 2.89
C TRP E 198 -5.18 59.04 2.86
N PHE E 199 -4.12 58.23 2.83
CA PHE E 199 -2.77 58.78 2.76
C PHE E 199 -2.57 59.55 1.48
N ASN E 200 -3.17 59.09 0.38
CA ASN E 200 -2.97 59.74 -0.90
C ASN E 200 -3.72 61.05 -1.00
N THR E 201 -4.94 61.11 -0.47
CA THR E 201 -5.63 62.40 -0.47
C THR E 201 -4.93 63.39 0.46
N LEU E 202 -4.38 62.92 1.59
CA LEU E 202 -3.58 63.81 2.43
C LEU E 202 -2.36 64.33 1.68
N LEU E 203 -1.60 63.42 1.08
CA LEU E 203 -0.39 63.79 0.36
C LEU E 203 -0.68 64.80 -0.72
N GLN E 204 -1.71 64.54 -1.54
CA GLN E 204 -2.01 65.45 -2.64
C GLN E 204 -2.56 66.77 -2.14
N SER E 205 -3.32 66.77 -1.05
CA SER E 205 -3.73 68.04 -0.44
C SER E 205 -2.52 68.85 -0.02
N ALA E 206 -1.50 68.18 0.54
CA ALA E 206 -0.31 68.89 0.99
C ALA E 206 0.42 69.56 -0.17
N GLY E 207 0.43 68.92 -1.33
CA GLY E 207 1.10 69.49 -2.48
C GLY E 207 2.21 68.63 -3.06
N GLY E 208 2.11 67.32 -2.88
CA GLY E 208 3.07 66.40 -3.47
C GLY E 208 2.43 65.43 -4.43
N GLN E 209 3.17 64.39 -4.83
CA GLN E 209 2.64 63.33 -5.67
C GLN E 209 3.56 62.13 -5.57
N VAL E 210 2.97 60.93 -5.62
CA VAL E 210 3.73 59.70 -5.38
C VAL E 210 4.57 59.36 -6.60
N LEU E 211 3.91 59.10 -7.72
CA LEU E 211 4.59 58.82 -8.98
C LEU E 211 4.62 60.10 -9.80
N SER E 212 5.81 60.45 -10.30
CA SER E 212 5.98 61.72 -10.99
C SER E 212 5.04 61.84 -12.18
N ASP E 213 5.23 60.98 -13.18
CA ASP E 213 4.41 60.93 -14.36
C ASP E 213 4.79 59.65 -15.09
N ASP E 214 3.88 59.20 -15.96
CA ASP E 214 4.03 57.97 -16.74
C ASP E 214 4.53 56.79 -15.90
N GLY E 215 4.31 56.85 -14.59
CA GLY E 215 4.68 55.76 -13.69
C GLY E 215 6.07 55.21 -13.90
N GLN E 216 7.09 56.07 -13.93
CA GLN E 216 8.46 55.63 -14.14
C GLN E 216 9.40 56.03 -13.02
N ARG E 217 9.31 57.26 -12.52
CA ARG E 217 10.19 57.73 -11.47
C ARG E 217 9.37 58.19 -10.28
N VAL E 218 9.82 57.83 -9.08
CA VAL E 218 9.13 58.26 -7.86
C VAL E 218 9.55 59.68 -7.53
N THR E 219 8.58 60.50 -7.14
CA THR E 219 8.83 61.84 -6.62
C THR E 219 8.29 61.97 -5.20
N LEU E 220 8.32 60.87 -4.45
CA LEU E 220 7.80 60.89 -3.09
C LEU E 220 8.73 61.66 -2.16
N THR E 221 10.02 61.73 -2.51
CA THR E 221 11.00 62.41 -1.69
C THR E 221 11.98 63.27 -2.50
N ASP E 222 11.94 63.20 -3.84
CA ASP E 222 12.91 63.85 -4.71
C ASP E 222 13.24 65.29 -4.31
N THR E 223 12.24 66.15 -4.35
CA THR E 223 12.43 67.56 -4.02
C THR E 223 12.21 67.77 -2.53
N PRO E 224 12.99 68.65 -1.89
CA PRO E 224 12.71 68.98 -0.49
C PRO E 224 11.28 69.44 -0.25
N GLU E 225 10.64 70.05 -1.24
CA GLU E 225 9.22 70.37 -1.12
C GLU E 225 8.37 69.11 -1.12
N HIS E 226 8.71 68.13 -1.96
CA HIS E 226 7.97 66.88 -1.98
C HIS E 226 8.16 66.10 -0.69
N ARG E 227 9.39 66.09 -0.16
CA ARG E 227 9.59 65.44 1.15
C ARG E 227 8.88 66.21 2.25
N ALA E 228 8.80 67.53 2.14
CA ALA E 228 8.03 68.31 3.11
C ALA E 228 6.55 67.90 3.06
N ALA E 229 6.01 67.72 1.87
CA ALA E 229 4.61 67.30 1.75
C ALA E 229 4.42 65.89 2.29
N THR E 230 5.35 64.98 2.00
CA THR E 230 5.25 63.62 2.49
C THR E 230 5.28 63.58 4.02
N VAL E 231 6.20 64.33 4.63
CA VAL E 231 6.29 64.31 6.08
C VAL E 231 5.10 65.05 6.71
N LYS E 232 4.56 66.05 6.01
CA LYS E 232 3.37 66.72 6.53
C LYS E 232 2.12 65.86 6.42
N ALA E 233 2.12 64.89 5.51
CA ALA E 233 1.04 63.91 5.49
C ALA E 233 1.24 62.84 6.55
N LEU E 234 2.49 62.39 6.73
CA LEU E 234 2.76 61.35 7.72
C LEU E 234 2.55 61.85 9.14
N ARG E 235 2.89 63.12 9.39
CA ARG E 235 2.64 63.71 10.69
C ARG E 235 1.17 63.68 11.04
N ILE E 236 0.31 63.98 10.07
CA ILE E 236 -1.13 63.97 10.31
C ILE E 236 -1.63 62.54 10.51
N ILE E 237 -1.15 61.62 9.67
CA ILE E 237 -1.56 60.21 9.83
C ILE E 237 -1.22 59.72 11.22
N LYS E 238 -0.02 60.03 11.72
CA LYS E 238 0.35 59.56 13.05
C LYS E 238 -0.37 60.32 14.15
N SER E 239 -0.62 61.61 13.95
CA SER E 239 -1.24 62.42 15.00
C SER E 239 -2.69 62.02 15.22
N VAL E 240 -3.42 61.73 14.14
CA VAL E 240 -4.81 61.31 14.30
C VAL E 240 -4.91 59.98 15.06
N ALA E 241 -3.84 59.21 15.08
CA ALA E 241 -3.82 57.94 15.80
C ALA E 241 -3.28 58.05 17.21
N THR E 242 -2.32 58.94 17.45
CA THR E 242 -1.72 59.10 18.77
C THR E 242 -2.38 60.19 19.59
N ALA E 243 -3.41 60.86 19.06
CA ALA E 243 -4.14 61.86 19.82
C ALA E 243 -4.75 61.23 21.07
N PRO E 244 -5.02 62.05 22.10
CA PRO E 244 -5.67 61.51 23.31
C PRO E 244 -7.04 60.93 22.98
N GLY E 245 -7.35 59.80 23.61
CA GLY E 245 -8.53 59.04 23.23
C GLY E 245 -8.38 58.55 21.80
N ALA E 246 -9.17 59.11 20.90
CA ALA E 246 -8.97 58.97 19.46
C ALA E 246 -8.90 57.50 19.03
N ASP E 247 -10.03 56.83 19.18
CA ASP E 247 -10.22 55.48 18.63
C ASP E 247 -9.20 54.50 19.20
N PRO E 248 -9.37 54.07 20.46
CA PRO E 248 -8.40 53.15 21.09
C PRO E 248 -7.85 52.06 20.19
N SER E 249 -8.66 51.47 19.32
CA SER E 249 -8.19 50.47 18.36
C SER E 249 -8.42 51.01 16.96
N ILE E 250 -7.49 51.83 16.48
CA ILE E 250 -7.60 52.45 15.16
C ILE E 250 -7.04 51.56 14.06
N THR E 251 -6.36 50.46 14.41
CA THR E 251 -5.78 49.58 13.42
C THR E 251 -6.75 48.50 12.95
N GLN E 252 -8.06 48.68 13.17
CA GLN E 252 -9.04 47.69 12.75
C GLN E 252 -10.32 48.28 12.19
N THR E 253 -10.34 49.56 11.82
CA THR E 253 -11.57 50.20 11.36
C THR E 253 -11.49 50.51 9.87
N ASP E 254 -12.29 49.81 9.08
CA ASP E 254 -12.48 50.15 7.68
C ASP E 254 -13.55 51.23 7.59
N GLU E 255 -14.04 51.48 6.38
CA GLU E 255 -15.07 52.50 6.19
C GLU E 255 -16.37 52.13 6.90
N ASN E 256 -16.72 50.85 6.92
CA ASN E 256 -17.93 50.43 7.61
C ASN E 256 -17.83 50.64 9.11
N THR E 257 -16.65 50.40 9.68
CA THR E 257 -16.50 50.62 11.11
C THR E 257 -16.55 52.10 11.45
N ALA E 258 -16.11 52.97 10.55
CA ALA E 258 -16.29 54.40 10.78
C ALA E 258 -17.76 54.78 10.72
N ARG E 259 -18.49 54.24 9.74
CA ARG E 259 -19.93 54.46 9.69
C ARG E 259 -20.59 54.04 11.00
N LEU E 260 -20.21 52.87 11.52
CA LEU E 260 -20.77 52.41 12.78
C LEU E 260 -20.37 53.30 13.95
N ALA E 261 -19.12 53.77 13.95
CA ALA E 261 -18.67 54.63 15.04
C ALA E 261 -19.41 55.96 15.06
N LEU E 262 -19.90 56.41 13.90
CA LEU E 262 -20.77 57.59 13.94
C LEU E 262 -22.20 57.22 14.29
N GLU E 263 -22.71 56.12 13.76
CA GLU E 263 -24.09 55.73 14.03
C GLU E 263 -24.31 55.34 15.48
N GLN E 264 -23.26 55.03 16.22
CA GLN E 264 -23.38 54.76 17.65
C GLN E 264 -23.14 55.99 18.50
N GLY E 265 -23.10 57.17 17.90
CA GLY E 265 -22.84 58.39 18.63
C GLY E 265 -21.48 58.49 19.25
N LYS E 266 -20.60 57.51 19.01
CA LYS E 266 -19.26 57.50 19.57
C LYS E 266 -18.24 58.17 18.66
N ALA E 267 -18.66 59.09 17.80
CA ALA E 267 -17.76 59.78 16.90
C ALA E 267 -18.31 61.16 16.61
N ALA E 268 -17.44 62.05 16.15
CA ALA E 268 -17.83 63.44 15.91
C ALA E 268 -17.53 63.91 14.49
N LEU E 269 -16.43 63.46 13.90
CA LEU E 269 -15.95 64.02 12.63
C LEU E 269 -15.47 62.92 11.71
N GLU E 270 -16.24 61.85 11.57
CA GLU E 270 -15.85 60.79 10.64
C GLU E 270 -15.79 61.32 9.21
N VAL E 271 -15.02 60.64 8.37
CA VAL E 271 -14.99 60.89 6.94
C VAL E 271 -15.34 59.59 6.23
N ASN E 272 -16.15 59.68 5.19
CA ASN E 272 -16.64 58.49 4.50
C ASN E 272 -17.33 58.92 3.22
N TRP E 273 -17.56 57.94 2.34
CA TRP E 273 -18.18 58.20 1.05
C TRP E 273 -19.60 58.75 1.25
N PRO E 274 -20.20 59.33 0.21
CA PRO E 274 -21.51 59.96 0.39
C PRO E 274 -22.68 59.01 0.48
N TYR E 275 -22.44 57.71 0.63
CA TYR E 275 -23.56 56.80 0.81
C TYR E 275 -24.06 56.77 2.25
N VAL E 276 -23.32 57.38 3.19
CA VAL E 276 -23.71 57.31 4.60
C VAL E 276 -24.82 58.27 4.95
N LEU E 277 -25.27 59.10 4.01
CA LEU E 277 -26.35 60.03 4.34
C LEU E 277 -27.70 59.33 4.32
N PRO E 278 -28.05 58.53 3.29
CA PRO E 278 -29.30 57.78 3.35
C PRO E 278 -29.28 56.70 4.41
N SER E 279 -28.20 55.90 4.41
CA SER E 279 -28.09 54.77 5.34
C SER E 279 -28.45 55.17 6.76
N LEU E 280 -27.70 56.13 7.33
CA LEU E 280 -27.97 56.60 8.68
C LEU E 280 -29.46 56.77 8.94
N LEU E 281 -30.15 57.45 8.02
CA LEU E 281 -31.58 57.72 8.19
C LEU E 281 -32.33 56.46 8.57
N GLU E 282 -32.25 55.41 7.74
CA GLU E 282 -32.98 54.20 8.08
C GLU E 282 -32.41 53.56 9.33
N ASN E 283 -31.09 53.56 9.47
CA ASN E 283 -30.49 53.02 10.68
C ASN E 283 -30.74 53.90 11.90
N ALA E 284 -31.49 54.99 11.74
CA ALA E 284 -31.93 55.80 12.86
C ALA E 284 -33.45 55.85 12.96
N VAL E 285 -34.16 55.07 12.17
CA VAL E 285 -35.62 55.03 12.23
C VAL E 285 -36.15 53.67 12.65
N LYS E 286 -35.38 52.60 12.49
CA LYS E 286 -35.76 51.27 12.95
C LYS E 286 -34.88 50.92 14.14
N GLY E 287 -35.31 51.33 15.33
CA GLY E 287 -34.49 51.16 16.51
C GLY E 287 -33.18 51.91 16.38
N GLY E 288 -33.26 53.23 16.26
CA GLY E 288 -32.08 54.02 15.99
C GLY E 288 -31.13 54.07 17.17
N VAL E 289 -29.84 54.17 16.85
CA VAL E 289 -28.78 54.29 17.85
C VAL E 289 -27.93 55.53 17.64
N SER E 290 -28.27 56.38 16.68
CA SER E 290 -27.51 57.59 16.37
C SER E 290 -27.77 58.74 17.33
N PHE E 291 -28.56 58.50 18.39
CA PHE E 291 -28.97 59.52 19.35
C PHE E 291 -29.94 60.49 18.68
N LEU E 292 -30.13 60.33 17.37
CA LEU E 292 -31.13 61.07 16.62
C LEU E 292 -32.45 60.32 16.81
N PRO E 293 -33.41 60.90 17.55
CA PRO E 293 -34.65 60.17 17.86
C PRO E 293 -35.38 59.70 16.61
N LEU E 294 -35.75 60.65 15.75
CA LEU E 294 -36.43 60.35 14.49
C LEU E 294 -37.68 59.51 14.71
N ASP E 295 -38.37 59.76 15.82
CA ASP E 295 -39.67 59.15 16.05
C ASP E 295 -40.75 59.92 15.31
N GLY E 296 -40.95 61.19 15.68
CA GLY E 296 -41.87 62.05 14.95
C GLY E 296 -43.27 61.48 14.90
N ASP E 297 -43.78 61.32 13.70
CA ASP E 297 -45.10 60.77 13.45
C ASP E 297 -44.99 59.30 13.08
N PRO E 298 -46.09 58.54 13.23
CA PRO E 298 -46.09 57.14 12.78
C PRO E 298 -45.98 56.97 11.27
N ALA E 299 -45.88 58.06 10.50
CA ALA E 299 -45.77 57.92 9.05
C ALA E 299 -44.45 57.28 8.65
N LEU E 300 -43.35 57.67 9.30
CA LEU E 300 -42.07 57.04 9.02
C LEU E 300 -42.13 55.54 9.33
N GLN E 301 -42.70 55.18 10.48
CA GLN E 301 -42.85 53.77 10.82
C GLN E 301 -43.73 53.04 9.81
N GLY E 302 -44.77 53.71 9.30
CA GLY E 302 -45.60 53.11 8.28
C GLY E 302 -44.88 52.93 6.96
N SER E 303 -43.89 53.77 6.69
CA SER E 303 -43.10 53.66 5.47
C SER E 303 -41.89 52.73 5.62
N ILE E 304 -41.55 52.32 6.84
CA ILE E 304 -40.35 51.54 7.09
C ILE E 304 -40.66 50.05 7.30
N ASN E 305 -41.93 49.66 7.19
CA ASN E 305 -42.32 48.31 7.61
C ASN E 305 -41.73 47.25 6.69
N ASP E 306 -41.06 46.27 7.30
CA ASP E 306 -40.77 44.97 6.69
C ASP E 306 -39.74 45.04 5.57
N VAL E 307 -39.28 46.24 5.23
CA VAL E 307 -38.32 46.38 4.15
C VAL E 307 -37.02 47.01 4.66
N GLY E 308 -37.15 48.04 5.50
CA GLY E 308 -36.00 48.79 5.96
C GLY E 308 -35.38 49.69 4.91
N THR E 309 -35.85 49.61 3.66
CA THR E 309 -35.29 50.41 2.57
C THR E 309 -35.65 51.88 2.68
N PHE E 310 -36.55 52.26 3.59
CA PHE E 310 -37.02 53.63 3.74
C PHE E 310 -37.62 54.15 2.43
N SER E 311 -38.74 53.53 2.05
CA SER E 311 -39.49 53.92 0.87
C SER E 311 -40.66 54.82 1.27
N PRO E 312 -40.48 56.14 1.26
CA PRO E 312 -41.55 57.05 1.68
C PRO E 312 -42.45 57.47 0.53
N THR E 313 -43.38 58.39 0.81
CA THR E 313 -44.16 59.07 -0.21
C THR E 313 -43.53 60.41 -0.60
N ASP E 314 -42.21 60.50 -0.55
CA ASP E 314 -41.40 61.64 -0.94
C ASP E 314 -41.50 62.82 0.04
N GLU E 315 -42.30 62.71 1.09
CA GLU E 315 -42.33 63.73 2.13
C GLU E 315 -41.81 63.24 3.47
N GLN E 316 -41.99 61.96 3.81
CA GLN E 316 -41.29 61.41 4.96
C GLN E 316 -39.80 61.52 4.79
N PHE E 317 -39.30 61.34 3.55
CA PHE E 317 -37.90 61.56 3.28
C PHE E 317 -37.48 62.98 3.62
N ASP E 318 -38.30 63.97 3.23
CA ASP E 318 -37.96 65.35 3.51
C ASP E 318 -37.95 65.64 5.00
N ILE E 319 -38.97 65.19 5.72
CA ILE E 319 -39.04 65.49 7.15
C ILE E 319 -37.93 64.75 7.90
N ALA E 320 -37.58 63.54 7.48
CA ALA E 320 -36.50 62.82 8.13
C ALA E 320 -35.15 63.48 7.86
N PHE E 321 -34.91 63.91 6.61
CA PHE E 321 -33.67 64.60 6.32
C PHE E 321 -33.57 65.91 7.08
N ASP E 322 -34.70 66.60 7.26
CA ASP E 322 -34.68 67.85 8.02
C ASP E 322 -34.45 67.58 9.50
N ALA E 323 -35.02 66.51 10.04
CA ALA E 323 -34.76 66.15 11.42
C ALA E 323 -33.31 65.75 11.64
N SER E 324 -32.69 65.11 10.65
CA SER E 324 -31.27 64.81 10.74
C SER E 324 -30.39 66.02 10.47
N LYS E 325 -30.95 67.07 9.85
CA LYS E 325 -30.20 68.30 9.64
C LYS E 325 -29.85 69.00 10.95
N LYS E 326 -30.44 68.58 12.07
CA LYS E 326 -30.11 69.16 13.36
C LYS E 326 -28.95 68.46 14.04
N VAL E 327 -28.81 67.15 13.86
CA VAL E 327 -27.80 66.35 14.54
C VAL E 327 -26.90 65.61 13.56
N PHE E 328 -26.93 65.95 12.28
CA PHE E 328 -26.11 65.25 11.30
C PHE E 328 -25.86 66.20 10.12
N GLY E 329 -24.66 66.76 10.06
CA GLY E 329 -24.32 67.70 9.00
C GLY E 329 -23.02 67.32 8.33
N PHE E 330 -22.98 67.54 7.03
CA PHE E 330 -21.81 67.24 6.20
C PHE E 330 -21.02 68.51 5.92
N ALA E 331 -19.87 68.34 5.29
CA ALA E 331 -18.97 69.44 5.00
C ALA E 331 -17.95 68.97 3.98
N PRO E 332 -17.32 69.90 3.25
CA PRO E 332 -16.25 69.50 2.34
C PRO E 332 -15.08 68.88 3.09
N TYR E 333 -14.34 68.02 2.41
CA TYR E 333 -13.21 67.36 3.01
C TYR E 333 -12.23 68.40 3.57
N PRO E 334 -11.66 68.17 4.75
CA PRO E 334 -10.73 69.16 5.33
C PRO E 334 -9.35 69.05 4.72
N GLY E 335 -8.79 70.19 4.31
CA GLY E 335 -7.46 70.23 3.78
C GLY E 335 -6.40 70.11 4.85
N VAL E 336 -5.15 70.25 4.43
CA VAL E 336 -4.00 70.21 5.33
C VAL E 336 -3.29 71.55 5.40
N ASN E 337 -3.13 72.23 4.28
CA ASN E 337 -2.65 73.61 4.37
C ASN E 337 -3.79 74.53 4.78
N PRO E 338 -3.53 75.51 5.64
CA PRO E 338 -4.61 76.38 6.12
C PRO E 338 -5.17 77.22 4.98
N ASP E 339 -6.51 77.19 4.85
CA ASP E 339 -7.23 77.95 3.84
C ASP E 339 -6.78 77.58 2.43
N GLU E 340 -6.97 76.31 2.09
CA GLU E 340 -6.72 75.79 0.76
C GLU E 340 -7.66 74.61 0.55
N PRO E 341 -8.34 74.52 -0.59
CA PRO E 341 -9.24 73.39 -0.83
C PRO E 341 -8.50 72.07 -0.90
N ALA E 342 -9.16 71.02 -0.43
CA ALA E 342 -8.57 69.69 -0.40
C ALA E 342 -8.76 68.98 -1.74
N ARG E 343 -7.76 68.21 -2.14
CA ARG E 343 -7.79 67.45 -3.38
C ARG E 343 -8.10 66.01 -3.04
N VAL E 344 -9.39 65.68 -2.98
CA VAL E 344 -9.85 64.36 -2.58
C VAL E 344 -9.65 63.38 -3.73
N THR E 345 -9.75 62.08 -3.44
CA THR E 345 -9.50 61.04 -4.43
C THR E 345 -10.80 60.67 -5.15
N LEU E 346 -10.77 59.58 -5.92
CA LEU E 346 -11.90 59.12 -6.69
C LEU E 346 -12.03 57.60 -6.55
N GLY E 347 -13.25 57.11 -6.70
CA GLY E 347 -13.49 55.68 -6.59
C GLY E 347 -14.52 55.12 -7.54
N GLY E 348 -14.71 55.78 -8.68
CA GLY E 348 -15.77 55.42 -9.60
C GLY E 348 -15.46 54.18 -10.43
N LEU E 349 -16.17 54.06 -11.54
CA LEU E 349 -16.01 52.97 -12.49
C LEU E 349 -15.68 53.54 -13.86
N ASN E 350 -15.26 52.65 -14.76
CA ASN E 350 -14.96 53.00 -16.13
C ASN E 350 -15.40 51.85 -17.03
N LEU E 351 -16.20 52.15 -18.03
CA LEU E 351 -16.50 51.15 -19.04
C LEU E 351 -15.30 51.02 -19.97
N ALA E 352 -15.05 49.81 -20.45
CA ALA E 352 -13.88 49.60 -21.29
C ALA E 352 -14.05 48.36 -22.13
N VAL E 353 -13.75 48.48 -23.42
CA VAL E 353 -13.89 47.38 -24.37
C VAL E 353 -12.68 46.47 -24.28
N ALA E 354 -12.91 45.20 -23.94
CA ALA E 354 -11.80 44.25 -23.87
C ALA E 354 -11.22 44.02 -25.25
N SER E 355 -9.95 43.60 -25.29
CA SER E 355 -9.29 43.36 -26.56
C SER E 355 -9.74 42.04 -27.17
N THR E 356 -9.82 40.98 -26.36
CA THR E 356 -10.25 39.67 -26.84
C THR E 356 -11.75 39.73 -27.04
N SER E 357 -12.17 40.13 -28.22
CA SER E 357 -13.59 40.27 -28.54
C SER E 357 -13.76 40.06 -30.04
N GLN E 358 -15.02 40.15 -30.49
CA GLN E 358 -15.33 40.02 -31.89
C GLN E 358 -16.12 41.21 -32.44
N HIS E 359 -16.98 41.83 -31.64
CA HIS E 359 -17.81 42.94 -32.05
C HIS E 359 -17.27 44.19 -31.36
N LYS E 360 -16.34 44.88 -32.01
CA LYS E 360 -15.70 46.03 -31.37
C LYS E 360 -16.51 47.30 -31.55
N ALA E 361 -16.84 47.65 -32.81
CA ALA E 361 -17.71 48.80 -33.03
C ALA E 361 -19.04 48.63 -32.30
N GLU E 362 -19.52 47.40 -32.20
CA GLU E 362 -20.76 47.15 -31.49
C GLU E 362 -20.61 47.38 -29.99
N ALA E 363 -19.49 46.94 -29.41
CA ALA E 363 -19.26 47.20 -28.00
C ALA E 363 -19.10 48.69 -27.72
N PHE E 364 -18.49 49.43 -28.64
CA PHE E 364 -18.36 50.87 -28.42
C PHE E 364 -19.70 51.57 -28.53
N GLU E 365 -20.57 51.09 -29.44
CA GLU E 365 -21.95 51.57 -29.44
C GLU E 365 -22.62 51.29 -28.11
N ALA E 366 -22.41 50.09 -27.56
CA ALA E 366 -23.00 49.74 -26.28
C ALA E 366 -22.52 50.68 -25.17
N ILE E 367 -21.23 51.03 -25.18
CA ILE E 367 -20.71 51.95 -24.16
C ILE E 367 -21.35 53.32 -24.32
N ARG E 368 -21.24 53.91 -25.51
CA ARG E 368 -21.77 55.25 -25.72
C ARG E 368 -23.28 55.30 -25.62
N CYS E 369 -23.95 54.16 -25.51
CA CYS E 369 -25.37 54.16 -25.16
C CYS E 369 -25.62 53.91 -23.69
N LEU E 370 -24.73 53.19 -23.00
CA LEU E 370 -24.85 52.98 -21.57
C LEU E 370 -24.46 54.21 -20.76
N ARG E 371 -23.75 55.16 -21.37
CA ARG E 371 -23.40 56.40 -20.68
C ARG E 371 -24.35 57.55 -20.97
N ASN E 372 -25.43 57.31 -21.70
CA ASN E 372 -26.35 58.38 -22.06
C ASN E 372 -26.82 59.12 -20.83
N VAL E 373 -27.16 60.40 -21.01
CA VAL E 373 -27.50 61.26 -19.89
C VAL E 373 -28.75 60.76 -19.17
N GLU E 374 -29.68 60.14 -19.91
CA GLU E 374 -30.86 59.59 -19.26
C GLU E 374 -30.52 58.37 -18.40
N ASN E 375 -29.67 57.49 -18.93
CA ASN E 375 -29.25 56.34 -18.14
C ASN E 375 -28.43 56.77 -16.93
N GLN E 376 -27.69 57.88 -17.05
CA GLN E 376 -27.01 58.41 -15.88
C GLN E 376 -28.00 58.97 -14.86
N ARG E 377 -29.04 59.66 -15.33
CA ARG E 377 -30.11 60.09 -14.44
C ARG E 377 -30.65 58.89 -13.66
N TYR E 378 -30.89 57.78 -14.34
CA TYR E 378 -31.41 56.60 -13.65
C TYR E 378 -30.39 56.05 -12.65
N THR E 379 -29.17 55.77 -13.12
CA THR E 379 -28.16 55.15 -12.26
C THR E 379 -27.75 56.04 -11.10
N SER E 380 -28.13 57.33 -11.10
CA SER E 380 -27.84 58.18 -9.97
C SER E 380 -29.05 58.48 -9.09
N ILE E 381 -30.26 58.41 -9.64
CA ILE E 381 -31.44 58.70 -8.83
C ILE E 381 -32.03 57.44 -8.20
N GLU E 382 -31.93 56.29 -8.88
CA GLU E 382 -32.50 55.06 -8.36
C GLU E 382 -31.45 53.96 -8.17
N GLY E 383 -30.17 54.28 -8.31
CA GLY E 383 -29.13 53.29 -8.14
C GLY E 383 -28.18 53.57 -6.99
N GLY E 384 -27.97 54.85 -6.69
CA GLY E 384 -27.09 55.23 -5.61
C GLY E 384 -25.64 55.43 -5.99
N LEU E 385 -25.35 55.62 -7.27
CA LEU E 385 -24.00 55.87 -7.76
C LEU E 385 -23.96 57.27 -8.37
N PRO E 386 -23.10 58.17 -7.90
CA PRO E 386 -23.07 59.53 -8.44
C PRO E 386 -22.92 59.55 -9.96
N ALA E 387 -23.42 60.63 -10.56
CA ALA E 387 -23.32 60.81 -11.99
C ALA E 387 -21.95 61.39 -12.37
N VAL E 388 -21.48 61.02 -13.55
CA VAL E 388 -20.19 61.48 -14.04
C VAL E 388 -20.32 62.64 -15.02
N ARG E 389 -21.49 62.85 -15.61
CA ARG E 389 -21.67 63.87 -16.63
C ARG E 389 -22.16 65.17 -16.01
N THR E 390 -21.65 66.28 -16.54
CA THR E 390 -21.93 67.60 -15.98
C THR E 390 -23.40 67.99 -16.14
N SER E 391 -24.10 67.43 -17.11
CA SER E 391 -25.47 67.88 -17.42
C SER E 391 -26.44 67.61 -16.28
N LEU E 392 -26.09 66.77 -15.32
CA LEU E 392 -27.02 66.38 -14.25
C LEU E 392 -26.93 67.26 -13.01
N TYR E 393 -25.73 67.66 -12.61
CA TYR E 393 -25.59 68.43 -11.37
C TYR E 393 -26.34 69.74 -11.39
N ASP E 394 -26.53 70.35 -12.56
CA ASP E 394 -27.36 71.54 -12.69
C ASP E 394 -28.83 71.20 -12.90
N ASP E 395 -29.26 69.99 -12.54
CA ASP E 395 -30.65 69.59 -12.67
C ASP E 395 -31.22 69.29 -11.29
N PRO E 396 -32.28 69.98 -10.87
CA PRO E 396 -32.75 69.82 -9.48
C PRO E 396 -33.24 68.41 -9.15
N ALA E 397 -33.81 67.70 -10.10
CA ALA E 397 -34.25 66.32 -9.84
C ALA E 397 -33.08 65.46 -9.39
N PHE E 398 -31.88 65.73 -9.91
CA PHE E 398 -30.68 65.13 -9.33
C PHE E 398 -30.40 65.71 -7.95
N GLN E 399 -30.54 67.02 -7.80
CA GLN E 399 -30.17 67.70 -6.56
C GLN E 399 -31.15 67.42 -5.42
N LYS E 400 -32.14 66.56 -5.62
CA LYS E 400 -33.05 66.21 -4.54
C LYS E 400 -32.55 65.03 -3.72
N LYS E 401 -31.99 64.01 -4.38
CA LYS E 401 -31.47 62.85 -3.67
C LYS E 401 -30.05 63.05 -3.18
N TYR E 402 -29.30 63.98 -3.78
CA TYR E 402 -27.94 64.32 -3.36
C TYR E 402 -27.96 65.76 -2.87
N PRO E 403 -28.27 66.00 -1.59
CA PRO E 403 -28.23 67.38 -1.07
C PRO E 403 -26.86 68.01 -1.21
N GLN E 404 -25.80 67.23 -1.14
CA GLN E 404 -24.43 67.74 -1.25
C GLN E 404 -23.93 67.70 -2.69
N TYR E 405 -24.72 68.23 -3.63
CA TYR E 405 -24.29 68.17 -5.02
C TYR E 405 -23.24 69.21 -5.35
N GLU E 406 -23.33 70.40 -4.71
CA GLU E 406 -22.32 71.42 -4.97
C GLU E 406 -20.97 71.01 -4.42
N ILE E 407 -20.94 70.41 -3.22
CA ILE E 407 -19.67 70.00 -2.64
C ILE E 407 -19.05 68.86 -3.44
N ILE E 408 -19.86 67.87 -3.81
CA ILE E 408 -19.33 66.74 -4.57
C ILE E 408 -18.87 67.20 -5.95
N ARG E 409 -19.53 68.20 -6.53
CA ARG E 409 -19.07 68.70 -7.83
C ARG E 409 -17.77 69.48 -7.69
N GLN E 410 -17.69 70.39 -6.70
CA GLN E 410 -16.47 71.15 -6.50
C GLN E 410 -15.30 70.28 -6.07
N GLN E 411 -15.56 69.07 -5.58
CA GLN E 411 -14.47 68.14 -5.33
C GLN E 411 -14.15 67.25 -6.53
N LEU E 412 -15.14 67.01 -7.41
CA LEU E 412 -14.89 66.25 -8.62
C LEU E 412 -14.25 67.08 -9.71
N THR E 413 -14.32 68.41 -9.63
CA THR E 413 -13.74 69.24 -10.68
C THR E 413 -12.23 69.31 -10.57
N ASN E 414 -11.69 69.15 -9.36
CA ASN E 414 -10.26 69.00 -9.15
C ASN E 414 -10.05 67.93 -8.07
N ALA E 415 -9.89 66.68 -8.50
CA ALA E 415 -9.72 65.56 -7.59
C ALA E 415 -8.37 64.92 -7.83
N ALA E 416 -7.82 64.31 -6.79
CA ALA E 416 -6.48 63.75 -6.81
C ALA E 416 -6.57 62.27 -7.12
N VAL E 417 -6.30 61.91 -8.38
CA VAL E 417 -6.34 60.51 -8.76
C VAL E 417 -5.16 59.78 -8.14
N ARG E 418 -5.37 58.49 -7.85
CA ARG E 418 -4.32 57.67 -7.28
C ARG E 418 -3.18 57.52 -8.29
N PRO E 419 -1.99 57.13 -7.83
CA PRO E 419 -0.86 57.00 -8.77
C PRO E 419 -1.12 55.92 -9.80
N ALA E 420 -0.94 56.28 -11.06
CA ALA E 420 -1.23 55.39 -12.19
C ALA E 420 0.06 54.74 -12.66
N THR E 421 0.12 53.40 -12.55
CA THR E 421 1.28 52.66 -13.04
C THR E 421 0.88 51.20 -13.19
N PRO E 422 1.35 50.51 -14.23
CA PRO E 422 0.89 49.13 -14.45
C PRO E 422 1.16 48.20 -13.30
N VAL E 423 2.25 48.43 -12.56
CA VAL E 423 2.50 47.67 -11.31
C VAL E 423 1.89 48.50 -10.19
N TYR E 424 0.58 48.33 -10.00
CA TYR E 424 -0.11 49.03 -8.93
C TYR E 424 -0.53 48.13 -7.78
N GLN E 425 -0.77 46.84 -8.02
CA GLN E 425 -1.02 45.95 -6.91
C GLN E 425 0.17 45.89 -5.98
N ALA E 426 1.38 45.78 -6.54
CA ALA E 426 2.59 45.75 -5.73
C ALA E 426 2.80 47.09 -5.03
N VAL E 427 2.57 48.20 -5.73
CA VAL E 427 2.76 49.51 -5.11
C VAL E 427 1.79 49.70 -3.95
N SER E 428 0.53 49.32 -4.14
CA SER E 428 -0.45 49.47 -3.07
C SER E 428 -0.13 48.56 -1.90
N THR E 429 0.25 47.32 -2.16
CA THR E 429 0.58 46.41 -1.06
C THR E 429 1.78 46.90 -0.28
N ARG E 430 2.83 47.38 -0.96
CA ARG E 430 4.01 47.84 -0.27
C ARG E 430 3.85 49.22 0.35
N MET E 431 2.89 50.01 -0.11
CA MET E 431 2.60 51.29 0.51
C MET E 431 1.58 51.18 1.64
N SER E 432 0.88 50.05 1.73
CA SER E 432 -0.02 49.81 2.85
C SER E 432 0.58 48.87 3.90
N ALA E 433 1.64 48.14 3.57
CA ALA E 433 2.33 47.29 4.54
C ALA E 433 3.41 48.04 5.30
N THR E 434 3.62 49.33 5.02
CA THR E 434 4.52 50.15 5.79
C THR E 434 3.83 51.28 6.53
N LEU E 435 2.54 51.49 6.27
CA LEU E 435 1.71 52.36 7.09
C LEU E 435 0.75 51.58 7.97
N ALA E 436 0.75 50.25 7.86
CA ALA E 436 -0.18 49.45 8.64
C ALA E 436 -0.05 49.65 10.15
N PRO E 437 1.15 49.78 10.74
CA PRO E 437 1.21 50.19 12.15
C PRO E 437 0.86 51.66 12.31
N ILE E 438 -0.42 51.99 12.18
CA ILE E 438 -0.87 53.37 12.34
C ILE E 438 -0.58 53.89 13.74
N SER E 439 -0.51 53.00 14.74
CA SER E 439 -0.25 53.43 16.11
C SER E 439 1.11 54.12 16.22
N ASP E 440 2.08 53.70 15.41
CA ASP E 440 3.43 54.25 15.48
C ASP E 440 4.04 54.27 14.09
N ILE E 441 4.34 55.46 13.58
CA ILE E 441 4.82 55.60 12.21
C ILE E 441 5.66 56.67 12.89
N ASP E 442 6.83 57.07 12.36
CA ASP E 442 7.68 58.07 12.99
C ASP E 442 7.69 58.90 11.72
N PRO E 443 6.88 59.96 11.66
CA PRO E 443 6.64 60.65 10.38
C PRO E 443 7.89 61.04 9.60
N GLU E 444 8.90 61.57 10.28
CA GLU E 444 10.11 62.01 9.60
C GLU E 444 11.00 60.87 9.16
N ARG E 445 10.64 59.62 9.49
CA ARG E 445 11.41 58.44 9.10
C ARG E 445 10.73 57.63 8.01
N THR E 446 9.45 57.36 8.20
CA THR E 446 8.66 56.58 7.27
C THR E 446 8.83 57.02 5.82
N ALA E 447 8.99 58.33 5.60
CA ALA E 447 9.15 58.83 4.24
C ALA E 447 10.35 58.16 3.57
N ASP E 448 11.47 58.06 4.31
CA ASP E 448 12.67 57.41 3.80
C ASP E 448 12.48 55.92 3.57
N GLU E 449 11.38 55.35 4.04
CA GLU E 449 11.05 53.94 3.82
C GLU E 449 10.01 53.76 2.73
N LEU E 450 9.02 54.65 2.68
CA LEU E 450 8.05 54.64 1.60
C LEU E 450 8.72 54.89 0.26
N THR E 451 9.69 55.80 0.23
CA THR E 451 10.46 56.01 -1.00
C THR E 451 11.11 54.71 -1.46
N GLU E 452 11.80 54.07 -0.52
CA GLU E 452 12.52 52.82 -0.89
C GLU E 452 11.53 51.75 -1.35
N ALA E 453 10.38 51.61 -0.70
CA ALA E 453 9.48 50.52 -1.06
C ALA E 453 8.73 50.79 -2.35
N VAL E 454 8.30 52.03 -2.59
CA VAL E 454 7.67 52.36 -3.87
C VAL E 454 8.67 52.20 -5.01
N GLN E 455 9.94 52.55 -4.78
CA GLN E 455 10.94 52.37 -5.83
C GLN E 455 11.22 50.90 -6.08
N LYS E 456 11.34 50.10 -5.02
CA LYS E 456 11.52 48.67 -5.17
C LYS E 456 10.31 48.00 -5.80
N ALA E 457 9.13 48.61 -5.68
CA ALA E 457 7.94 48.06 -6.33
C ALA E 457 7.92 48.38 -7.82
N ILE E 458 8.09 49.65 -8.17
CA ILE E 458 8.01 50.05 -9.58
C ILE E 458 9.29 49.65 -10.31
N ASP E 459 10.25 49.10 -9.58
CA ASP E 459 11.46 48.57 -10.21
C ASP E 459 11.30 47.13 -10.66
N GLY E 460 10.21 46.47 -10.27
CA GLY E 460 9.96 45.10 -10.66
C GLY E 460 10.48 44.05 -9.71
N LYS E 461 10.85 44.41 -8.50
CA LYS E 461 11.47 43.49 -7.54
C LYS E 461 10.81 43.62 -6.18
N GLY E 462 9.48 43.62 -6.15
CA GLY E 462 8.78 43.76 -4.88
C GLY E 462 7.88 42.59 -4.55
N LEU E 463 8.23 41.85 -3.50
CA LEU E 463 7.40 40.75 -3.04
C LEU E 463 6.13 41.28 -2.39
N ILE E 464 5.04 40.53 -2.57
CA ILE E 464 3.84 40.73 -1.77
C ILE E 464 3.60 39.43 -1.02
N PRO E 465 3.00 39.46 0.18
CA PRO E 465 2.80 38.23 0.94
C PRO E 465 1.79 37.30 0.30
#